data_8SML
#
_entry.id   8SML
#
loop_
_entity.id
_entity.type
_entity.pdbx_description
1 polymer 'Protein-arginine deiminase type-4'
2 polymer 'Fab hI365 light chain'
3 polymer 'Fab hI365 heavy chain'
4 non-polymer 'CALCIUM ION'
#
loop_
_entity_poly.entity_id
_entity_poly.type
_entity_poly.pdbx_seq_one_letter_code
_entity_poly.pdbx_strand_id
1 'polypeptide(L)'
;HHHHHHASGGLNDIFEAQKIEWHEENLYFQGTSAQGTLIRVTPEQPTHAVCVLGTLTQLDICSSAPEDCTSFSINASPGV
VVDIAHGPPAKKKSTGSSTWPLDPGVEVTLTMKAASGSTGDQKVQISYYGPKTPPVKALLYLTGVEISLCADITRTGKVK
PTRAVKDQRTWTWGPCGQGAILLVNCDRDNLESSAMDCEDDEVLDSEDLQDMSLMTLSTKTPKDFFTNHTLVLHVARSEM
DKVRVFQATRGKLSSKCSVVLGPKWPSHYLMVPGGKHNMDFYVEALAFPDTDFPGLITLTISLLDTSNLELPEAVVFQDS
VVFRVAPWIMTPNTQPPQEVYACSIFENEDFLKSVTTLAMKAKCKLTICPEEENMDDQWMQDEMEIGYIQAPHKTLPVVF
DSPRNRGLKEFPIKRVMGPDFGYVTRGPQTGGISGLDSFGNLEVSPPVTVRGKEYPLGRILFGDSCYPSNDSRQMHQALQ
DFLSAQQVQAPVKLYSDWLSVGHVDEFLSFVPAPDRKGFRLLLASPRSCYKLFQEQQNEGHGEALLFEGIKKKKQQKIKN
ILSNKTLREHNSFVERCIDWNRELLKRELGLAESDIIDIPQLFKLKEFSKAEAFFPNMVNMLVLGKHLGIPKPFGPVING
RCCLEEKVCSLLEPLGLQCTFINDFFTYHIRHGEVHCGTNVRRKPFSFKWWNMVP
;
A,D
2 'polypeptide(L)'
;DIQMTQSPSSLSASVGDRVTITCRASQSVSSAVAWYQQKPGKAPKLLIYSASSLYSGVPSRFSGSRSGTDFTLTISSLQP
EDFATYYCQQSSSSLVTFGQGTKVEIKRTVAAPSVFIFPPSDSQLKSGTASVVCLLNNFYPREAKVQWKVDNALQSGNSQ
ESVTEQDSKDSTYSLSSTLTLSKADYEKHKVYACEVTHQGLSSPVTKSFNRGEC
;
B,E
3 'polypeptide(L)'
;EVQLVESGGGLVQPGGSLRLSCAASGFNFYYSIHWVRQAPGKGLEWVASISPYSGYTSYADSVKGRFTISADTSKNTAYL
QMNSLRAEDTAVYYCARKHPGSYPFWGWALDYWGQGTLVTVSSASTKGPSVFPLAPSSKSTSGGTAALGCLVKDYFPEPV
TVSWNSGALTSGVHTFPAVLQSSGLYSLSSVVTVPSSSLGTQTYICNVNHKPSNTKVDKKVEPKSCDKTHT
;
C,F
#
loop_
_chem_comp.id
_chem_comp.type
_chem_comp.name
_chem_comp.formula
CA non-polymer 'CALCIUM ION' 'Ca 2'
#
# COMPACT_ATOMS: atom_id res chain seq x y z
N GLY A 36 -11.98 -10.56 -27.20
CA GLY A 36 -11.06 -9.75 -27.98
C GLY A 36 -11.75 -8.66 -28.78
N THR A 37 -12.33 -9.05 -29.91
CA THR A 37 -13.03 -8.11 -30.79
C THR A 37 -14.42 -8.65 -31.06
N LEU A 38 -15.24 -7.79 -31.68
CA LEU A 38 -16.60 -8.14 -32.06
C LEU A 38 -16.74 -8.07 -33.57
N ILE A 39 -17.27 -9.15 -34.15
CA ILE A 39 -17.48 -9.25 -35.59
C ILE A 39 -18.97 -9.28 -35.86
N ARG A 40 -19.41 -8.47 -36.83
CA ARG A 40 -20.78 -8.48 -37.29
C ARG A 40 -20.81 -8.75 -38.79
N VAL A 41 -21.96 -9.23 -39.27
CA VAL A 41 -22.15 -9.53 -40.68
C VAL A 41 -23.38 -8.82 -41.20
N THR A 42 -23.40 -8.57 -42.51
CA THR A 42 -24.52 -7.94 -43.18
C THR A 42 -24.43 -8.23 -44.66
N PRO A 43 -25.55 -8.30 -45.38
CA PRO A 43 -25.48 -8.38 -46.84
C PRO A 43 -25.04 -7.08 -47.50
N GLU A 44 -25.05 -5.96 -46.79
CA GLU A 44 -24.76 -4.68 -47.43
C GLU A 44 -23.35 -4.65 -48.00
N GLN A 45 -22.36 -4.99 -47.18
CA GLN A 45 -20.98 -4.99 -47.62
C GLN A 45 -20.28 -6.22 -47.05
N PRO A 46 -19.32 -6.77 -47.78
CA PRO A 46 -18.47 -7.82 -47.18
C PRO A 46 -17.75 -7.31 -45.94
N THR A 47 -17.61 -8.19 -44.96
CA THR A 47 -16.99 -7.86 -43.68
C THR A 47 -15.72 -8.67 -43.48
N HIS A 48 -14.70 -8.03 -42.91
CA HIS A 48 -13.40 -8.63 -42.67
C HIS A 48 -13.04 -8.48 -41.20
N ALA A 49 -12.24 -9.39 -40.68
CA ALA A 49 -11.79 -9.32 -39.30
C ALA A 49 -10.44 -10.02 -39.14
N VAL A 50 -9.71 -9.60 -38.12
CA VAL A 50 -8.43 -10.17 -37.74
C VAL A 50 -8.60 -10.81 -36.37
N CYS A 51 -8.25 -12.08 -36.25
CA CYS A 51 -8.39 -12.82 -35.00
C CYS A 51 -7.02 -13.31 -34.55
N VAL A 52 -6.75 -13.15 -33.25
CA VAL A 52 -5.47 -13.55 -32.67
C VAL A 52 -5.64 -14.94 -32.09
N LEU A 53 -4.75 -15.87 -32.45
CA LEU A 53 -4.85 -17.24 -31.99
C LEU A 53 -4.87 -17.29 -30.47
N GLY A 54 -5.78 -18.08 -29.92
CA GLY A 54 -5.94 -18.19 -28.49
C GLY A 54 -6.95 -17.25 -27.88
N THR A 55 -7.41 -16.23 -28.61
CA THR A 55 -8.39 -15.29 -28.09
C THR A 55 -9.74 -15.62 -28.73
N LEU A 56 -10.75 -15.76 -27.89
CA LEU A 56 -12.11 -16.07 -28.35
C LEU A 56 -12.72 -14.82 -28.98
N THR A 57 -13.17 -14.92 -30.23
CA THR A 57 -13.71 -13.78 -30.95
C THR A 57 -15.22 -13.90 -31.07
N GLN A 58 -15.93 -12.86 -30.69
CA GLN A 58 -17.39 -12.90 -30.71
C GLN A 58 -17.91 -12.55 -32.09
N LEU A 59 -18.85 -13.36 -32.58
CA LEU A 59 -19.47 -13.18 -33.88
C LEU A 59 -20.97 -13.02 -33.67
N ASP A 60 -21.53 -11.92 -34.18
CA ASP A 60 -22.96 -11.64 -34.06
C ASP A 60 -23.59 -11.90 -35.42
N ILE A 61 -24.26 -13.03 -35.55
CA ILE A 61 -25.02 -13.30 -36.77
C ILE A 61 -26.48 -12.92 -36.58
N CYS A 62 -26.93 -12.91 -35.33
CA CYS A 62 -28.30 -12.55 -35.02
C CYS A 62 -28.48 -11.04 -35.15
N SER A 63 -29.74 -10.61 -35.12
CA SER A 63 -30.08 -9.21 -35.33
C SER A 63 -29.52 -8.71 -36.66
N SER A 64 -29.57 -9.58 -37.66
CA SER A 64 -29.09 -9.23 -39.00
C SER A 64 -29.75 -10.15 -40.00
N ALA A 65 -30.12 -9.58 -41.15
CA ALA A 65 -30.75 -10.36 -42.22
C ALA A 65 -29.69 -11.09 -43.03
N SER A 71 -34.43 -17.88 -39.63
CA SER A 71 -33.49 -18.99 -39.50
C SER A 71 -32.21 -18.71 -40.29
N PHE A 72 -31.07 -19.13 -39.75
CA PHE A 72 -29.81 -19.05 -40.48
C PHE A 72 -28.90 -20.21 -40.08
N SER A 73 -27.91 -20.46 -40.93
CA SER A 73 -26.90 -21.48 -40.68
C SER A 73 -25.51 -20.89 -40.92
N ILE A 74 -24.50 -21.54 -40.34
CA ILE A 74 -23.12 -21.12 -40.47
C ILE A 74 -22.29 -22.28 -41.00
N ASN A 75 -21.48 -21.98 -42.03
CA ASN A 75 -20.59 -22.96 -42.63
C ASN A 75 -19.21 -22.32 -42.76
N ALA A 76 -18.36 -22.59 -41.79
CA ALA A 76 -17.04 -21.98 -41.77
C ALA A 76 -16.10 -22.77 -42.68
N SER A 77 -15.03 -22.10 -43.10
CA SER A 77 -14.03 -22.74 -43.93
C SER A 77 -13.31 -23.84 -43.14
N PRO A 78 -12.63 -24.76 -43.84
CA PRO A 78 -11.90 -25.82 -43.12
C PRO A 78 -10.83 -25.30 -42.18
N GLY A 79 -10.35 -24.09 -42.37
CA GLY A 79 -9.34 -23.54 -41.49
C GLY A 79 -9.87 -22.79 -40.29
N VAL A 80 -11.18 -22.76 -40.08
CA VAL A 80 -11.80 -21.99 -39.00
C VAL A 80 -12.70 -22.90 -38.19
N VAL A 81 -12.65 -22.73 -36.87
CA VAL A 81 -13.47 -23.47 -35.92
C VAL A 81 -14.48 -22.49 -35.33
N VAL A 82 -15.76 -22.82 -35.47
CA VAL A 82 -16.86 -21.99 -35.00
C VAL A 82 -17.81 -22.83 -34.16
N ASP A 83 -18.28 -22.25 -33.05
CA ASP A 83 -19.25 -22.92 -32.19
C ASP A 83 -20.25 -21.88 -31.71
N ILE A 84 -21.25 -22.33 -30.95
CA ILE A 84 -22.35 -21.48 -30.51
C ILE A 84 -22.52 -21.63 -29.01
N ALA A 85 -22.61 -20.50 -28.32
CA ALA A 85 -22.83 -20.47 -26.88
C ALA A 85 -24.22 -19.95 -26.57
N TRP A 100 -31.24 -20.99 -37.22
CA TRP A 100 -31.19 -20.27 -35.95
C TRP A 100 -32.01 -18.97 -36.05
N PRO A 101 -32.81 -18.69 -35.02
CA PRO A 101 -33.91 -17.72 -35.17
C PRO A 101 -33.51 -16.27 -35.04
N LEU A 102 -32.24 -15.92 -35.20
CA LEU A 102 -31.78 -14.55 -35.09
C LEU A 102 -31.99 -13.96 -33.70
N ASP A 103 -32.17 -14.82 -32.70
CA ASP A 103 -32.34 -14.41 -31.32
C ASP A 103 -31.02 -13.93 -30.74
N PRO A 104 -30.92 -12.70 -30.24
CA PRO A 104 -29.63 -12.22 -29.71
C PRO A 104 -29.01 -13.11 -28.65
N GLY A 105 -29.77 -14.00 -28.01
CA GLY A 105 -29.20 -14.87 -27.00
C GLY A 105 -28.30 -15.95 -27.57
N VAL A 106 -28.25 -16.07 -28.89
CA VAL A 106 -27.40 -17.05 -29.56
C VAL A 106 -26.08 -16.38 -29.92
N GLU A 107 -25.02 -16.76 -29.23
CA GLU A 107 -23.71 -16.15 -29.36
C GLU A 107 -22.78 -17.09 -30.12
N VAL A 108 -22.13 -16.59 -31.16
CA VAL A 108 -21.23 -17.41 -31.95
C VAL A 108 -19.80 -17.00 -31.69
N THR A 109 -18.94 -17.98 -31.43
CA THR A 109 -17.54 -17.75 -31.08
C THR A 109 -16.67 -18.31 -32.19
N LEU A 110 -15.72 -17.51 -32.65
CA LEU A 110 -14.78 -17.90 -33.69
C LEU A 110 -13.40 -18.15 -33.08
N THR A 111 -12.77 -19.23 -33.55
CA THR A 111 -11.35 -19.44 -33.34
C THR A 111 -10.74 -19.93 -34.64
N MET A 112 -9.42 -19.77 -34.77
CA MET A 112 -8.70 -20.16 -35.97
C MET A 112 -7.57 -21.12 -35.65
N LYS A 113 -7.31 -22.04 -36.59
CA LYS A 113 -6.41 -23.17 -36.35
C LYS A 113 -4.95 -22.74 -36.41
N ALA A 114 -4.61 -21.85 -37.32
CA ALA A 114 -3.22 -21.46 -37.52
C ALA A 114 -3.16 -20.08 -38.15
N ALA A 115 -2.03 -19.41 -37.94
CA ALA A 115 -1.81 -18.10 -38.55
C ALA A 115 -1.65 -18.24 -40.05
N SER A 116 -2.03 -17.20 -40.79
CA SER A 116 -2.00 -17.25 -42.23
C SER A 116 -0.77 -16.53 -42.78
N GLY A 117 -0.40 -16.88 -44.02
CA GLY A 117 0.62 -16.14 -44.71
C GLY A 117 0.08 -15.08 -45.65
N SER A 118 -1.24 -14.94 -45.70
CA SER A 118 -1.91 -13.97 -46.57
C SER A 118 -3.16 -13.45 -45.90
N THR A 119 -3.55 -12.23 -46.24
CA THR A 119 -4.70 -11.61 -45.60
C THR A 119 -5.96 -12.07 -46.31
N GLY A 120 -6.99 -12.40 -45.53
CA GLY A 120 -8.26 -12.77 -46.12
C GLY A 120 -8.25 -14.17 -46.69
N ASP A 121 -7.46 -15.08 -46.12
CA ASP A 121 -7.37 -16.44 -46.63
C ASP A 121 -8.53 -17.30 -46.17
N GLN A 122 -9.15 -17.00 -45.03
CA GLN A 122 -10.24 -17.81 -44.53
C GLN A 122 -11.52 -17.00 -44.56
N LYS A 123 -12.65 -17.71 -44.65
CA LYS A 123 -13.94 -17.06 -44.62
C LYS A 123 -14.94 -17.93 -43.88
N VAL A 124 -16.02 -17.30 -43.43
CA VAL A 124 -17.17 -17.97 -42.83
C VAL A 124 -18.40 -17.60 -43.65
N GLN A 125 -19.08 -18.62 -44.16
CA GLN A 125 -20.24 -18.43 -45.02
C GLN A 125 -21.48 -18.34 -44.15
N ILE A 126 -22.20 -17.23 -44.24
CA ILE A 126 -23.41 -17.02 -43.46
C ILE A 126 -24.60 -17.14 -44.40
N SER A 127 -25.52 -18.03 -44.07
CA SER A 127 -26.68 -18.28 -44.91
C SER A 127 -27.94 -17.96 -44.11
N TYR A 128 -28.70 -16.97 -44.58
CA TYR A 128 -29.92 -16.54 -43.92
C TYR A 128 -31.10 -17.15 -44.64
N TYR A 129 -32.17 -17.42 -43.87
CA TYR A 129 -33.36 -18.02 -44.44
C TYR A 129 -34.45 -18.17 -43.40
N LYS A 132 -39.83 -18.45 -48.82
CA LYS A 132 -40.42 -17.29 -48.16
C LYS A 132 -39.95 -16.00 -48.81
N THR A 133 -38.64 -15.76 -48.79
CA THR A 133 -38.05 -14.55 -49.33
C THR A 133 -36.91 -14.96 -50.25
N PRO A 134 -36.38 -14.07 -51.09
CA PRO A 134 -35.18 -14.40 -51.86
C PRO A 134 -34.02 -14.76 -50.94
N PRO A 135 -33.06 -15.55 -51.43
CA PRO A 135 -31.93 -15.92 -50.59
C PRO A 135 -31.17 -14.70 -50.10
N VAL A 136 -30.74 -14.75 -48.84
CA VAL A 136 -29.96 -13.70 -48.21
C VAL A 136 -28.69 -14.32 -47.65
N LYS A 137 -27.55 -13.67 -47.90
CA LYS A 137 -26.29 -14.20 -47.42
C LYS A 137 -25.36 -13.06 -47.03
N ALA A 138 -24.36 -13.42 -46.22
CA ALA A 138 -23.30 -12.50 -45.81
C ALA A 138 -21.97 -13.23 -45.87
N LEU A 139 -20.93 -12.49 -46.22
CA LEU A 139 -19.59 -13.05 -46.38
C LEU A 139 -18.65 -12.45 -45.35
N LEU A 140 -18.08 -13.29 -44.50
CA LEU A 140 -17.14 -12.85 -43.48
C LEU A 140 -15.79 -13.45 -43.82
N TYR A 141 -14.77 -12.61 -43.92
CA TYR A 141 -13.43 -13.05 -44.21
C TYR A 141 -12.54 -12.80 -43.00
N LEU A 142 -11.83 -13.83 -42.59
CA LEU A 142 -11.02 -13.84 -41.38
C LEU A 142 -9.55 -13.89 -41.75
N THR A 143 -8.74 -13.17 -40.96
CA THR A 143 -7.29 -13.25 -41.05
C THR A 143 -6.75 -13.80 -39.74
N GLY A 144 -5.91 -14.83 -39.82
CA GLY A 144 -5.34 -15.48 -38.65
C GLY A 144 -3.97 -14.92 -38.36
N VAL A 145 -3.78 -14.39 -37.14
CA VAL A 145 -2.49 -13.90 -36.70
C VAL A 145 -2.19 -14.48 -35.32
N GLU A 146 -0.92 -14.63 -35.02
CA GLU A 146 -0.48 -15.05 -33.70
C GLU A 146 0.39 -13.96 -33.10
N ILE A 147 -0.05 -13.38 -31.99
CA ILE A 147 0.71 -12.35 -31.29
C ILE A 147 0.81 -12.77 -29.84
N SER A 148 2.02 -12.88 -29.32
CA SER A 148 2.21 -13.26 -27.94
C SER A 148 3.40 -12.49 -27.36
N LEU A 149 3.15 -11.85 -26.23
CA LEU A 149 4.18 -11.13 -25.49
C LEU A 149 4.71 -12.04 -24.41
N CYS A 150 5.92 -12.54 -24.58
CA CYS A 150 6.45 -13.60 -23.73
C CYS A 150 7.43 -13.03 -22.70
N ALA A 151 7.36 -13.60 -21.51
CA ALA A 151 8.23 -13.24 -20.41
C ALA A 151 8.33 -14.45 -19.49
N ASP A 152 9.26 -14.41 -18.53
CA ASP A 152 9.41 -15.51 -17.60
C ASP A 152 8.34 -15.43 -16.51
N ILE A 153 7.27 -16.21 -16.71
CA ILE A 153 6.14 -16.14 -15.81
C ILE A 153 6.18 -17.27 -14.79
N THR A 154 6.66 -18.44 -15.21
CA THR A 154 6.66 -19.60 -14.33
C THR A 154 7.96 -19.77 -13.55
N ARG A 155 9.02 -19.07 -13.93
CA ARG A 155 10.30 -19.16 -13.23
C ARG A 155 10.81 -20.59 -13.18
N THR A 172 1.76 -12.42 -8.69
CA THR A 172 1.13 -12.81 -7.43
C THR A 172 2.10 -13.62 -6.58
N TRP A 173 1.62 -14.14 -5.46
CA TRP A 173 2.46 -14.81 -4.48
C TRP A 173 2.13 -16.30 -4.38
N GLY A 174 2.90 -17.00 -3.55
CA GLY A 174 2.64 -18.39 -3.26
C GLY A 174 3.45 -19.34 -4.12
N PRO A 175 3.68 -20.56 -3.63
CA PRO A 175 4.47 -21.51 -4.42
C PRO A 175 3.86 -21.82 -5.77
N CYS A 176 2.56 -21.63 -5.93
CA CYS A 176 1.89 -21.86 -7.20
C CYS A 176 1.48 -20.58 -7.90
N GLY A 177 2.05 -19.44 -7.50
CA GLY A 177 1.70 -18.19 -8.13
C GLY A 177 2.40 -18.00 -9.46
N GLN A 178 2.01 -16.94 -10.16
CA GLN A 178 2.53 -16.64 -11.48
C GLN A 178 2.94 -15.18 -11.54
N GLY A 179 3.95 -14.89 -12.34
CA GLY A 179 4.33 -13.51 -12.58
C GLY A 179 5.80 -13.35 -12.91
N ALA A 180 6.14 -12.29 -13.62
CA ALA A 180 7.52 -12.06 -14.00
C ALA A 180 8.28 -11.36 -12.87
N ILE A 181 9.60 -11.49 -12.93
CA ILE A 181 10.48 -10.88 -11.96
C ILE A 181 11.39 -9.89 -12.67
N LEU A 182 11.59 -8.73 -12.05
CA LEU A 182 12.45 -7.70 -12.61
C LEU A 182 13.37 -7.19 -11.52
N LEU A 183 14.67 -7.13 -11.81
CA LEU A 183 15.63 -6.72 -10.82
C LEU A 183 16.06 -5.27 -11.06
N VAL A 184 16.50 -4.63 -10.00
CA VAL A 184 17.00 -3.28 -10.11
C VAL A 184 18.45 -3.33 -10.56
N ASN A 185 18.80 -2.65 -11.64
CA ASN A 185 20.17 -2.69 -12.19
C ASN A 185 21.08 -1.76 -11.38
N CYS A 186 21.26 -2.12 -10.10
CA CYS A 186 21.93 -1.27 -9.12
C CYS A 186 23.41 -1.55 -8.99
N ASP A 187 23.94 -2.57 -9.66
CA ASP A 187 25.36 -2.86 -9.64
C ASP A 187 26.08 -1.99 -10.67
N ARG A 188 27.40 -2.10 -10.76
CA ARG A 188 28.21 -1.29 -11.68
C ARG A 188 29.08 -2.22 -12.48
N ASP A 189 28.56 -2.73 -13.58
CA ASP A 189 29.31 -3.66 -14.40
C ASP A 189 30.32 -2.94 -15.28
N ASN A 190 30.10 -1.67 -15.58
CA ASN A 190 31.07 -0.90 -16.35
C ASN A 190 32.17 -0.41 -15.41
N LEU A 191 33.36 -0.99 -15.51
CA LEU A 191 34.46 -0.65 -14.62
C LEU A 191 34.93 0.79 -14.77
N GLU A 192 34.67 1.45 -15.90
CA GLU A 192 35.08 2.84 -16.05
C GLU A 192 33.99 3.82 -15.65
N SER A 193 32.85 3.32 -15.19
CA SER A 193 31.74 4.19 -14.84
C SER A 193 31.86 4.65 -13.39
N SER A 194 31.33 5.84 -13.12
CA SER A 194 31.23 6.32 -11.74
C SER A 194 29.81 6.25 -11.22
N ALA A 195 28.92 5.56 -11.93
CA ALA A 195 27.52 5.51 -11.55
C ALA A 195 26.94 4.13 -11.81
N MET A 196 25.75 3.90 -11.27
CA MET A 196 25.10 2.61 -11.43
C MET A 196 24.68 2.42 -12.87
N ASP A 197 24.54 1.15 -13.26
CA ASP A 197 24.17 0.84 -14.63
C ASP A 197 22.75 1.32 -14.94
N CYS A 198 21.89 1.46 -13.92
CA CYS A 198 20.58 2.05 -14.13
C CYS A 198 20.63 3.56 -14.32
N GLU A 199 21.75 4.20 -14.01
CA GLU A 199 21.83 5.65 -14.05
C GLU A 199 22.40 6.18 -15.37
N ASP A 200 22.93 5.32 -16.24
CA ASP A 200 23.70 5.69 -17.44
C ASP A 200 22.86 6.06 -18.69
N ASP A 201 21.57 5.70 -18.72
CA ASP A 201 20.66 5.78 -19.87
C ASP A 201 21.03 4.92 -21.11
N GLU A 202 21.81 3.84 -20.96
CA GLU A 202 22.48 3.13 -22.06
C GLU A 202 22.83 1.66 -21.69
N VAL A 203 23.21 0.79 -22.63
CA VAL A 203 23.95 -0.45 -22.31
C VAL A 203 25.32 -0.38 -22.97
N LEU A 204 26.43 -0.34 -22.21
CA LEU A 204 27.75 -0.27 -22.83
C LEU A 204 28.49 -1.60 -22.73
N ASP A 205 28.11 -2.44 -21.77
CA ASP A 205 28.81 -3.70 -21.54
C ASP A 205 27.84 -4.87 -21.64
N SER A 206 28.19 -5.86 -22.48
CA SER A 206 27.29 -6.98 -22.71
C SER A 206 27.01 -7.77 -21.44
N GLU A 207 27.93 -7.77 -20.48
CA GLU A 207 27.74 -8.45 -19.21
C GLU A 207 26.50 -7.92 -18.50
N ASP A 208 26.10 -6.68 -18.78
CA ASP A 208 24.98 -6.08 -18.07
C ASP A 208 23.67 -6.75 -18.44
N LEU A 209 23.61 -7.39 -19.60
CA LEU A 209 22.41 -8.11 -20.00
C LEU A 209 22.17 -9.34 -19.15
N GLN A 210 23.17 -9.80 -18.38
CA GLN A 210 22.96 -10.93 -17.49
C GLN A 210 22.04 -10.56 -16.34
N ASP A 211 22.01 -9.29 -15.95
CA ASP A 211 21.18 -8.87 -14.82
C ASP A 211 19.76 -8.53 -15.27
N MET A 212 19.60 -8.01 -16.50
CA MET A 212 18.32 -7.56 -17.03
C MET A 212 17.39 -8.73 -17.37
N SER A 213 16.09 -8.53 -17.19
CA SER A 213 15.09 -9.53 -17.54
C SER A 213 14.81 -9.53 -19.04
N LEU A 214 14.62 -10.72 -19.58
CA LEU A 214 14.40 -10.86 -21.02
C LEU A 214 12.91 -10.90 -21.33
N MET A 215 12.51 -10.11 -22.33
CA MET A 215 11.14 -10.14 -22.84
C MET A 215 11.19 -10.30 -24.36
N THR A 216 10.32 -11.14 -24.90
CA THR A 216 10.30 -11.43 -26.32
C THR A 216 8.91 -11.16 -26.88
N LEU A 217 8.87 -10.45 -28.00
CA LEU A 217 7.64 -10.23 -28.75
C LEU A 217 7.64 -11.16 -29.95
N SER A 218 6.75 -12.15 -29.95
CA SER A 218 6.69 -13.17 -30.98
C SER A 218 5.42 -12.99 -31.79
N THR A 219 5.57 -12.74 -33.10
CA THR A 219 4.43 -12.56 -33.99
C THR A 219 4.58 -13.45 -35.20
N LYS A 220 3.45 -14.01 -35.64
CA LYS A 220 3.36 -14.73 -36.91
C LYS A 220 2.12 -14.22 -37.63
N THR A 221 2.34 -13.48 -38.71
CA THR A 221 1.26 -12.80 -39.41
C THR A 221 1.36 -13.00 -40.92
N PRO A 222 0.33 -12.62 -41.68
CA PRO A 222 0.45 -12.65 -43.13
C PRO A 222 1.63 -11.85 -43.62
N LYS A 223 2.18 -12.21 -44.77
CA LYS A 223 3.36 -11.51 -45.27
C LYS A 223 3.07 -10.03 -45.47
N ASP A 224 1.84 -9.68 -45.84
CA ASP A 224 1.49 -8.28 -46.05
C ASP A 224 0.87 -7.64 -44.82
N PHE A 225 0.90 -8.32 -43.68
CA PHE A 225 0.35 -7.77 -42.45
C PHE A 225 1.24 -6.63 -41.95
N PHE A 226 0.65 -5.77 -41.14
CA PHE A 226 1.27 -4.52 -40.70
C PHE A 226 1.37 -3.50 -41.83
N THR A 227 0.78 -3.78 -42.98
CA THR A 227 0.49 -2.74 -43.95
C THR A 227 -0.66 -1.87 -43.47
N ASN A 228 -1.68 -2.50 -42.88
CA ASN A 228 -2.82 -1.81 -42.31
C ASN A 228 -2.77 -1.75 -40.79
N HIS A 229 -1.69 -2.23 -40.17
CA HIS A 229 -1.63 -2.30 -38.72
C HIS A 229 -0.23 -1.90 -38.25
N THR A 230 -0.15 -1.53 -36.98
CA THR A 230 1.10 -1.17 -36.33
C THR A 230 1.05 -1.66 -34.89
N LEU A 231 2.23 -1.92 -34.32
CA LEU A 231 2.35 -2.36 -32.94
C LEU A 231 3.06 -1.30 -32.11
N VAL A 232 2.49 -0.99 -30.94
CA VAL A 232 3.07 -0.01 -30.03
C VAL A 232 3.29 -0.65 -28.67
N LEU A 233 4.49 -0.45 -28.13
CA LEU A 233 4.84 -0.90 -26.79
C LEU A 233 4.77 0.31 -25.86
N HIS A 234 4.19 0.12 -24.67
CA HIS A 234 4.05 1.25 -23.76
C HIS A 234 3.89 0.75 -22.32
N VAL A 235 4.15 1.66 -21.40
CA VAL A 235 3.91 1.46 -19.97
C VAL A 235 3.15 2.66 -19.45
N ALA A 236 2.51 2.49 -18.29
CA ALA A 236 1.84 3.60 -17.65
C ALA A 236 2.83 4.70 -17.28
N ARG A 237 2.39 5.95 -17.43
CA ARG A 237 3.26 7.07 -17.07
C ARG A 237 3.67 7.04 -15.62
N SER A 238 2.81 6.55 -14.72
CA SER A 238 3.17 6.49 -13.32
C SER A 238 4.31 5.52 -13.08
N GLU A 239 4.57 4.64 -14.06
CA GLU A 239 5.66 3.68 -13.97
C GLU A 239 6.83 4.04 -14.84
N MET A 240 6.77 5.15 -15.58
CA MET A 240 7.81 5.43 -16.56
C MET A 240 9.14 5.77 -15.90
N ASP A 241 9.13 6.25 -14.66
CA ASP A 241 10.36 6.52 -13.94
C ASP A 241 10.88 5.31 -13.16
N LYS A 242 10.21 4.17 -13.26
CA LYS A 242 10.63 2.97 -12.54
C LYS A 242 11.21 1.89 -13.44
N VAL A 243 11.04 1.99 -14.76
CA VAL A 243 11.47 0.93 -15.66
C VAL A 243 12.10 1.54 -16.91
N ARG A 244 13.15 0.91 -17.43
CA ARG A 244 13.74 1.19 -18.74
C ARG A 244 13.78 -0.09 -19.55
N VAL A 245 13.50 0.02 -20.85
CA VAL A 245 13.46 -1.13 -21.77
C VAL A 245 14.36 -0.86 -22.95
N PHE A 246 15.13 -1.86 -23.33
CA PHE A 246 16.04 -1.84 -24.46
C PHE A 246 15.60 -2.88 -25.50
N GLN A 247 15.81 -2.63 -26.78
CA GLN A 247 15.57 -3.58 -27.88
C GLN A 247 16.90 -4.01 -28.49
N ALA A 248 17.08 -5.31 -28.69
CA ALA A 248 18.27 -5.92 -29.26
C ALA A 248 18.17 -6.05 -30.78
N THR A 249 19.06 -5.40 -31.52
CA THR A 249 19.12 -5.49 -32.99
C THR A 249 19.94 -6.70 -33.48
N ARG A 250 20.29 -6.73 -34.78
CA ARG A 250 21.17 -7.75 -35.40
C ARG A 250 22.15 -7.09 -36.37
N GLY A 251 23.19 -7.82 -36.70
CA GLY A 251 24.32 -7.36 -37.52
C GLY A 251 25.51 -8.32 -37.39
N LYS A 252 26.64 -7.96 -37.99
CA LYS A 252 27.86 -8.80 -37.98
C LYS A 252 28.97 -8.19 -37.13
N LEU A 253 29.28 -6.92 -37.35
CA LEU A 253 30.27 -6.15 -36.57
C LEU A 253 29.75 -5.67 -35.20
N SER A 254 28.44 -5.80 -34.93
CA SER A 254 27.81 -5.41 -33.67
C SER A 254 26.42 -6.05 -33.53
N SER A 255 25.86 -6.08 -32.32
CA SER A 255 24.47 -6.46 -32.02
C SER A 255 23.84 -5.48 -31.03
N LYS A 256 23.89 -4.17 -31.34
CA LYS A 256 23.53 -3.09 -30.39
C LYS A 256 22.16 -3.28 -29.72
N CYS A 257 22.11 -3.04 -28.43
CA CYS A 257 20.88 -2.67 -27.75
C CYS A 257 20.57 -1.19 -27.97
N SER A 258 19.28 -0.84 -27.87
CA SER A 258 18.76 0.49 -28.17
C SER A 258 17.64 0.87 -27.18
N VAL A 259 17.56 2.14 -26.76
CA VAL A 259 16.55 2.60 -25.79
C VAL A 259 15.17 2.62 -26.41
N VAL A 260 14.21 1.94 -25.79
CA VAL A 260 12.81 1.88 -26.21
C VAL A 260 11.96 2.76 -25.31
N LEU A 261 11.80 2.35 -24.05
CA LEU A 261 10.96 3.01 -23.05
C LEU A 261 11.81 3.56 -21.91
N GLY A 262 11.48 4.75 -21.41
CA GLY A 262 12.25 5.39 -20.38
C GLY A 262 11.63 6.69 -19.88
N PRO A 263 12.39 7.46 -19.11
CA PRO A 263 11.84 8.67 -18.50
C PRO A 263 11.28 9.68 -19.49
N LYS A 264 11.70 9.61 -20.75
CA LYS A 264 11.14 10.48 -21.78
C LYS A 264 10.34 9.74 -22.84
N TRP A 265 10.13 8.44 -22.69
CA TRP A 265 9.50 7.63 -23.74
C TRP A 265 8.55 6.63 -23.09
N PRO A 266 7.33 7.05 -22.77
CA PRO A 266 6.34 6.11 -22.24
C PRO A 266 5.82 5.13 -23.28
N SER A 267 6.02 5.40 -24.56
CA SER A 267 5.57 4.49 -25.61
C SER A 267 6.51 4.62 -26.80
N HIS A 268 6.56 3.55 -27.61
CA HIS A 268 7.38 3.50 -28.81
C HIS A 268 6.76 2.59 -29.85
N TYR A 269 6.82 2.99 -31.11
CA TYR A 269 6.36 2.16 -32.22
C TYR A 269 7.40 1.12 -32.58
N LEU A 270 6.94 -0.08 -32.93
CA LEU A 270 7.79 -1.19 -33.36
C LEU A 270 7.65 -1.44 -34.86
N MET A 271 8.75 -1.37 -35.60
CA MET A 271 8.80 -1.67 -37.04
C MET A 271 8.84 -3.19 -37.29
N VAL A 272 7.84 -3.92 -36.79
CA VAL A 272 7.82 -5.38 -36.94
C VAL A 272 7.49 -5.74 -38.37
N PRO A 273 8.30 -6.55 -39.04
CA PRO A 273 7.94 -6.99 -40.40
C PRO A 273 6.86 -8.07 -40.37
N GLY A 274 6.26 -8.27 -41.52
CA GLY A 274 5.24 -9.29 -41.66
C GLY A 274 5.83 -10.69 -41.66
N GLY A 275 4.95 -11.68 -41.82
CA GLY A 275 5.36 -13.05 -41.70
C GLY A 275 5.70 -13.41 -40.26
N LYS A 276 6.83 -14.11 -40.11
CA LYS A 276 7.27 -14.56 -38.80
C LYS A 276 8.44 -13.72 -38.33
N HIS A 277 8.36 -13.21 -37.11
CA HIS A 277 9.41 -12.40 -36.52
C HIS A 277 9.36 -12.49 -35.00
N ASN A 278 10.53 -12.53 -34.37
CA ASN A 278 10.68 -12.44 -32.92
C ASN A 278 11.60 -11.27 -32.59
N MET A 279 11.12 -10.33 -31.77
CA MET A 279 11.86 -9.16 -31.36
C MET A 279 12.18 -9.24 -29.87
N ASP A 280 13.44 -9.01 -29.50
CA ASP A 280 13.92 -9.20 -28.12
C ASP A 280 14.21 -7.89 -27.41
N PHE A 281 13.75 -7.83 -26.16
CA PHE A 281 13.84 -6.69 -25.29
C PHE A 281 14.48 -7.05 -23.95
N TYR A 282 15.29 -6.14 -23.44
CA TYR A 282 15.92 -6.24 -22.14
C TYR A 282 15.40 -5.17 -21.21
N VAL A 283 14.85 -5.58 -20.07
CA VAL A 283 14.15 -4.74 -19.10
C VAL A 283 15.00 -4.58 -17.84
N GLU A 284 15.13 -3.36 -17.32
CA GLU A 284 15.75 -3.08 -16.02
C GLU A 284 14.82 -2.28 -15.11
N ALA A 285 14.75 -2.63 -13.83
CA ALA A 285 14.09 -1.77 -12.85
C ALA A 285 15.05 -0.67 -12.40
N LEU A 286 14.49 0.50 -12.14
CA LEU A 286 15.28 1.66 -11.74
C LEU A 286 15.20 1.99 -10.25
N ALA A 287 14.36 1.29 -9.49
CA ALA A 287 14.22 1.63 -8.07
C ALA A 287 13.69 0.42 -7.32
N PHE A 288 13.92 0.41 -6.01
CA PHE A 288 13.42 -0.64 -5.16
C PHE A 288 11.98 -0.35 -4.75
N PRO A 289 11.23 -1.38 -4.37
CA PRO A 289 9.91 -1.14 -3.79
C PRO A 289 10.02 -0.18 -2.61
N ASP A 290 9.10 0.76 -2.54
CA ASP A 290 9.17 1.81 -1.52
C ASP A 290 7.78 2.42 -1.38
N THR A 291 7.70 3.47 -0.57
CA THR A 291 6.40 4.08 -0.28
C THR A 291 5.66 4.41 -1.57
N ASP A 292 6.38 4.95 -2.55
CA ASP A 292 5.77 5.37 -3.80
C ASP A 292 5.73 4.28 -4.86
N PHE A 293 6.09 3.05 -4.52
CA PHE A 293 6.15 2.00 -5.53
C PHE A 293 5.81 0.65 -4.93
N PRO A 294 4.62 0.11 -5.19
CA PRO A 294 4.26 -1.20 -4.65
C PRO A 294 5.12 -2.36 -5.12
N GLY A 295 5.86 -2.19 -6.22
CA GLY A 295 6.72 -3.23 -6.73
C GLY A 295 6.25 -3.92 -7.99
N LEU A 296 5.16 -3.46 -8.61
CA LEU A 296 4.69 -4.08 -9.84
C LEU A 296 4.79 -3.12 -11.01
N ILE A 297 5.31 -3.62 -12.13
CA ILE A 297 5.45 -2.85 -13.37
C ILE A 297 4.82 -3.66 -14.49
N THR A 298 3.96 -3.00 -15.27
CA THR A 298 3.20 -3.66 -16.32
C THR A 298 3.65 -3.12 -17.68
N LEU A 299 4.00 -4.03 -18.58
CA LEU A 299 4.38 -3.69 -19.94
C LEU A 299 3.29 -4.16 -20.89
N THR A 300 2.83 -3.27 -21.75
CA THR A 300 1.71 -3.56 -22.63
C THR A 300 2.10 -3.35 -24.09
N ILE A 301 1.71 -4.30 -24.92
CA ILE A 301 1.82 -4.21 -26.37
C ILE A 301 0.42 -4.02 -26.94
N SER A 302 0.28 -3.06 -27.84
CA SER A 302 -1.02 -2.69 -28.39
C SER A 302 -0.97 -2.82 -29.90
N LEU A 303 -1.95 -3.51 -30.46
CA LEU A 303 -2.12 -3.65 -31.90
C LEU A 303 -3.15 -2.64 -32.37
N LEU A 304 -2.73 -1.72 -33.24
CA LEU A 304 -3.58 -0.64 -33.72
C LEU A 304 -3.91 -0.85 -35.18
N ASP A 305 -5.15 -0.51 -35.55
CA ASP A 305 -5.64 -0.61 -36.91
C ASP A 305 -5.58 0.76 -37.55
N THR A 306 -4.76 0.89 -38.60
CA THR A 306 -4.57 2.13 -39.33
C THR A 306 -4.97 1.98 -40.79
N SER A 307 -5.89 1.07 -41.09
CA SER A 307 -6.26 0.79 -42.48
C SER A 307 -6.79 2.04 -43.17
N ASN A 308 -7.46 2.91 -42.44
CA ASN A 308 -7.99 4.15 -43.00
C ASN A 308 -7.04 5.27 -42.58
N LEU A 309 -6.26 5.76 -43.54
CA LEU A 309 -5.23 6.75 -43.25
C LEU A 309 -5.78 8.16 -43.03
N GLU A 310 -7.09 8.36 -43.21
CA GLU A 310 -7.65 9.68 -42.96
C GLU A 310 -8.19 9.85 -41.55
N LEU A 311 -8.25 8.78 -40.76
CA LEU A 311 -8.85 8.79 -39.44
C LEU A 311 -7.82 8.46 -38.38
N PRO A 312 -8.07 8.82 -37.12
CA PRO A 312 -7.17 8.42 -36.05
C PRO A 312 -7.08 6.89 -35.93
N GLU A 313 -5.97 6.43 -35.38
CA GLU A 313 -5.75 5.01 -35.19
C GLU A 313 -6.78 4.43 -34.23
N ALA A 314 -7.16 3.17 -34.47
CA ALA A 314 -8.06 2.46 -33.57
C ALA A 314 -7.35 1.27 -32.94
N VAL A 315 -7.81 0.84 -31.78
CA VAL A 315 -7.19 -0.30 -31.11
C VAL A 315 -8.06 -1.54 -31.31
N VAL A 316 -7.41 -2.66 -31.62
CA VAL A 316 -8.11 -3.92 -31.82
C VAL A 316 -7.64 -5.03 -30.89
N PHE A 317 -6.40 -5.00 -30.40
CA PHE A 317 -5.92 -6.05 -29.51
C PHE A 317 -4.78 -5.51 -28.67
N GLN A 318 -4.78 -5.90 -27.39
CA GLN A 318 -3.71 -5.54 -26.47
C GLN A 318 -3.32 -6.76 -25.65
N ASP A 319 -2.05 -6.79 -25.26
CA ASP A 319 -1.57 -7.79 -24.31
C ASP A 319 -0.48 -7.17 -23.46
N SER A 320 -0.29 -7.75 -22.28
CA SER A 320 0.60 -7.17 -21.29
C SER A 320 1.13 -8.27 -20.37
N VAL A 321 2.28 -7.98 -19.76
CA VAL A 321 2.82 -8.81 -18.70
C VAL A 321 3.15 -7.91 -17.51
N VAL A 322 3.22 -8.52 -16.33
CA VAL A 322 3.45 -7.80 -15.08
C VAL A 322 4.73 -8.32 -14.45
N PHE A 323 5.63 -7.41 -14.13
CA PHE A 323 6.85 -7.75 -13.42
C PHE A 323 6.73 -7.42 -11.95
N ARG A 324 7.31 -8.26 -11.10
CA ARG A 324 7.42 -7.99 -9.68
C ARG A 324 8.89 -7.72 -9.37
N VAL A 325 9.18 -6.58 -8.74
CA VAL A 325 10.55 -6.22 -8.45
C VAL A 325 10.96 -6.88 -7.14
N ALA A 326 12.10 -7.56 -7.17
CA ALA A 326 12.52 -8.34 -6.00
C ALA A 326 12.82 -7.42 -4.83
N PRO A 327 12.51 -7.83 -3.60
CA PRO A 327 12.86 -7.01 -2.44
C PRO A 327 14.33 -7.13 -2.09
N TRP A 328 14.89 -6.11 -1.47
CA TRP A 328 16.20 -6.22 -0.79
C TRP A 328 16.03 -7.09 0.46
N ILE A 329 16.88 -8.08 0.65
CA ILE A 329 16.76 -9.05 1.73
C ILE A 329 17.98 -8.95 2.63
N MET A 330 17.74 -8.88 3.94
CA MET A 330 18.80 -8.88 4.95
C MET A 330 19.17 -10.32 5.29
N THR A 331 20.44 -10.59 5.55
CA THR A 331 20.92 -11.96 5.82
C THR A 331 21.23 -12.12 7.29
N PRO A 332 20.68 -13.11 8.00
CA PRO A 332 20.99 -13.28 9.42
C PRO A 332 22.36 -13.91 9.60
N ASN A 333 22.83 -13.88 10.84
CA ASN A 333 24.14 -14.45 11.16
C ASN A 333 24.14 -15.97 11.15
N THR A 334 22.99 -16.62 11.05
CA THR A 334 22.95 -18.07 11.01
C THR A 334 23.24 -18.63 9.62
N GLN A 335 23.35 -17.79 8.62
CA GLN A 335 23.71 -18.23 7.27
C GLN A 335 25.24 -18.36 7.17
N PRO A 336 25.76 -19.40 6.53
CA PRO A 336 27.21 -19.56 6.44
C PRO A 336 27.86 -18.31 5.86
N PRO A 337 28.98 -17.87 6.44
CA PRO A 337 29.64 -16.68 5.93
C PRO A 337 30.36 -16.96 4.62
N GLN A 338 30.67 -15.90 3.87
CA GLN A 338 31.44 -15.97 2.64
C GLN A 338 32.67 -15.07 2.66
N GLU A 339 32.61 -13.89 3.25
CA GLU A 339 33.73 -12.96 3.24
C GLU A 339 33.67 -11.99 4.41
N VAL A 340 34.73 -11.94 5.23
CA VAL A 340 34.93 -10.86 6.21
C VAL A 340 35.66 -9.70 5.54
N TYR A 341 35.24 -8.48 5.79
CA TYR A 341 35.92 -7.25 5.38
C TYR A 341 36.49 -6.57 6.62
N ALA A 342 37.79 -6.26 6.64
CA ALA A 342 38.45 -5.66 7.79
C ALA A 342 38.90 -4.23 7.47
N CYS A 343 38.03 -3.27 7.77
CA CYS A 343 38.23 -1.85 7.48
C CYS A 343 39.27 -1.21 8.41
N ASN A 348 44.71 -1.80 15.27
CA ASN A 348 44.26 -2.99 15.98
C ASN A 348 44.77 -4.24 15.28
N GLU A 349 46.09 -4.32 15.06
CA GLU A 349 46.64 -5.45 14.34
C GLU A 349 46.44 -6.76 15.09
N ASP A 350 46.54 -6.71 16.43
CA ASP A 350 46.34 -7.92 17.21
C ASP A 350 44.91 -8.42 17.07
N PHE A 351 43.96 -7.51 16.98
CA PHE A 351 42.59 -7.88 16.70
C PHE A 351 42.49 -8.61 15.37
N LEU A 352 43.10 -8.02 14.32
CA LEU A 352 43.12 -8.60 12.98
C LEU A 352 43.77 -9.97 13.01
N LYS A 353 44.79 -10.18 13.84
CA LYS A 353 45.43 -11.48 13.96
C LYS A 353 44.43 -12.53 14.44
N SER A 354 43.63 -12.17 15.44
CA SER A 354 42.63 -13.09 15.95
C SER A 354 41.53 -13.32 14.93
N VAL A 355 41.11 -12.27 14.23
CA VAL A 355 40.10 -12.37 13.17
C VAL A 355 40.63 -13.22 12.03
N THR A 356 41.90 -13.09 11.66
CA THR A 356 42.55 -13.93 10.65
C THR A 356 42.52 -15.39 11.07
N THR A 357 42.86 -15.68 12.32
CA THR A 357 42.82 -17.03 12.84
C THR A 357 41.38 -17.53 12.91
N LEU A 358 40.46 -16.68 13.36
CA LEU A 358 39.07 -17.07 13.46
C LEU A 358 38.50 -17.38 12.09
N ALA A 359 38.75 -16.50 11.12
CA ALA A 359 38.31 -16.67 9.74
C ALA A 359 38.91 -17.94 9.16
N MET A 360 40.18 -18.19 9.46
CA MET A 360 40.83 -19.42 9.00
C MET A 360 40.13 -20.63 9.57
N LYS A 361 39.94 -20.66 10.89
CA LYS A 361 39.30 -21.81 11.51
C LYS A 361 37.90 -22.01 10.96
N ALA A 362 37.21 -20.92 10.65
CA ALA A 362 35.87 -21.00 10.08
C ALA A 362 35.85 -21.27 8.59
N LYS A 363 37.00 -21.37 7.90
CA LYS A 363 37.08 -21.53 6.42
C LYS A 363 36.44 -20.37 5.64
N CYS A 364 36.33 -19.18 6.23
CA CYS A 364 35.84 -17.99 5.55
C CYS A 364 36.97 -17.32 4.76
N LYS A 365 36.67 -16.66 3.65
CA LYS A 365 37.60 -15.69 3.07
C LYS A 365 37.74 -14.51 4.03
N LEU A 366 38.95 -14.05 4.28
CA LEU A 366 39.19 -12.74 4.88
C LEU A 366 39.73 -11.79 3.84
N THR A 367 39.16 -10.61 3.74
CA THR A 367 39.67 -9.49 2.97
C THR A 367 40.08 -8.37 3.90
N ILE A 368 41.38 -8.14 4.02
CA ILE A 368 41.89 -6.88 4.57
C ILE A 368 41.62 -5.78 3.54
N CYS A 369 41.38 -4.55 3.98
CA CYS A 369 40.96 -3.45 3.11
C CYS A 369 42.03 -2.32 3.02
N PRO A 370 43.27 -2.61 2.58
CA PRO A 370 44.35 -1.61 2.52
C PRO A 370 44.11 -0.55 1.45
N GLU A 371 44.93 0.51 1.46
CA GLU A 371 44.83 1.63 0.52
C GLU A 371 46.19 2.30 0.26
N TRP A 379 37.35 2.49 1.68
CA TRP A 379 36.35 2.24 0.65
C TRP A 379 35.26 1.23 1.10
N MET A 380 34.98 1.17 2.40
CA MET A 380 33.79 0.58 3.03
C MET A 380 33.68 1.12 4.46
N GLN A 381 32.50 1.02 5.08
CA GLN A 381 32.25 1.48 6.46
C GLN A 381 31.58 0.40 7.30
N ASP A 382 31.82 0.40 8.60
CA ASP A 382 31.13 -0.46 9.58
C ASP A 382 29.63 -0.13 9.68
N GLU A 383 29.23 1.09 9.34
CA GLU A 383 27.83 1.50 9.30
C GLU A 383 27.01 0.78 8.21
N MET A 384 27.65 0.19 7.20
CA MET A 384 26.97 -0.47 6.10
C MET A 384 26.39 -1.82 6.50
N GLU A 385 25.34 -2.25 5.82
CA GLU A 385 24.73 -3.57 5.94
C GLU A 385 24.73 -4.25 4.57
N ILE A 386 24.84 -5.57 4.52
CA ILE A 386 24.95 -6.33 3.28
C ILE A 386 23.75 -7.25 3.11
N GLY A 387 22.99 -6.99 2.05
CA GLY A 387 21.85 -7.79 1.61
C GLY A 387 22.08 -8.38 0.23
N TYR A 388 21.04 -8.90 -0.41
CA TYR A 388 21.19 -9.48 -1.74
C TYR A 388 19.87 -9.41 -2.50
N ILE A 389 19.96 -9.61 -3.81
CA ILE A 389 18.80 -9.73 -4.67
C ILE A 389 18.79 -11.13 -5.27
N GLN A 390 17.65 -11.79 -5.20
CA GLN A 390 17.50 -13.16 -5.68
C GLN A 390 16.54 -13.20 -6.87
N ALA A 391 16.89 -14.03 -7.85
CA ALA A 391 16.10 -14.24 -9.05
C ALA A 391 16.40 -15.63 -9.59
N PRO A 392 15.57 -16.18 -10.47
CA PRO A 392 15.93 -17.47 -11.08
C PRO A 392 17.12 -17.39 -12.02
N HIS A 393 17.48 -16.19 -12.47
CA HIS A 393 18.53 -16.06 -13.47
C HIS A 393 19.80 -15.41 -12.94
N LYS A 394 19.71 -14.54 -11.95
CA LYS A 394 20.88 -13.83 -11.46
C LYS A 394 20.67 -13.41 -10.01
N THR A 395 21.64 -13.75 -9.17
CA THR A 395 21.66 -13.39 -7.76
C THR A 395 22.86 -12.51 -7.50
N LEU A 396 22.67 -11.40 -6.80
CA LEU A 396 23.84 -10.58 -6.52
C LEU A 396 23.74 -9.96 -5.14
N PRO A 397 24.87 -9.74 -4.47
CA PRO A 397 24.86 -8.94 -3.24
C PRO A 397 24.62 -7.47 -3.52
N VAL A 398 24.02 -6.80 -2.53
CA VAL A 398 23.78 -5.36 -2.49
C VAL A 398 24.16 -4.77 -1.14
N VAL A 399 25.06 -3.80 -1.12
CA VAL A 399 25.34 -2.99 0.07
C VAL A 399 24.21 -2.01 0.28
N PHE A 400 23.74 -1.91 1.52
CA PHE A 400 22.85 -0.87 1.97
C PHE A 400 23.64 0.09 2.87
N ASP A 401 23.65 1.38 2.53
CA ASP A 401 24.55 2.37 3.10
C ASP A 401 23.82 3.43 3.95
N SER A 402 24.52 3.92 4.97
CA SER A 402 24.03 4.77 6.05
C SER A 402 23.43 6.10 5.58
N PRO A 403 22.41 6.64 6.27
CA PRO A 403 21.89 7.99 6.04
C PRO A 403 22.91 9.10 6.32
N ARG A 404 23.97 8.81 7.08
CA ARG A 404 25.02 9.75 7.48
C ARG A 404 25.73 10.36 6.26
N ARG A 415 30.58 6.57 -3.75
CA ARG A 415 29.71 5.42 -3.56
C ARG A 415 30.45 4.10 -3.81
N VAL A 416 30.30 3.11 -2.94
CA VAL A 416 30.97 1.80 -3.04
C VAL A 416 30.12 0.78 -3.81
N MET A 417 30.44 0.52 -5.07
CA MET A 417 29.69 -0.42 -5.94
C MET A 417 30.57 -1.01 -7.05
N GLY A 418 30.22 -2.18 -7.57
CA GLY A 418 31.01 -2.85 -8.62
C GLY A 418 30.23 -3.94 -9.36
N PRO A 419 30.89 -4.72 -10.23
CA PRO A 419 30.22 -5.73 -11.03
C PRO A 419 29.57 -6.78 -10.16
N ASP A 420 28.27 -6.98 -10.32
CA ASP A 420 27.47 -7.84 -9.44
C ASP A 420 27.65 -7.51 -7.95
N PHE A 421 27.87 -6.24 -7.61
CA PHE A 421 27.96 -5.76 -6.24
C PHE A 421 27.16 -4.47 -6.10
N GLY A 422 25.88 -4.62 -5.71
CA GLY A 422 24.89 -3.56 -5.72
C GLY A 422 25.10 -2.53 -4.63
N TYR A 423 24.34 -1.45 -4.71
CA TYR A 423 24.41 -0.35 -3.76
C TYR A 423 23.09 0.39 -3.74
N VAL A 424 22.46 0.48 -2.58
CA VAL A 424 21.18 1.14 -2.40
C VAL A 424 21.26 2.10 -1.22
N THR A 425 20.61 3.25 -1.35
CA THR A 425 20.54 4.22 -0.27
C THR A 425 19.11 4.70 -0.10
N ARG A 426 18.81 5.20 1.11
CA ARG A 426 17.51 5.77 1.41
C ARG A 426 17.68 6.93 2.40
N GLY A 427 16.73 7.86 2.35
CA GLY A 427 16.71 8.98 3.28
C GLY A 427 17.79 10.01 3.03
N GLY A 435 20.23 9.24 15.86
CA GLY A 435 20.66 8.35 16.92
C GLY A 435 20.40 6.90 16.59
N LEU A 436 19.12 6.56 16.38
CA LEU A 436 18.71 5.19 16.11
C LEU A 436 18.70 4.86 14.63
N ASP A 437 19.17 5.79 13.78
CA ASP A 437 19.17 5.56 12.34
C ASP A 437 20.35 4.71 11.89
N SER A 438 21.48 4.70 12.60
CA SER A 438 22.64 3.88 12.23
C SER A 438 22.26 2.40 12.12
N PHE A 439 22.72 1.71 11.07
CA PHE A 439 22.30 0.33 10.81
C PHE A 439 22.86 -0.68 11.81
N GLY A 440 23.70 -0.26 12.75
CA GLY A 440 23.93 -1.01 13.97
C GLY A 440 22.63 -1.29 14.75
N ASN A 441 21.59 -0.47 14.56
CA ASN A 441 20.29 -0.73 15.16
C ASN A 441 19.42 -1.65 14.31
N LEU A 442 19.94 -2.25 13.24
CA LEU A 442 19.22 -3.21 12.43
C LEU A 442 19.75 -4.60 12.71
N GLU A 443 18.85 -5.55 12.78
CA GLU A 443 19.17 -6.96 12.91
C GLU A 443 18.11 -7.78 12.20
N VAL A 444 18.35 -9.05 11.88
CA VAL A 444 17.32 -9.90 11.30
C VAL A 444 17.37 -11.26 11.99
N SER A 445 16.21 -11.74 12.38
CA SER A 445 16.11 -13.01 13.08
C SER A 445 16.28 -14.18 12.12
N PRO A 446 16.57 -15.36 12.63
CA PRO A 446 16.56 -16.55 11.80
C PRO A 446 15.15 -16.87 11.33
N PRO A 447 15.00 -17.78 10.38
CA PRO A 447 13.65 -18.18 9.95
C PRO A 447 12.86 -18.73 11.13
N VAL A 448 11.59 -18.30 11.23
CA VAL A 448 10.72 -18.78 12.30
C VAL A 448 9.35 -19.10 11.74
N THR A 449 8.59 -19.90 12.49
CA THR A 449 7.16 -20.13 12.23
C THR A 449 6.40 -19.70 13.48
N VAL A 450 5.47 -18.76 13.30
CA VAL A 450 4.78 -18.13 14.42
C VAL A 450 3.30 -18.50 14.32
N ARG A 451 2.86 -19.41 15.18
CA ARG A 451 1.45 -19.81 15.24
C ARG A 451 0.91 -20.20 13.87
N GLY A 452 1.70 -20.93 13.08
CA GLY A 452 1.30 -21.42 11.78
C GLY A 452 1.73 -20.54 10.63
N LYS A 453 2.13 -19.30 10.91
CA LYS A 453 2.56 -18.38 9.86
C LYS A 453 4.07 -18.52 9.73
N GLU A 454 4.53 -18.86 8.52
CA GLU A 454 5.95 -19.06 8.30
C GLU A 454 6.62 -17.76 7.87
N TYR A 455 7.82 -17.51 8.42
CA TYR A 455 8.67 -16.40 8.02
C TYR A 455 9.96 -17.01 7.51
N PRO A 456 9.99 -17.48 6.26
CA PRO A 456 11.14 -18.28 5.82
C PRO A 456 12.43 -17.48 5.77
N LEU A 457 12.34 -16.16 5.74
CA LEU A 457 13.51 -15.30 5.74
C LEU A 457 13.70 -14.61 7.08
N GLY A 458 13.02 -15.07 8.12
CA GLY A 458 13.13 -14.41 9.40
C GLY A 458 12.35 -13.10 9.40
N ARG A 459 12.67 -12.27 10.37
CA ARG A 459 12.02 -10.98 10.52
C ARG A 459 13.05 -9.91 10.85
N ILE A 460 12.84 -8.72 10.34
CA ILE A 460 13.76 -7.61 10.59
C ILE A 460 13.45 -6.99 11.95
N LEU A 461 14.48 -6.87 12.78
CA LEU A 461 14.36 -6.31 14.12
C LEU A 461 15.04 -4.95 14.15
N PHE A 462 14.47 -4.03 14.90
CA PHE A 462 15.14 -2.78 15.24
C PHE A 462 14.60 -2.27 16.57
N GLY A 463 15.41 -1.44 17.23
CA GLY A 463 15.02 -0.88 18.51
C GLY A 463 14.32 0.46 18.38
N ASP A 464 13.48 0.75 19.36
CA ASP A 464 12.74 2.02 19.40
C ASP A 464 12.39 2.35 20.84
N SER A 465 11.63 3.42 21.03
CA SER A 465 11.18 3.79 22.37
C SER A 465 9.86 3.10 22.69
N CYS A 466 9.46 3.15 23.97
CA CYS A 466 8.19 2.57 24.36
C CYS A 466 7.01 3.48 24.04
N TYR A 467 7.22 4.79 24.05
CA TYR A 467 6.16 5.73 23.72
C TYR A 467 6.81 7.03 23.27
N PRO A 468 6.15 7.81 22.45
CA PRO A 468 6.83 8.97 21.87
C PRO A 468 6.88 10.14 22.85
N SER A 469 7.78 10.08 23.81
CA SER A 469 7.98 11.20 24.71
C SER A 469 8.71 12.31 23.95
N ASN A 470 8.83 13.48 24.57
CA ASN A 470 9.50 14.58 23.90
C ASN A 470 10.98 14.28 23.71
N ASP A 471 11.57 13.49 24.62
CA ASP A 471 12.98 13.16 24.55
C ASP A 471 13.26 11.83 23.87
N SER A 472 12.30 10.91 23.83
CA SER A 472 12.57 9.59 23.29
C SER A 472 13.04 9.70 21.85
N ARG A 473 14.01 8.87 21.48
CA ARG A 473 14.54 8.84 20.14
C ARG A 473 13.75 7.86 19.29
N GLN A 474 13.75 8.09 17.97
CA GLN A 474 13.10 7.17 17.06
C GLN A 474 13.96 6.94 15.83
N MET A 475 13.77 5.78 15.21
CA MET A 475 14.39 5.50 13.92
C MET A 475 13.58 6.18 12.82
N HIS A 476 14.26 6.88 11.93
CA HIS A 476 13.57 7.67 10.93
C HIS A 476 12.54 6.82 10.20
N GLN A 477 11.37 7.41 9.97
CA GLN A 477 10.28 6.70 9.34
C GLN A 477 10.64 6.27 7.92
N ALA A 478 11.44 7.07 7.23
CA ALA A 478 11.79 6.74 5.85
C ALA A 478 12.44 5.37 5.78
N LEU A 479 13.27 5.04 6.77
CA LEU A 479 13.87 3.72 6.82
C LEU A 479 12.84 2.66 7.22
N GLN A 480 11.97 2.97 8.18
CA GLN A 480 10.95 2.00 8.56
C GLN A 480 10.05 1.69 7.38
N ASP A 481 9.69 2.71 6.61
CA ASP A 481 8.81 2.50 5.47
C ASP A 481 9.52 1.71 4.39
N PHE A 482 10.78 2.04 4.12
CA PHE A 482 11.54 1.28 3.15
C PHE A 482 11.63 -0.18 3.53
N LEU A 483 12.00 -0.47 4.78
CA LEU A 483 12.12 -1.85 5.20
C LEU A 483 10.77 -2.55 5.21
N SER A 484 9.71 -1.85 5.60
CA SER A 484 8.39 -2.44 5.62
C SER A 484 7.87 -2.68 4.20
N ALA A 485 8.39 -1.93 3.23
CA ALA A 485 7.97 -2.13 1.85
C ALA A 485 8.35 -3.51 1.35
N GLN A 486 9.26 -4.19 2.04
CA GLN A 486 9.65 -5.53 1.64
C GLN A 486 8.95 -6.50 2.59
N GLN A 487 7.74 -6.93 2.21
CA GLN A 487 6.88 -7.70 3.10
C GLN A 487 7.49 -9.03 3.48
N VAL A 488 8.46 -9.49 2.69
CA VAL A 488 9.02 -10.83 2.85
C VAL A 488 9.70 -11.05 4.19
N GLN A 489 10.10 -9.97 4.89
CA GLN A 489 10.70 -10.12 6.21
C GLN A 489 10.01 -9.30 7.29
N ALA A 490 8.73 -9.00 7.13
CA ALA A 490 7.90 -8.42 8.20
C ALA A 490 8.69 -7.83 9.36
N PRO A 491 9.09 -6.56 9.30
CA PRO A 491 9.82 -5.97 10.42
C PRO A 491 9.00 -5.95 11.71
N VAL A 492 9.71 -5.99 12.84
CA VAL A 492 9.13 -5.88 14.17
C VAL A 492 9.86 -4.76 14.90
N LYS A 493 9.30 -4.33 16.03
CA LYS A 493 9.86 -3.22 16.77
C LYS A 493 10.21 -3.66 18.18
N LEU A 494 11.44 -3.38 18.60
CA LEU A 494 11.88 -3.68 19.96
C LEU A 494 12.14 -2.40 20.73
N TYR A 495 12.34 -2.56 22.03
CA TYR A 495 12.58 -1.44 22.93
C TYR A 495 14.08 -1.31 23.19
N SER A 496 14.66 -0.20 22.73
CA SER A 496 16.08 0.05 22.96
C SER A 496 16.40 1.44 23.45
N ASP A 497 15.45 2.37 23.55
CA ASP A 497 15.80 3.72 23.94
C ASP A 497 16.40 3.81 25.33
N TRP A 498 16.30 2.74 26.13
CA TRP A 498 16.89 2.76 27.46
C TRP A 498 18.41 2.72 27.43
N LEU A 499 19.01 2.36 26.30
CA LEU A 499 20.45 2.34 26.18
C LEU A 499 20.98 3.72 25.82
N SER A 500 22.22 3.98 26.22
CA SER A 500 22.86 5.24 25.85
C SER A 500 23.07 5.33 24.33
N VAL A 501 23.28 4.19 23.69
CA VAL A 501 23.47 4.18 22.25
C VAL A 501 22.16 3.91 21.51
N GLY A 502 21.39 2.93 21.97
CA GLY A 502 20.13 2.59 21.33
C GLY A 502 20.20 1.47 20.31
N HIS A 503 21.38 0.97 19.97
CA HIS A 503 21.46 -0.11 19.00
C HIS A 503 20.88 -1.39 19.60
N VAL A 504 19.89 -1.97 18.90
CA VAL A 504 19.20 -3.13 19.45
C VAL A 504 20.15 -4.28 19.69
N ASP A 505 21.20 -4.39 18.89
CA ASP A 505 22.07 -5.55 18.97
C ASP A 505 22.97 -5.52 20.20
N GLU A 506 22.85 -4.48 21.02
CA GLU A 506 23.64 -4.40 22.24
C GLU A 506 23.24 -5.44 23.28
N PHE A 507 21.99 -5.91 23.27
CA PHE A 507 21.56 -6.85 24.28
C PHE A 507 21.11 -8.21 23.75
N LEU A 508 21.04 -8.40 22.44
CA LEU A 508 20.59 -9.69 21.93
C LEU A 508 21.42 -10.09 20.72
N SER A 509 21.61 -11.40 20.59
CA SER A 509 22.25 -11.96 19.41
C SER A 509 21.73 -13.38 19.20
N PHE A 510 21.96 -13.90 18.01
CA PHE A 510 21.56 -15.25 17.65
C PHE A 510 22.79 -16.10 17.35
N VAL A 511 22.71 -17.37 17.70
CA VAL A 511 23.77 -18.31 17.32
C VAL A 511 23.16 -19.57 16.73
N PRO A 512 23.88 -20.32 15.91
CA PRO A 512 23.35 -21.61 15.44
C PRO A 512 23.22 -22.61 16.56
N ALA A 513 22.40 -23.62 16.33
CA ALA A 513 22.25 -24.72 17.26
C ALA A 513 22.01 -25.99 16.47
N PRO A 514 22.40 -27.15 17.02
CA PRO A 514 22.28 -28.40 16.23
C PRO A 514 20.90 -29.03 16.27
N ASP A 515 19.94 -28.49 17.01
CA ASP A 515 18.66 -29.15 17.19
C ASP A 515 17.54 -28.13 17.27
N ARG A 516 16.32 -28.65 17.46
CA ARG A 516 15.12 -27.84 17.59
C ARG A 516 15.02 -26.85 16.42
N LYS A 517 15.12 -25.55 16.70
CA LYS A 517 14.97 -24.54 15.66
C LYS A 517 16.27 -24.29 14.92
N GLY A 518 17.37 -24.89 15.37
CA GLY A 518 18.64 -24.65 14.73
C GLY A 518 19.35 -23.40 15.21
N PHE A 519 18.84 -22.73 16.23
CA PHE A 519 19.50 -21.54 16.74
C PHE A 519 19.07 -21.31 18.18
N ARG A 520 19.77 -20.39 18.83
CA ARG A 520 19.44 -19.92 20.15
C ARG A 520 19.48 -18.40 20.18
N LEU A 521 18.62 -17.84 21.02
CA LEU A 521 18.61 -16.40 21.28
C LEU A 521 19.40 -16.10 22.54
N LEU A 522 20.42 -15.27 22.40
CA LEU A 522 21.26 -14.89 23.52
C LEU A 522 20.89 -13.48 23.95
N LEU A 523 20.53 -13.34 25.23
CA LEU A 523 20.15 -12.06 25.81
C LEU A 523 21.11 -11.71 26.94
N ALA A 524 21.38 -10.42 27.11
CA ALA A 524 22.08 -9.97 28.30
C ALA A 524 21.23 -10.26 29.53
N SER A 525 21.86 -10.79 30.58
CA SER A 525 21.14 -11.17 31.80
C SER A 525 21.91 -10.72 33.03
N PRO A 526 21.58 -9.56 33.60
CA PRO A 526 22.18 -9.20 34.89
C PRO A 526 21.86 -10.18 35.99
N ARG A 527 20.77 -10.93 35.86
CA ARG A 527 20.44 -11.93 36.87
C ARG A 527 21.51 -13.01 36.93
N SER A 528 21.90 -13.53 35.76
CA SER A 528 22.91 -14.58 35.72
C SER A 528 24.26 -14.07 36.16
N CYS A 529 24.63 -12.84 35.79
CA CYS A 529 25.92 -12.30 36.21
C CYS A 529 25.94 -12.10 37.71
N TYR A 530 24.84 -11.59 38.27
CA TYR A 530 24.75 -11.43 39.71
C TYR A 530 24.92 -12.76 40.41
N LYS A 531 24.20 -13.78 39.95
CA LYS A 531 24.32 -15.09 40.57
C LYS A 531 25.73 -15.64 40.41
N LEU A 532 26.32 -15.43 39.24
CA LEU A 532 27.68 -15.92 39.01
C LEU A 532 28.63 -15.35 40.05
N PHE A 533 28.56 -14.03 40.27
CA PHE A 533 29.43 -13.43 41.27
C PHE A 533 29.03 -13.86 42.67
N GLN A 534 27.73 -13.90 42.95
CA GLN A 534 27.30 -14.23 44.30
C GLN A 534 27.64 -15.67 44.64
N GLU A 535 27.53 -16.57 43.66
CA GLU A 535 27.90 -17.96 43.92
C GLU A 535 29.38 -18.07 44.24
N GLN A 536 30.21 -17.30 43.55
CA GLN A 536 31.64 -17.35 43.84
C GLN A 536 31.93 -16.83 45.23
N GLN A 537 31.27 -15.75 45.65
CA GLN A 537 31.44 -15.28 47.02
C GLN A 537 30.96 -16.32 48.01
N ASN A 538 29.83 -16.96 47.72
CA ASN A 538 29.31 -17.96 48.65
C ASN A 538 30.25 -19.13 48.80
N GLU A 539 31.03 -19.46 47.78
CA GLU A 539 31.98 -20.56 47.86
C GLU A 539 33.31 -20.17 48.47
N GLY A 540 33.48 -18.92 48.88
CA GLY A 540 34.71 -18.48 49.50
C GLY A 540 35.67 -17.72 48.62
N HIS A 541 35.21 -17.23 47.46
CA HIS A 541 36.06 -16.47 46.55
C HIS A 541 35.67 -15.00 46.48
N GLY A 542 34.95 -14.48 47.48
CA GLY A 542 34.54 -13.09 47.47
C GLY A 542 35.69 -12.11 47.47
N GLU A 543 36.91 -12.59 47.74
CA GLU A 543 38.07 -11.70 47.70
C GLU A 543 38.65 -11.58 46.30
N ALA A 544 38.08 -12.27 45.33
CA ALA A 544 38.59 -12.22 43.96
C ALA A 544 38.36 -10.82 43.37
N LEU A 545 39.29 -10.41 42.52
CA LEU A 545 39.19 -9.15 41.80
C LEU A 545 38.90 -9.41 40.33
N LEU A 546 38.41 -8.38 39.64
CA LEU A 546 38.16 -8.46 38.21
C LEU A 546 39.46 -8.43 37.42
N ILE A 558 35.03 -9.38 44.42
CA ILE A 558 33.75 -9.42 43.72
C ILE A 558 32.63 -9.09 44.68
N LYS A 559 32.86 -9.36 45.96
CA LYS A 559 31.86 -9.02 46.96
C LYS A 559 31.69 -7.52 47.12
N ASN A 560 32.69 -6.72 46.73
CA ASN A 560 32.55 -5.28 46.85
C ASN A 560 31.48 -4.73 45.92
N ILE A 561 31.40 -5.23 44.70
CA ILE A 561 30.38 -4.78 43.75
C ILE A 561 29.03 -5.40 44.05
N LEU A 562 29.02 -6.62 44.58
CA LEU A 562 27.76 -7.24 44.99
C LEU A 562 27.09 -6.45 46.10
N SER A 563 27.89 -5.82 46.96
CA SER A 563 27.33 -5.02 48.03
C SER A 563 26.80 -3.67 47.55
N ASN A 564 27.10 -3.28 46.31
CA ASN A 564 26.78 -1.93 45.87
C ASN A 564 25.29 -1.80 45.59
N LYS A 565 24.64 -0.87 46.31
CA LYS A 565 23.21 -0.69 46.16
C LYS A 565 22.85 -0.02 44.84
N THR A 566 23.64 0.98 44.45
CA THR A 566 23.37 1.68 43.20
C THR A 566 23.42 0.73 42.03
N LEU A 567 24.41 -0.16 42.00
CA LEU A 567 24.50 -1.11 40.91
C LEU A 567 23.26 -1.99 40.85
N ARG A 568 22.82 -2.49 42.01
CA ARG A 568 21.63 -3.33 42.02
C ARG A 568 20.40 -2.58 41.54
N GLU A 569 20.25 -1.30 41.92
CA GLU A 569 19.08 -0.55 41.50
C GLU A 569 19.12 -0.26 40.00
N HIS A 570 20.31 0.03 39.48
CA HIS A 570 20.45 0.29 38.05
C HIS A 570 20.15 -0.96 37.26
N ASN A 571 20.64 -2.10 37.73
CA ASN A 571 20.37 -3.35 37.04
C ASN A 571 18.91 -3.78 37.19
N SER A 572 18.23 -3.42 38.28
CA SER A 572 16.82 -3.73 38.37
C SER A 572 16.02 -2.99 37.29
N PHE A 573 16.32 -1.71 37.11
CA PHE A 573 15.66 -0.95 36.05
C PHE A 573 15.92 -1.60 34.69
N VAL A 574 17.18 -1.90 34.40
CA VAL A 574 17.53 -2.52 33.13
C VAL A 574 16.92 -3.92 33.03
N GLU A 575 16.94 -4.67 34.13
CA GLU A 575 16.41 -6.02 34.10
C GLU A 575 15.05 -6.05 33.45
N ARG A 576 14.17 -5.12 33.84
CA ARG A 576 12.84 -5.10 33.24
C ARG A 576 12.90 -4.58 31.81
N CYS A 577 13.84 -3.67 31.52
CA CYS A 577 13.95 -3.14 30.17
C CYS A 577 14.27 -4.26 29.18
N ILE A 578 15.02 -5.26 29.62
CA ILE A 578 15.37 -6.37 28.74
C ILE A 578 14.27 -7.42 28.71
N ASP A 579 13.69 -7.74 29.88
CA ASP A 579 12.62 -8.73 29.89
C ASP A 579 11.44 -8.26 29.06
N TRP A 580 11.22 -6.95 29.00
CA TRP A 580 10.19 -6.42 28.12
C TRP A 580 10.36 -6.96 26.71
N ASN A 581 11.59 -6.93 26.20
CA ASN A 581 11.84 -7.46 24.87
C ASN A 581 11.77 -8.97 24.85
N ARG A 582 12.17 -9.64 25.94
CA ARG A 582 12.02 -11.09 25.99
C ARG A 582 10.60 -11.49 25.65
N GLU A 583 9.62 -10.80 26.23
CA GLU A 583 8.23 -11.16 25.94
C GLU A 583 7.85 -10.81 24.51
N LEU A 584 8.33 -9.67 24.03
CA LEU A 584 7.99 -9.27 22.66
C LEU A 584 8.51 -10.29 21.66
N LEU A 585 9.74 -10.76 21.86
CA LEU A 585 10.34 -11.71 20.94
C LEU A 585 9.64 -13.06 21.01
N LYS A 586 9.27 -13.49 22.21
CA LYS A 586 8.53 -14.74 22.31
C LYS A 586 7.22 -14.66 21.57
N ARG A 587 6.59 -13.48 21.56
CA ARG A 587 5.32 -13.33 20.87
C ARG A 587 5.51 -13.17 19.36
N GLU A 588 6.48 -12.34 18.96
CA GLU A 588 6.67 -12.04 17.55
C GLU A 588 7.41 -13.15 16.80
N LEU A 589 8.30 -13.87 17.47
CA LEU A 589 9.07 -14.92 16.83
C LEU A 589 8.61 -16.31 17.23
N GLY A 590 7.75 -16.43 18.24
CA GLY A 590 7.29 -17.75 18.66
C GLY A 590 8.31 -18.53 19.46
N LEU A 591 9.23 -17.85 20.14
CA LEU A 591 10.26 -18.55 20.87
C LEU A 591 9.75 -19.07 22.20
N ALA A 592 10.36 -20.15 22.68
CA ALA A 592 10.14 -20.67 24.01
C ALA A 592 11.35 -20.35 24.88
N GLU A 593 11.17 -20.44 26.20
CA GLU A 593 12.27 -20.17 27.11
C GLU A 593 13.42 -21.15 26.90
N SER A 594 13.13 -22.38 26.48
CA SER A 594 14.19 -23.34 26.24
C SER A 594 15.06 -22.94 25.06
N ASP A 595 14.63 -21.97 24.26
CA ASP A 595 15.40 -21.49 23.12
C ASP A 595 16.18 -20.22 23.41
N ILE A 596 16.20 -19.75 24.65
CA ILE A 596 16.84 -18.48 24.99
C ILE A 596 17.92 -18.76 26.03
N ILE A 597 19.09 -18.17 25.82
CA ILE A 597 20.23 -18.34 26.70
C ILE A 597 20.54 -17.01 27.35
N ASP A 598 20.72 -17.04 28.66
CA ASP A 598 21.06 -15.88 29.45
C ASP A 598 22.58 -15.71 29.50
N ILE A 599 23.06 -14.58 29.00
CA ILE A 599 24.48 -14.29 28.93
C ILE A 599 24.80 -13.24 30.00
N PRO A 600 25.73 -13.50 30.91
CA PRO A 600 26.00 -12.52 31.96
C PRO A 600 26.36 -11.15 31.41
N GLN A 601 25.85 -10.10 32.04
CA GLN A 601 26.15 -8.74 31.66
C GLN A 601 25.47 -7.79 32.61
N LEU A 602 26.26 -6.92 33.24
CA LEU A 602 25.77 -5.92 34.16
C LEU A 602 25.76 -4.57 33.47
N PHE A 603 24.87 -3.70 33.92
CA PHE A 603 24.73 -2.38 33.35
C PHE A 603 24.74 -1.33 34.44
N LYS A 604 25.09 -0.11 34.03
CA LYS A 604 25.02 1.05 34.90
C LYS A 604 24.35 2.17 34.14
N LEU A 605 23.82 3.14 34.87
CA LEU A 605 23.21 4.33 34.28
C LEU A 605 24.21 5.48 34.38
N LYS A 606 24.31 6.28 33.32
CA LYS A 606 25.21 7.42 33.31
C LYS A 606 24.40 8.70 33.14
N GLU A 607 24.96 9.66 32.40
CA GLU A 607 24.29 10.94 32.21
C GLU A 607 22.97 10.75 31.49
N PHE A 608 21.96 11.48 31.94
CA PHE A 608 20.60 11.35 31.43
C PHE A 608 20.03 9.98 31.77
N SER A 609 20.65 9.27 32.69
CA SER A 609 20.17 7.98 33.20
C SER A 609 19.99 6.94 32.09
N LYS A 610 20.90 6.93 31.11
CA LYS A 610 20.84 5.90 30.08
C LYS A 610 21.76 4.73 30.43
N ALA A 611 21.35 3.53 30.01
CA ALA A 611 22.09 2.33 30.37
C ALA A 611 23.40 2.24 29.59
N GLU A 612 24.44 1.79 30.27
CA GLU A 612 25.72 1.52 29.64
C GLU A 612 26.27 0.22 30.23
N ALA A 613 27.08 -0.47 29.44
CA ALA A 613 27.64 -1.75 29.87
C ALA A 613 28.60 -1.56 31.05
N PHE A 614 28.44 -2.39 32.08
CA PHE A 614 29.40 -2.37 33.18
C PHE A 614 30.76 -2.93 32.78
N PHE A 615 30.77 -3.99 31.98
CA PHE A 615 32.01 -4.59 31.51
C PHE A 615 31.84 -5.02 30.06
N PRO A 616 32.93 -5.30 29.35
CA PRO A 616 32.86 -5.47 27.90
C PRO A 616 31.68 -6.35 27.48
N ASN A 617 31.01 -5.93 26.41
CA ASN A 617 29.78 -6.59 25.99
C ASN A 617 30.05 -8.02 25.59
N MET A 618 29.21 -8.92 26.09
CA MET A 618 29.35 -10.35 25.80
C MET A 618 28.56 -10.78 24.58
N VAL A 619 27.75 -9.89 24.02
CA VAL A 619 27.11 -10.14 22.73
C VAL A 619 27.62 -9.06 21.79
N ASN A 620 27.02 -8.95 20.61
CA ASN A 620 27.58 -8.17 19.51
C ASN A 620 28.92 -8.73 19.09
N MET A 621 29.02 -10.05 19.04
CA MET A 621 30.26 -10.74 18.71
C MET A 621 30.33 -10.99 17.21
N LEU A 622 31.50 -11.40 16.75
CA LEU A 622 31.71 -11.80 15.36
C LEU A 622 31.46 -13.30 15.25
N VAL A 623 30.42 -13.68 14.52
CA VAL A 623 29.99 -15.07 14.42
C VAL A 623 30.26 -15.56 13.00
N LEU A 624 31.11 -16.58 12.88
CA LEU A 624 31.42 -17.19 11.59
C LEU A 624 31.12 -18.67 11.73
N GLY A 625 29.95 -19.09 11.26
CA GLY A 625 29.59 -20.49 11.36
C GLY A 625 29.54 -20.92 12.82
N LYS A 626 30.28 -21.98 13.13
CA LYS A 626 30.31 -22.51 14.48
C LYS A 626 31.40 -21.88 15.34
N HIS A 627 32.11 -20.89 14.85
CA HIS A 627 33.21 -20.26 15.57
C HIS A 627 32.82 -18.87 16.01
N LEU A 628 32.86 -18.62 17.31
CA LEU A 628 32.36 -17.38 17.91
C LEU A 628 33.53 -16.52 18.35
N GLY A 629 33.62 -15.31 17.78
CA GLY A 629 34.63 -14.36 18.18
C GLY A 629 34.10 -13.49 19.29
N ILE A 630 34.08 -14.02 20.51
CA ILE A 630 33.46 -13.37 21.66
C ILE A 630 34.41 -12.31 22.17
N PRO A 631 33.96 -11.09 22.46
CA PRO A 631 34.85 -10.13 23.10
C PRO A 631 35.34 -10.66 24.44
N LYS A 632 36.60 -10.42 24.74
CA LYS A 632 37.17 -10.90 25.97
C LYS A 632 36.73 -10.02 27.14
N PRO A 633 36.17 -10.58 28.20
CA PRO A 633 35.90 -9.76 29.39
C PRO A 633 37.18 -9.48 30.15
N PHE A 634 37.23 -8.32 30.80
CA PHE A 634 38.39 -7.99 31.64
C PHE A 634 38.19 -8.51 33.06
N GLY A 635 38.19 -9.83 33.21
CA GLY A 635 38.17 -10.43 34.52
C GLY A 635 39.16 -11.57 34.65
N PRO A 636 40.30 -11.53 33.91
CA PRO A 636 41.24 -12.67 34.01
C PRO A 636 42.05 -12.66 35.31
N VAL A 637 41.34 -12.50 36.42
CA VAL A 637 41.98 -12.50 37.74
C VAL A 637 41.25 -13.47 38.66
N ILE A 638 40.03 -13.87 38.30
CA ILE A 638 39.20 -14.66 39.20
C ILE A 638 39.53 -16.14 39.06
N ASN A 639 40.23 -16.68 40.05
CA ASN A 639 40.56 -18.10 40.08
C ASN A 639 41.27 -18.55 38.81
N GLY A 640 42.14 -17.71 38.29
CA GLY A 640 42.89 -18.06 37.09
C GLY A 640 42.07 -17.91 35.84
N ARG A 641 41.01 -18.70 35.71
CA ARG A 641 40.15 -18.64 34.53
C ARG A 641 38.98 -17.71 34.80
N CYS A 642 38.86 -16.64 34.02
CA CYS A 642 37.79 -15.68 34.27
C CYS A 642 36.46 -16.39 34.39
N CYS A 643 35.71 -16.08 35.44
CA CYS A 643 34.43 -16.75 35.67
C CYS A 643 33.45 -16.41 34.56
N LEU A 644 33.56 -15.22 33.98
CA LEU A 644 32.67 -14.85 32.89
C LEU A 644 32.96 -15.70 31.66
N GLU A 645 34.24 -15.97 31.41
CA GLU A 645 34.59 -16.77 30.24
C GLU A 645 34.15 -18.21 30.41
N GLU A 646 34.31 -18.77 31.61
CA GLU A 646 33.90 -20.15 31.84
C GLU A 646 32.39 -20.29 31.78
N LYS A 647 31.67 -19.28 32.28
CA LYS A 647 30.21 -19.36 32.24
C LYS A 647 29.71 -19.31 30.80
N VAL A 648 30.26 -18.39 30.01
CA VAL A 648 29.83 -18.27 28.62
C VAL A 648 30.14 -19.56 27.88
N CYS A 649 31.33 -20.09 28.09
CA CYS A 649 31.70 -21.33 27.42
C CYS A 649 30.78 -22.47 27.85
N SER A 650 30.58 -22.62 29.15
CA SER A 650 29.76 -23.72 29.64
C SER A 650 28.37 -23.69 29.03
N LEU A 651 27.79 -22.50 28.90
CA LEU A 651 26.45 -22.38 28.33
C LEU A 651 26.44 -22.82 26.87
N LEU A 652 27.51 -22.52 26.13
CA LEU A 652 27.50 -22.77 24.70
C LEU A 652 28.16 -24.09 24.29
N GLU A 653 29.09 -24.61 25.09
CA GLU A 653 29.78 -25.84 24.71
C GLU A 653 28.85 -26.99 24.37
N PRO A 654 27.73 -27.21 25.07
CA PRO A 654 26.86 -28.33 24.70
C PRO A 654 26.28 -28.20 23.30
N LEU A 655 26.36 -27.01 22.70
CA LEU A 655 25.85 -26.79 21.35
C LEU A 655 26.86 -27.12 20.27
N GLY A 656 28.10 -27.41 20.63
CA GLY A 656 29.14 -27.66 19.65
C GLY A 656 29.81 -26.42 19.11
N LEU A 657 29.44 -25.25 19.60
CA LEU A 657 30.04 -24.02 19.10
C LEU A 657 31.40 -23.79 19.73
N GLN A 658 32.32 -23.24 18.94
CA GLN A 658 33.70 -23.04 19.37
C GLN A 658 33.86 -21.59 19.81
N CYS A 659 34.10 -21.38 21.10
CA CYS A 659 34.18 -20.04 21.67
C CYS A 659 35.63 -19.64 21.87
N THR A 660 35.99 -18.49 21.31
CA THR A 660 37.27 -17.87 21.55
C THR A 660 37.05 -16.42 21.96
N PHE A 661 37.91 -15.91 22.82
CA PHE A 661 37.75 -14.57 23.36
C PHE A 661 38.82 -13.65 22.79
N ILE A 662 38.39 -12.55 22.18
CA ILE A 662 39.27 -11.63 21.48
C ILE A 662 39.33 -10.35 22.29
N ASN A 663 40.55 -9.85 22.53
CA ASN A 663 40.75 -8.63 23.29
C ASN A 663 40.48 -7.43 22.38
N ASP A 664 39.20 -7.17 22.15
CA ASP A 664 38.80 -6.11 21.23
C ASP A 664 39.33 -4.76 21.71
N GLY A 678 34.56 -1.59 12.83
CA GLY A 678 35.58 -1.52 11.83
C GLY A 678 35.62 -2.74 10.91
N THR A 679 34.57 -3.53 10.86
CA THR A 679 34.49 -4.77 10.07
C THR A 679 33.09 -5.03 9.52
N ASN A 680 32.99 -5.95 8.57
CA ASN A 680 31.71 -6.44 8.06
C ASN A 680 31.81 -7.90 7.61
N VAL A 681 30.68 -8.57 7.40
CA VAL A 681 30.63 -9.94 6.92
C VAL A 681 29.59 -10.04 5.82
N ARG A 682 29.93 -10.66 4.69
CA ARG A 682 28.98 -11.08 3.66
C ARG A 682 28.65 -12.54 3.91
N ARG A 683 27.39 -12.92 3.81
CA ARG A 683 26.95 -14.28 4.13
C ARG A 683 26.11 -14.86 3.01
N LYS A 684 26.06 -16.17 2.98
CA LYS A 684 25.37 -16.90 1.93
C LYS A 684 23.89 -16.52 1.89
N PRO A 685 23.31 -16.28 0.73
CA PRO A 685 21.87 -16.01 0.65
C PRO A 685 21.06 -17.26 0.93
N PHE A 686 19.77 -17.07 1.16
CA PHE A 686 18.87 -18.18 1.48
C PHE A 686 18.66 -19.07 0.28
N SER A 687 18.57 -20.37 0.54
CA SER A 687 18.21 -21.32 -0.51
C SER A 687 16.73 -21.26 -0.84
N PHE A 688 15.93 -20.74 0.09
CA PHE A 688 14.51 -20.56 -0.15
C PHE A 688 14.30 -19.46 -1.18
N LYS A 689 13.31 -19.65 -2.06
CA LYS A 689 12.99 -18.66 -3.08
C LYS A 689 11.91 -17.73 -2.56
N TRP A 690 12.24 -16.45 -2.41
CA TRP A 690 11.34 -15.54 -1.71
C TRP A 690 9.98 -15.45 -2.41
N TRP A 691 9.95 -15.64 -3.73
CA TRP A 691 8.68 -15.48 -4.43
C TRP A 691 7.75 -16.65 -4.20
N ASN A 692 8.17 -17.68 -3.48
CA ASN A 692 7.28 -18.80 -3.20
C ASN A 692 6.53 -18.66 -1.89
N MET A 693 6.73 -17.57 -1.15
CA MET A 693 5.96 -17.37 0.07
C MET A 693 4.68 -16.60 -0.22
N VAL A 694 3.72 -16.72 0.69
CA VAL A 694 2.47 -16.00 0.57
C VAL A 694 2.66 -14.55 0.98
N ASP B 1 52.56 1.68 -23.91
CA ASP B 1 52.24 0.31 -23.52
C ASP B 1 52.67 0.03 -22.09
N ILE B 2 52.08 -0.99 -21.48
CA ILE B 2 52.35 -1.33 -20.08
C ILE B 2 53.09 -2.66 -20.09
N GLN B 3 54.40 -2.61 -19.83
CA GLN B 3 55.26 -3.79 -19.96
C GLN B 3 55.23 -4.54 -18.64
N MET B 4 54.99 -5.84 -18.72
CA MET B 4 55.14 -6.71 -17.55
C MET B 4 56.57 -7.24 -17.49
N THR B 5 57.15 -7.21 -16.29
CA THR B 5 58.47 -7.79 -16.06
C THR B 5 58.32 -8.90 -15.02
N GLN B 6 58.64 -10.12 -15.43
CA GLN B 6 58.61 -11.26 -14.52
C GLN B 6 60.02 -11.62 -14.09
N SER B 7 60.14 -12.21 -12.90
CA SER B 7 61.41 -12.68 -12.40
C SER B 7 61.19 -13.78 -11.36
N PRO B 8 61.95 -14.87 -11.40
CA PRO B 8 62.97 -15.27 -12.39
C PRO B 8 62.34 -15.81 -13.66
N SER B 9 63.16 -16.07 -14.69
CA SER B 9 62.63 -16.71 -15.90
C SER B 9 62.32 -18.18 -15.67
N SER B 10 63.00 -18.82 -14.73
CA SER B 10 62.77 -20.22 -14.42
C SER B 10 63.12 -20.49 -12.96
N LEU B 11 62.48 -21.51 -12.39
CA LEU B 11 62.80 -21.95 -11.04
C LEU B 11 63.29 -23.39 -11.06
N SER B 12 63.98 -23.76 -10.00
CA SER B 12 64.41 -25.13 -9.76
C SER B 12 64.15 -25.47 -8.31
N ALA B 13 63.23 -26.41 -8.06
CA ALA B 13 62.82 -26.78 -6.72
C ALA B 13 62.37 -28.22 -6.74
N SER B 14 62.35 -28.85 -5.57
CA SER B 14 61.89 -30.23 -5.47
C SER B 14 60.48 -30.25 -4.90
N VAL B 15 59.90 -31.45 -4.88
CA VAL B 15 58.57 -31.63 -4.32
C VAL B 15 58.61 -31.37 -2.83
N GLY B 16 57.69 -30.54 -2.35
CA GLY B 16 57.64 -30.13 -0.97
C GLY B 16 58.29 -28.79 -0.69
N ASP B 17 59.02 -28.24 -1.67
CA ASP B 17 59.65 -26.95 -1.47
C ASP B 17 58.65 -25.81 -1.64
N ARG B 18 58.86 -24.73 -0.90
CA ARG B 18 58.07 -23.52 -1.05
C ARG B 18 58.74 -22.56 -2.02
N VAL B 19 57.99 -22.10 -3.02
CA VAL B 19 58.55 -21.21 -4.04
C VAL B 19 57.65 -20.01 -4.25
N THR B 20 58.25 -18.91 -4.72
CA THR B 20 57.55 -17.68 -5.04
C THR B 20 58.00 -17.17 -6.39
N ILE B 21 57.07 -16.53 -7.11
CA ILE B 21 57.35 -15.86 -8.37
C ILE B 21 56.90 -14.42 -8.22
N THR B 22 57.75 -13.49 -8.64
CA THR B 22 57.44 -12.08 -8.52
C THR B 22 57.34 -11.44 -9.90
N CYS B 23 56.53 -10.40 -9.97
CA CYS B 23 56.35 -9.63 -11.19
C CYS B 23 56.30 -8.15 -10.83
N ARG B 24 56.95 -7.33 -11.66
CA ARG B 24 57.02 -5.89 -11.44
C ARG B 24 56.16 -5.17 -12.47
N ALA B 25 55.32 -4.25 -11.98
CA ALA B 25 54.51 -3.43 -12.88
C ALA B 25 55.29 -2.21 -13.34
N SER B 26 54.93 -1.70 -14.52
CA SER B 26 55.54 -0.48 -15.04
C SER B 26 54.79 0.77 -14.62
N GLN B 27 53.64 0.63 -13.98
CA GLN B 27 52.85 1.78 -13.55
C GLN B 27 52.08 1.38 -12.30
N SER B 28 51.50 2.39 -11.64
CA SER B 28 50.76 2.15 -10.42
C SER B 28 49.38 1.55 -10.71
N VAL B 29 49.37 0.26 -11.06
CA VAL B 29 48.11 -0.41 -11.37
C VAL B 29 47.39 -0.80 -10.10
N SER B 30 46.09 -0.53 -10.05
CA SER B 30 45.28 -0.61 -8.83
C SER B 30 44.97 -2.05 -8.45
N SER B 31 45.99 -2.81 -8.05
CA SER B 31 45.94 -4.25 -7.70
C SER B 31 45.43 -5.20 -8.81
N ALA B 32 45.15 -4.65 -9.99
CA ALA B 32 44.56 -5.35 -11.12
C ALA B 32 45.59 -6.21 -11.84
N VAL B 33 45.90 -7.37 -11.27
CA VAL B 33 46.69 -8.41 -11.94
C VAL B 33 46.13 -9.80 -11.66
N ALA B 34 46.48 -10.75 -12.51
CA ALA B 34 46.04 -12.14 -12.42
C ALA B 34 47.18 -13.08 -12.80
N TRP B 35 47.08 -14.34 -12.37
CA TRP B 35 48.12 -15.35 -12.52
C TRP B 35 47.56 -16.58 -13.21
N TYR B 36 48.25 -17.09 -14.22
CA TYR B 36 47.85 -18.24 -15.01
C TYR B 36 48.89 -19.33 -14.99
N GLN B 37 48.45 -20.58 -15.03
CA GLN B 37 49.29 -21.76 -15.01
C GLN B 37 49.05 -22.56 -16.28
N GLN B 38 50.10 -22.74 -17.07
CA GLN B 38 50.01 -23.42 -18.36
C GLN B 38 50.67 -24.79 -18.27
N LYS B 39 49.88 -25.83 -18.44
CA LYS B 39 50.40 -27.20 -18.52
C LYS B 39 50.96 -27.41 -19.93
N PRO B 40 51.96 -28.27 -20.13
CA PRO B 40 52.46 -28.50 -21.47
C PRO B 40 51.42 -28.93 -22.50
N GLY B 41 51.31 -28.15 -23.58
CA GLY B 41 50.40 -28.48 -24.65
C GLY B 41 48.95 -28.16 -24.37
N LYS B 42 48.67 -27.50 -23.25
CA LYS B 42 47.30 -27.21 -22.83
C LYS B 42 47.12 -25.70 -22.79
N ALA B 43 45.85 -25.28 -22.82
CA ALA B 43 45.54 -23.88 -22.68
C ALA B 43 45.89 -23.42 -21.27
N PRO B 44 46.19 -22.14 -21.08
CA PRO B 44 46.46 -21.64 -19.73
C PRO B 44 45.24 -21.81 -18.83
N LYS B 45 45.52 -22.03 -17.55
CA LYS B 45 44.48 -22.10 -16.53
C LYS B 45 44.61 -20.89 -15.62
N LEU B 46 43.49 -20.42 -15.08
CA LEU B 46 43.43 -19.28 -14.18
C LEU B 46 43.57 -19.76 -12.74
N LEU B 47 44.48 -19.14 -11.99
CA LEU B 47 44.65 -19.38 -10.56
C LEU B 47 44.18 -18.20 -9.72
N ILE B 48 44.64 -16.98 -9.97
CA ILE B 48 44.35 -15.81 -9.13
C ILE B 48 43.85 -14.69 -10.03
N TYR B 49 42.70 -14.09 -9.72
CA TYR B 49 42.01 -13.20 -10.67
C TYR B 49 42.07 -11.71 -10.32
N SER B 50 42.45 -11.39 -9.10
CA SER B 50 42.92 -10.06 -8.69
C SER B 50 43.96 -10.28 -7.60
N ALA B 51 44.85 -9.34 -7.32
CA ALA B 51 45.88 -9.58 -6.31
C ALA B 51 45.24 -10.04 -4.99
N SER B 52 45.68 -11.22 -4.52
CA SER B 52 45.10 -12.04 -3.44
C SER B 52 43.74 -12.71 -3.65
N SER B 53 42.99 -12.43 -4.71
CA SER B 53 41.71 -13.09 -5.01
C SER B 53 41.92 -14.44 -5.69
N LEU B 54 41.96 -15.50 -4.90
CA LEU B 54 42.09 -16.86 -5.40
C LEU B 54 40.85 -17.29 -6.19
N TYR B 55 41.04 -17.84 -7.39
CA TYR B 55 39.95 -18.33 -8.21
C TYR B 55 39.32 -19.55 -7.55
N SER B 56 38.00 -19.63 -7.62
CA SER B 56 37.27 -20.75 -7.06
C SER B 56 37.73 -22.06 -7.68
N GLY B 57 37.88 -23.08 -6.84
CA GLY B 57 38.31 -24.38 -7.29
C GLY B 57 39.80 -24.61 -7.22
N VAL B 58 40.59 -23.58 -6.99
CA VAL B 58 42.05 -23.74 -6.92
C VAL B 58 42.42 -24.22 -5.52
N PRO B 59 43.30 -25.21 -5.37
CA PRO B 59 43.71 -25.64 -4.04
C PRO B 59 44.32 -24.50 -3.24
N SER B 60 44.18 -24.58 -1.92
CA SER B 60 44.71 -23.56 -1.04
C SER B 60 46.23 -23.44 -1.09
N ARG B 61 46.91 -24.36 -1.77
CA ARG B 61 48.37 -24.26 -1.88
C ARG B 61 48.79 -22.99 -2.60
N PHE B 62 47.90 -22.40 -3.39
CA PHE B 62 48.24 -21.25 -4.20
C PHE B 62 47.72 -19.99 -3.54
N SER B 63 48.59 -18.97 -3.46
CA SER B 63 48.19 -17.68 -2.95
C SER B 63 49.14 -16.63 -3.51
N GLY B 64 48.80 -15.37 -3.28
CA GLY B 64 49.64 -14.30 -3.77
C GLY B 64 49.17 -12.98 -3.18
N SER B 65 49.97 -11.95 -3.43
CA SER B 65 49.65 -10.65 -2.86
C SER B 65 50.38 -9.56 -3.60
N ARG B 66 49.94 -8.33 -3.37
CA ARG B 66 50.64 -7.12 -3.81
C ARG B 66 51.69 -6.74 -2.79
N SER B 67 52.74 -6.10 -3.25
CA SER B 67 53.78 -5.50 -2.41
C SER B 67 54.24 -4.24 -3.16
N GLY B 68 53.51 -3.15 -2.97
CA GLY B 68 53.79 -1.93 -3.68
C GLY B 68 53.60 -2.13 -5.17
N THR B 69 54.65 -1.90 -5.95
CA THR B 69 54.57 -2.08 -7.39
C THR B 69 54.81 -3.51 -7.84
N ASP B 70 55.22 -4.41 -6.95
CA ASP B 70 55.48 -5.79 -7.29
C ASP B 70 54.34 -6.69 -6.82
N PHE B 71 54.18 -7.81 -7.50
CA PHE B 71 53.19 -8.82 -7.15
C PHE B 71 53.87 -10.17 -7.04
N THR B 72 53.39 -10.99 -6.11
CA THR B 72 54.02 -12.27 -5.83
C THR B 72 52.98 -13.38 -5.88
N LEU B 73 53.39 -14.49 -6.49
CA LEU B 73 52.65 -15.76 -6.45
C LEU B 73 53.42 -16.73 -5.57
N THR B 74 52.74 -17.34 -4.62
CA THR B 74 53.36 -18.26 -3.69
C THR B 74 52.67 -19.62 -3.76
N ILE B 75 53.49 -20.67 -3.74
CA ILE B 75 53.01 -22.04 -3.58
C ILE B 75 53.61 -22.56 -2.28
N SER B 76 52.74 -22.87 -1.32
CA SER B 76 53.20 -23.21 0.02
C SER B 76 54.07 -24.45 0.01
N SER B 77 53.83 -25.37 -0.93
CA SER B 77 54.64 -26.57 -1.03
C SER B 77 54.36 -27.20 -2.39
N LEU B 78 55.37 -27.28 -3.24
CA LEU B 78 55.20 -27.82 -4.57
C LEU B 78 54.80 -29.29 -4.50
N GLN B 79 53.75 -29.65 -5.24
CA GLN B 79 53.35 -31.03 -5.45
C GLN B 79 53.79 -31.51 -6.82
N PRO B 80 53.83 -32.83 -7.03
CA PRO B 80 54.25 -33.34 -8.35
C PRO B 80 53.49 -32.75 -9.52
N GLU B 81 52.25 -32.30 -9.30
CA GLU B 81 51.46 -31.74 -10.38
C GLU B 81 51.54 -30.23 -10.49
N ASP B 82 52.34 -29.58 -9.64
CA ASP B 82 52.39 -28.12 -9.65
C ASP B 82 53.47 -27.56 -10.55
N PHE B 83 54.19 -28.39 -11.30
CA PHE B 83 55.28 -27.88 -12.12
C PHE B 83 54.77 -27.54 -13.51
N ALA B 84 54.79 -26.26 -13.84
CA ALA B 84 54.18 -25.72 -15.06
C ALA B 84 54.80 -24.35 -15.30
N THR B 85 54.47 -23.73 -16.42
CA THR B 85 54.92 -22.37 -16.73
C THR B 85 53.84 -21.39 -16.28
N TYR B 86 54.22 -20.40 -15.48
CA TYR B 86 53.26 -19.45 -14.95
C TYR B 86 53.37 -18.11 -15.66
N TYR B 87 52.22 -17.48 -15.87
CA TYR B 87 52.12 -16.18 -16.51
C TYR B 87 51.43 -15.17 -15.60
N CYS B 88 51.80 -13.91 -15.73
CA CYS B 88 51.17 -12.83 -14.99
C CYS B 88 50.53 -11.84 -15.96
N GLN B 89 49.28 -11.49 -15.73
CA GLN B 89 48.51 -10.60 -16.59
C GLN B 89 48.20 -9.30 -15.87
N GLN B 90 48.28 -8.19 -16.59
CA GLN B 90 47.94 -6.87 -16.10
C GLN B 90 46.89 -6.28 -17.01
N SER B 91 45.63 -6.64 -16.82
CA SER B 91 44.46 -6.18 -17.58
C SER B 91 44.02 -4.75 -17.20
N SER B 92 44.96 -3.82 -17.03
CA SER B 92 44.70 -2.51 -16.46
C SER B 92 44.15 -1.50 -17.45
N SER B 93 44.14 -1.79 -18.75
CA SER B 93 43.69 -0.85 -19.79
C SER B 93 42.94 -1.57 -20.91
N SER B 94 42.50 -0.82 -21.92
CA SER B 94 41.99 -1.40 -23.17
C SER B 94 43.03 -2.29 -23.89
N LEU B 95 44.34 -2.13 -23.61
CA LEU B 95 45.39 -2.95 -24.18
C LEU B 95 45.89 -3.90 -23.10
N VAL B 96 45.56 -5.17 -23.24
CA VAL B 96 45.98 -6.24 -22.33
C VAL B 96 47.41 -6.64 -22.67
N THR B 97 48.26 -6.87 -21.66
CA THR B 97 49.60 -7.38 -21.87
C THR B 97 49.85 -8.50 -20.88
N PHE B 98 50.70 -9.45 -21.23
CA PHE B 98 51.14 -10.52 -20.33
C PHE B 98 52.64 -10.42 -20.10
N GLY B 99 53.10 -11.06 -19.05
CA GLY B 99 54.52 -11.20 -18.80
C GLY B 99 55.17 -12.25 -19.66
N GLN B 100 56.43 -12.53 -19.36
CA GLN B 100 57.21 -13.46 -20.19
C GLN B 100 56.87 -14.91 -19.90
N GLY B 101 56.41 -15.23 -18.69
CA GLY B 101 56.20 -16.61 -18.32
C GLY B 101 57.36 -17.16 -17.53
N THR B 102 57.09 -17.78 -16.39
CA THR B 102 58.12 -18.35 -15.53
C THR B 102 57.90 -19.85 -15.39
N LYS B 103 58.92 -20.63 -15.75
CA LYS B 103 58.81 -22.08 -15.72
C LYS B 103 59.41 -22.60 -14.43
N VAL B 104 58.68 -23.47 -13.74
CA VAL B 104 59.12 -24.11 -12.51
C VAL B 104 59.53 -25.54 -12.84
N GLU B 105 60.81 -25.84 -12.67
CA GLU B 105 61.36 -27.15 -12.95
C GLU B 105 61.55 -27.92 -11.65
N ILE B 106 61.57 -29.25 -11.76
CA ILE B 106 61.76 -30.10 -10.59
C ILE B 106 63.23 -30.05 -10.17
N GLU C 1 28.96 -29.51 -20.41
CA GLU C 1 28.38 -28.84 -21.58
C GLU C 1 28.85 -27.39 -21.69
N VAL C 2 29.51 -26.86 -20.65
CA VAL C 2 29.92 -25.46 -20.65
C VAL C 2 31.38 -25.42 -21.12
N GLN C 3 31.60 -24.95 -22.34
CA GLN C 3 32.93 -24.93 -22.92
C GLN C 3 32.91 -24.04 -24.16
N LEU C 4 34.10 -23.60 -24.56
CA LEU C 4 34.34 -22.90 -25.83
C LEU C 4 35.10 -23.83 -26.77
N VAL C 5 34.73 -23.83 -28.05
CA VAL C 5 35.43 -24.56 -29.10
C VAL C 5 35.79 -23.60 -30.20
N GLU C 6 36.95 -23.79 -30.80
CA GLU C 6 37.44 -22.90 -31.84
C GLU C 6 37.76 -23.72 -33.09
N SER C 7 37.70 -23.05 -34.25
CA SER C 7 38.02 -23.70 -35.51
C SER C 7 38.41 -22.65 -36.53
N GLY C 8 38.72 -23.10 -37.74
CA GLY C 8 39.09 -22.22 -38.83
C GLY C 8 40.57 -22.13 -39.11
N GLY C 9 41.40 -22.92 -38.43
CA GLY C 9 42.83 -22.86 -38.66
C GLY C 9 43.26 -23.68 -39.85
N GLY C 10 44.57 -23.81 -39.98
CA GLY C 10 45.17 -24.53 -41.10
C GLY C 10 46.38 -23.78 -41.63
N LEU C 11 46.81 -24.18 -42.81
CA LEU C 11 47.99 -23.60 -43.45
C LEU C 11 47.53 -22.59 -44.49
N VAL C 12 48.10 -21.40 -44.43
CA VAL C 12 47.81 -20.36 -45.41
C VAL C 12 49.12 -19.82 -45.95
N GLN C 13 49.09 -19.39 -47.20
CA GLN C 13 50.26 -18.81 -47.81
C GLN C 13 50.43 -17.36 -47.36
N PRO C 14 51.66 -16.86 -47.32
CA PRO C 14 51.86 -15.46 -46.91
C PRO C 14 51.03 -14.51 -47.76
N GLY C 15 50.40 -13.54 -47.11
CA GLY C 15 49.54 -12.61 -47.79
C GLY C 15 48.09 -13.01 -47.85
N GLY C 16 47.76 -14.25 -47.48
CA GLY C 16 46.39 -14.71 -47.50
C GLY C 16 45.62 -14.35 -46.25
N SER C 17 44.48 -15.00 -46.04
CA SER C 17 43.60 -14.70 -44.92
C SER C 17 42.98 -15.97 -44.39
N LEU C 18 42.60 -15.91 -43.12
CA LEU C 18 41.92 -17.00 -42.44
C LEU C 18 40.80 -16.40 -41.60
N ARG C 19 39.70 -17.15 -41.45
CA ARG C 19 38.53 -16.76 -40.65
C ARG C 19 38.38 -17.72 -39.50
N LEU C 20 38.79 -17.30 -38.30
CA LEU C 20 38.67 -18.14 -37.12
C LEU C 20 37.34 -17.89 -36.44
N SER C 21 36.82 -18.92 -35.77
CA SER C 21 35.58 -18.80 -35.04
C SER C 21 35.69 -19.47 -33.67
N CYS C 22 34.88 -19.00 -32.73
CA CYS C 22 34.75 -19.58 -31.40
C CYS C 22 33.27 -19.70 -31.07
N ALA C 23 32.78 -20.93 -30.91
CA ALA C 23 31.39 -21.18 -30.62
C ALA C 23 31.23 -21.54 -29.15
N ALA C 24 30.19 -21.02 -28.51
CA ALA C 24 29.91 -21.32 -27.12
C ALA C 24 28.97 -22.51 -27.01
N SER C 25 29.21 -23.32 -25.97
CA SER C 25 28.28 -24.41 -25.64
C SER C 25 27.85 -24.27 -24.19
N GLY C 26 26.54 -24.31 -23.97
CA GLY C 26 26.01 -24.15 -22.63
C GLY C 26 26.18 -22.76 -22.06
N PHE C 27 26.29 -21.75 -22.93
CA PHE C 27 26.60 -20.40 -22.48
C PHE C 27 25.85 -19.43 -23.39
N ASN C 28 25.19 -18.44 -22.79
CA ASN C 28 24.32 -17.52 -23.51
C ASN C 28 25.08 -16.45 -24.29
N PHE C 29 26.41 -16.46 -24.26
CA PHE C 29 27.21 -15.51 -25.03
C PHE C 29 26.98 -14.06 -24.63
N TYR C 30 26.67 -13.79 -23.37
CA TYR C 30 26.48 -12.41 -22.94
C TYR C 30 27.79 -11.72 -22.56
N TYR C 31 28.86 -12.47 -22.34
CA TYR C 31 30.09 -11.92 -21.79
C TYR C 31 31.04 -11.51 -22.90
N SER C 32 31.91 -10.55 -22.59
CA SER C 32 32.90 -10.12 -23.57
C SER C 32 33.81 -11.29 -23.94
N ILE C 33 34.23 -11.33 -25.20
CA ILE C 33 35.04 -12.42 -25.72
C ILE C 33 36.41 -11.89 -26.13
N HIS C 34 37.46 -12.62 -25.77
CA HIS C 34 38.85 -12.27 -26.01
C HIS C 34 39.57 -13.34 -26.82
N TRP C 35 40.49 -12.90 -27.67
CA TRP C 35 41.38 -13.80 -28.40
C TRP C 35 42.81 -13.55 -27.95
N VAL C 36 43.56 -14.61 -27.68
CA VAL C 36 44.95 -14.56 -27.22
C VAL C 36 45.75 -15.60 -27.96
N ARG C 37 46.88 -15.25 -28.54
CA ARG C 37 47.71 -16.13 -29.35
C ARG C 37 49.06 -16.33 -28.69
N GLN C 38 49.63 -17.51 -28.94
CA GLN C 38 50.94 -17.89 -28.38
C GLN C 38 51.75 -18.51 -29.51
N ALA C 39 52.74 -17.79 -30.01
CA ALA C 39 53.63 -18.35 -31.01
C ALA C 39 54.54 -19.37 -30.35
N PRO C 40 54.95 -20.42 -31.06
CA PRO C 40 55.86 -21.40 -30.45
C PRO C 40 57.10 -20.72 -29.91
N GLY C 41 57.46 -21.07 -28.68
CA GLY C 41 58.62 -20.48 -28.05
C GLY C 41 58.37 -19.13 -27.39
N LYS C 42 57.16 -18.60 -27.48
CA LYS C 42 56.82 -17.29 -26.93
C LYS C 42 55.76 -17.45 -25.86
N GLY C 43 55.50 -16.36 -25.15
CA GLY C 43 54.43 -16.35 -24.17
C GLY C 43 53.10 -15.95 -24.77
N LEU C 44 52.17 -15.57 -23.88
CA LEU C 44 50.83 -15.22 -24.32
C LEU C 44 50.79 -13.78 -24.80
N GLU C 45 50.13 -13.56 -25.93
CA GLU C 45 49.92 -12.22 -26.47
C GLU C 45 48.44 -12.02 -26.72
N TRP C 46 47.80 -11.10 -26.02
CA TRP C 46 46.40 -10.81 -26.27
C TRP C 46 46.26 -10.13 -27.62
N VAL C 47 45.22 -10.49 -28.37
CA VAL C 47 45.01 -10.10 -29.75
C VAL C 47 43.89 -9.07 -29.82
N ALA C 48 42.70 -9.45 -29.37
CA ALA C 48 41.54 -8.59 -29.59
C ALA C 48 40.41 -8.96 -28.64
N SER C 49 39.46 -8.06 -28.52
CA SER C 49 38.26 -8.24 -27.71
C SER C 49 37.05 -7.65 -28.41
N ILE C 50 35.89 -8.20 -28.08
CA ILE C 50 34.58 -7.72 -28.50
C ILE C 50 33.60 -7.77 -27.35
N SER C 51 32.77 -6.73 -27.21
CA SER C 51 31.54 -6.79 -26.44
C SER C 51 30.36 -7.02 -27.38
N PRO C 52 29.77 -8.23 -27.47
CA PRO C 52 28.84 -8.57 -28.55
C PRO C 52 27.67 -7.61 -28.69
N TYR C 53 26.93 -7.37 -27.62
CA TYR C 53 25.73 -6.54 -27.60
C TYR C 53 26.01 -5.04 -27.48
N SER C 54 27.25 -4.58 -27.62
CA SER C 54 27.53 -3.14 -27.77
C SER C 54 28.49 -2.82 -28.91
N GLY C 55 29.11 -3.82 -29.53
CA GLY C 55 29.99 -3.63 -30.68
C GLY C 55 31.28 -2.89 -30.37
N TYR C 56 31.58 -2.58 -29.10
CA TYR C 56 32.92 -2.13 -28.76
C TYR C 56 33.93 -3.24 -29.00
N THR C 57 35.02 -2.90 -29.66
CA THR C 57 36.10 -3.83 -29.93
C THR C 57 37.43 -3.17 -29.66
N SER C 58 38.44 -4.00 -29.42
CA SER C 58 39.80 -3.54 -29.17
C SER C 58 40.78 -4.51 -29.81
N TYR C 59 41.88 -3.97 -30.31
CA TYR C 59 42.90 -4.76 -30.96
C TYR C 59 44.25 -4.44 -30.33
N ALA C 60 45.14 -5.44 -30.33
CA ALA C 60 46.53 -5.19 -30.00
C ALA C 60 47.19 -4.37 -31.10
N ASP C 61 48.17 -3.55 -30.70
CA ASP C 61 48.83 -2.68 -31.66
C ASP C 61 49.47 -3.47 -32.80
N SER C 62 49.88 -4.71 -32.55
CA SER C 62 50.59 -5.47 -33.56
C SER C 62 49.66 -5.97 -34.66
N VAL C 63 48.35 -5.91 -34.46
CA VAL C 63 47.39 -6.42 -35.43
C VAL C 63 46.39 -5.37 -35.88
N LYS C 64 46.57 -4.10 -35.52
CA LYS C 64 45.63 -3.07 -35.93
C LYS C 64 45.70 -2.89 -37.44
N GLY C 65 44.53 -2.92 -38.08
CA GLY C 65 44.47 -2.75 -39.52
C GLY C 65 44.51 -4.06 -40.28
N ARG C 66 44.89 -5.14 -39.60
CA ARG C 66 44.99 -6.44 -40.25
C ARG C 66 43.91 -7.40 -39.78
N PHE C 67 43.58 -7.37 -38.50
CA PHE C 67 42.57 -8.25 -37.92
C PHE C 67 41.27 -7.49 -37.73
N THR C 68 40.15 -8.19 -37.90
CA THR C 68 38.81 -7.71 -37.55
C THR C 68 38.10 -8.74 -36.69
N ILE C 69 37.56 -8.35 -35.54
CA ILE C 69 36.80 -9.22 -34.65
C ILE C 69 35.32 -8.90 -34.77
N SER C 70 34.48 -9.93 -34.77
CA SER C 70 33.05 -9.84 -35.03
C SER C 70 32.35 -11.01 -34.34
N ALA C 71 31.02 -10.97 -34.22
CA ALA C 71 30.29 -12.08 -33.61
C ALA C 71 28.84 -12.16 -34.07
N ASP C 72 28.30 -13.36 -34.10
CA ASP C 72 26.88 -13.60 -34.31
C ASP C 72 26.22 -14.02 -33.00
N THR C 73 25.57 -13.06 -32.36
CA THR C 73 24.83 -13.26 -31.11
C THR C 73 23.67 -14.23 -31.26
N SER C 74 23.16 -14.47 -32.46
CA SER C 74 22.14 -15.48 -32.69
C SER C 74 22.71 -16.90 -32.71
N LYS C 75 24.04 -17.07 -32.90
CA LYS C 75 24.69 -18.36 -32.92
C LYS C 75 25.69 -18.54 -31.78
N ASN C 76 25.75 -17.59 -30.85
CA ASN C 76 26.69 -17.65 -29.74
C ASN C 76 28.10 -17.92 -30.24
N THR C 77 28.46 -17.30 -31.36
CA THR C 77 29.74 -17.58 -31.98
C THR C 77 30.46 -16.28 -32.31
N ALA C 78 31.74 -16.23 -31.95
CA ALA C 78 32.61 -15.10 -32.26
C ALA C 78 33.49 -15.46 -33.44
N TYR C 79 33.93 -14.46 -34.18
CA TYR C 79 34.73 -14.59 -35.40
C TYR C 79 35.90 -13.63 -35.35
N LEU C 80 37.06 -14.09 -35.82
CA LEU C 80 38.25 -13.27 -35.97
C LEU C 80 38.71 -13.39 -37.42
N GLN C 81 38.59 -12.30 -38.17
CA GLN C 81 38.98 -12.34 -39.57
C GLN C 81 40.39 -11.78 -39.70
N MET C 82 41.31 -12.62 -40.14
CA MET C 82 42.71 -12.24 -40.20
C MET C 82 43.09 -12.13 -41.67
N ASN C 83 43.42 -10.91 -42.09
CA ASN C 83 43.79 -10.65 -43.48
C ASN C 83 45.28 -10.32 -43.56
N SER C 84 45.85 -10.49 -44.75
CA SER C 84 47.25 -10.16 -45.00
C SER C 84 48.15 -10.82 -43.95
N LEU C 85 47.90 -12.10 -43.70
CA LEU C 85 48.65 -12.83 -42.69
C LEU C 85 50.12 -12.93 -43.07
N ARG C 86 51.00 -12.71 -42.09
CA ARG C 86 52.43 -12.77 -42.27
C ARG C 86 53.03 -13.93 -41.49
N ALA C 87 54.26 -14.29 -41.83
CA ALA C 87 54.94 -15.39 -41.14
C ALA C 87 55.01 -15.11 -39.64
N GLU C 88 55.15 -13.85 -39.27
CA GLU C 88 55.23 -13.51 -37.86
C GLU C 88 53.94 -13.81 -37.13
N ASP C 89 52.84 -14.03 -37.86
CA ASP C 89 51.57 -14.30 -37.22
C ASP C 89 51.37 -15.78 -36.91
N THR C 90 52.34 -16.62 -37.23
CA THR C 90 52.21 -18.03 -36.91
C THR C 90 52.12 -18.20 -35.41
N ALA C 91 51.07 -18.86 -34.95
CA ALA C 91 50.85 -19.01 -33.52
C ALA C 91 49.68 -19.94 -33.29
N VAL C 92 49.52 -20.36 -32.04
CA VAL C 92 48.29 -21.04 -31.64
C VAL C 92 47.35 -20.02 -31.01
N TYR C 93 46.15 -19.91 -31.57
CA TYR C 93 45.20 -18.88 -31.20
C TYR C 93 44.14 -19.45 -30.28
N TYR C 94 43.98 -18.84 -29.10
CA TYR C 94 43.02 -19.25 -28.10
C TYR C 94 41.93 -18.20 -27.98
N CYS C 95 40.77 -18.64 -27.49
CA CYS C 95 39.67 -17.74 -27.20
C CYS C 95 39.20 -18.00 -25.77
N ALA C 96 38.80 -16.93 -25.06
CA ALA C 96 38.31 -17.00 -23.69
C ALA C 96 37.26 -15.91 -23.41
N ARG C 97 36.32 -16.19 -22.50
CA ARG C 97 35.42 -15.16 -21.96
C ARG C 97 36.16 -14.29 -20.95
N LYS C 98 35.74 -13.05 -20.78
CA LYS C 98 36.12 -12.24 -19.62
C LYS C 98 35.59 -12.89 -18.34
N HIS C 99 36.27 -12.68 -17.23
CA HIS C 99 35.82 -13.00 -15.88
C HIS C 99 35.99 -11.76 -14.99
N PRO C 100 34.96 -11.35 -14.24
CA PRO C 100 34.98 -10.09 -13.50
C PRO C 100 35.93 -10.12 -12.31
N GLY C 101 36.37 -8.95 -11.87
CA GLY C 101 37.10 -8.78 -10.61
C GLY C 101 36.18 -8.86 -9.38
N SER C 102 36.68 -8.42 -8.23
CA SER C 102 35.91 -8.37 -6.98
C SER C 102 36.49 -7.31 -6.02
N TYR C 103 35.73 -6.96 -4.98
CA TYR C 103 36.11 -5.95 -4.00
C TYR C 103 37.50 -6.22 -3.39
N PRO C 104 38.33 -5.19 -3.11
CA PRO C 104 38.11 -3.77 -3.36
C PRO C 104 38.57 -3.27 -4.73
N PHE C 105 39.36 -4.07 -5.46
CA PHE C 105 39.97 -3.66 -6.73
C PHE C 105 39.54 -4.58 -7.87
N TRP C 106 38.82 -4.00 -8.83
CA TRP C 106 37.93 -4.71 -9.72
C TRP C 106 38.56 -5.27 -11.01
N GLY C 107 39.88 -5.28 -11.13
CA GLY C 107 40.59 -5.84 -12.28
C GLY C 107 40.16 -7.27 -12.63
N TRP C 108 40.15 -7.59 -13.92
CA TRP C 108 39.42 -8.71 -14.50
C TRP C 108 40.35 -9.72 -15.18
N ALA C 109 39.94 -10.98 -15.24
CA ALA C 109 40.70 -12.08 -15.79
C ALA C 109 40.02 -12.68 -17.03
N LEU C 110 40.54 -13.79 -17.55
CA LEU C 110 40.00 -14.55 -18.66
C LEU C 110 39.76 -15.98 -18.19
N ASP C 111 38.67 -16.60 -18.62
CA ASP C 111 38.24 -17.89 -18.10
C ASP C 111 37.58 -18.76 -19.19
N TYR C 112 37.43 -20.05 -18.90
CA TYR C 112 36.96 -21.07 -19.84
C TYR C 112 37.76 -21.03 -21.16
N TRP C 113 39.08 -20.92 -21.06
CA TRP C 113 39.96 -20.93 -22.23
C TRP C 113 39.70 -22.18 -23.07
N GLY C 114 39.55 -22.00 -24.37
CA GLY C 114 39.30 -23.08 -25.30
C GLY C 114 40.56 -23.83 -25.67
N GLN C 115 40.42 -24.70 -26.68
CA GLN C 115 41.55 -25.51 -27.12
C GLN C 115 42.50 -24.74 -28.01
N GLY C 116 42.03 -23.72 -28.71
CA GLY C 116 42.87 -22.94 -29.57
C GLY C 116 42.99 -23.56 -30.95
N THR C 117 43.46 -22.76 -31.89
CA THR C 117 43.68 -23.26 -33.24
C THR C 117 45.12 -23.01 -33.65
N LEU C 118 45.60 -23.83 -34.58
CA LEU C 118 46.93 -23.71 -35.12
C LEU C 118 46.91 -22.93 -36.43
N VAL C 119 47.58 -21.77 -36.44
CA VAL C 119 47.64 -20.90 -37.60
C VAL C 119 49.08 -20.89 -38.09
N THR C 120 49.29 -21.42 -39.30
CA THR C 120 50.58 -21.48 -39.96
C THR C 120 50.52 -20.69 -41.25
N VAL C 121 51.44 -19.76 -41.42
CA VAL C 121 51.44 -18.92 -42.60
C VAL C 121 52.60 -19.33 -43.50
N GLY D 36 2.62 -11.17 29.39
CA GLY D 36 2.62 -9.83 29.94
C GLY D 36 3.93 -9.46 30.59
N THR D 37 4.14 -9.96 31.81
CA THR D 37 5.35 -9.68 32.57
C THR D 37 5.95 -11.00 33.04
N LEU D 38 7.18 -10.91 33.56
CA LEU D 38 7.89 -12.06 34.09
C LEU D 38 8.15 -11.87 35.58
N ILE D 39 7.78 -12.86 36.36
CA ILE D 39 7.95 -12.84 37.81
C ILE D 39 8.98 -13.90 38.19
N ARG D 40 9.93 -13.50 39.03
CA ARG D 40 10.90 -14.43 39.58
C ARG D 40 10.83 -14.38 41.11
N VAL D 41 11.31 -15.44 41.74
CA VAL D 41 11.32 -15.54 43.20
C VAL D 41 12.74 -15.88 43.68
N THR D 42 13.02 -15.50 44.92
CA THR D 42 14.30 -15.77 45.55
C THR D 42 14.13 -15.64 47.06
N PRO D 43 14.90 -16.39 47.85
CA PRO D 43 14.91 -16.14 49.30
C PRO D 43 15.58 -14.85 49.71
N GLU D 44 16.35 -14.22 48.81
CA GLU D 44 17.12 -13.05 49.21
C GLU D 44 16.22 -11.91 49.65
N GLN D 45 15.22 -11.56 48.85
CA GLN D 45 14.30 -10.49 49.17
C GLN D 45 12.89 -10.90 48.77
N PRO D 46 11.88 -10.46 49.51
CA PRO D 46 10.51 -10.66 49.04
C PRO D 46 10.29 -10.01 47.69
N THR D 47 9.47 -10.66 46.86
CA THR D 47 9.21 -10.20 45.50
C THR D 47 7.73 -9.86 45.33
N HIS D 48 7.45 -8.80 44.59
CA HIS D 48 6.09 -8.30 44.38
C HIS D 48 5.86 -8.19 42.87
N ALA D 49 4.60 -8.31 42.45
CA ALA D 49 4.25 -8.17 41.06
C ALA D 49 2.81 -7.69 40.93
N VAL D 50 2.54 -7.04 39.79
CA VAL D 50 1.20 -6.58 39.42
C VAL D 50 0.77 -7.36 38.19
N CYS D 51 -0.42 -7.98 38.26
CA CYS D 51 -0.94 -8.78 37.17
C CYS D 51 -2.26 -8.20 36.70
N VAL D 52 -2.43 -8.12 35.40
CA VAL D 52 -3.64 -7.57 34.80
C VAL D 52 -4.57 -8.72 34.46
N LEU D 53 -5.82 -8.64 34.91
CA LEU D 53 -6.77 -9.72 34.69
C LEU D 53 -6.92 -10.01 33.21
N GLY D 54 -6.88 -11.30 32.87
CA GLY D 54 -6.96 -11.73 31.50
C GLY D 54 -5.63 -11.92 30.80
N THR D 55 -4.54 -11.44 31.39
CA THR D 55 -3.21 -11.61 30.79
C THR D 55 -2.48 -12.69 31.57
N LEU D 56 -1.94 -13.67 30.84
CA LEU D 56 -1.19 -14.77 31.45
C LEU D 56 0.17 -14.26 31.91
N THR D 57 0.49 -14.45 33.19
CA THR D 57 1.75 -13.94 33.73
C THR D 57 2.70 -15.10 33.98
N GLN D 58 3.93 -14.98 33.48
CA GLN D 58 4.90 -16.06 33.61
C GLN D 58 5.61 -15.96 34.96
N LEU D 59 5.70 -17.10 35.64
CA LEU D 59 6.36 -17.22 36.93
C LEU D 59 7.50 -18.22 36.80
N ASP D 60 8.70 -17.80 37.16
CA ASP D 60 9.89 -18.66 37.11
C ASP D 60 10.24 -19.06 38.53
N ILE D 61 9.89 -20.29 38.89
CA ILE D 61 10.31 -20.81 40.20
C ILE D 61 11.57 -21.64 40.04
N CYS D 62 11.79 -22.17 38.84
CA CYS D 62 12.98 -22.96 38.58
C CYS D 62 14.21 -22.05 38.47
N SER D 63 15.38 -22.68 38.46
CA SER D 63 16.64 -21.96 38.45
C SER D 63 16.71 -20.99 39.63
N SER D 64 16.18 -21.43 40.77
CA SER D 64 16.21 -20.64 41.99
C SER D 64 16.08 -21.57 43.19
N ALA D 65 16.82 -21.26 44.24
CA ALA D 65 16.77 -22.04 45.46
C ALA D 65 15.57 -21.65 46.32
N SER D 71 13.68 -30.19 44.45
CA SER D 71 12.23 -30.28 44.44
C SER D 71 11.62 -29.04 45.08
N PHE D 72 10.49 -28.59 44.54
CA PHE D 72 9.72 -27.51 45.15
C PHE D 72 8.23 -27.70 44.90
N SER D 73 7.43 -27.00 45.70
CA SER D 73 5.98 -27.00 45.56
C SER D 73 5.47 -25.57 45.59
N ILE D 74 4.27 -25.37 45.05
CA ILE D 74 3.62 -24.07 45.00
C ILE D 74 2.25 -24.15 45.67
N ASN D 75 1.98 -23.21 46.56
CA ASN D 75 0.71 -23.11 47.26
C ASN D 75 0.23 -21.68 47.19
N ALA D 76 -0.62 -21.40 46.20
CA ALA D 76 -1.10 -20.04 45.99
C ALA D 76 -2.24 -19.75 46.95
N SER D 77 -2.46 -18.46 47.18
CA SER D 77 -3.56 -18.02 48.03
C SER D 77 -4.90 -18.37 47.38
N PRO D 78 -5.98 -18.38 48.16
CA PRO D 78 -7.30 -18.69 47.60
C PRO D 78 -7.73 -17.73 46.50
N GLY D 79 -7.17 -16.53 46.45
CA GLY D 79 -7.54 -15.58 45.41
C GLY D 79 -6.72 -15.67 44.14
N VAL D 80 -5.81 -16.63 44.03
CA VAL D 80 -4.91 -16.74 42.90
C VAL D 80 -5.01 -18.14 42.31
N VAL D 81 -5.01 -18.20 40.98
CA VAL D 81 -5.05 -19.45 40.23
C VAL D 81 -3.70 -19.62 39.55
N VAL D 82 -3.03 -20.75 39.86
CA VAL D 82 -1.70 -21.06 39.32
C VAL D 82 -1.73 -22.45 38.70
N ASP D 83 -1.06 -22.59 37.56
CA ASP D 83 -0.94 -23.88 36.89
C ASP D 83 0.47 -23.98 36.31
N ILE D 84 0.78 -25.13 35.71
CA ILE D 84 2.12 -25.43 35.22
C ILE D 84 2.01 -25.90 33.78
N ALA D 85 2.84 -25.33 32.92
CA ALA D 85 2.90 -25.70 31.52
C ALA D 85 4.22 -26.41 31.23
N TRP D 100 9.07 -30.39 42.37
CA TRP D 100 9.48 -30.07 41.01
C TRP D 100 10.98 -29.78 40.94
N PRO D 101 11.66 -30.35 39.94
CA PRO D 101 13.12 -30.47 40.00
C PRO D 101 13.89 -29.22 39.60
N LEU D 102 13.28 -28.04 39.61
CA LEU D 102 13.95 -26.79 39.25
C LEU D 102 14.41 -26.80 37.80
N ASP D 103 13.84 -27.67 36.96
CA ASP D 103 14.16 -27.75 35.55
C ASP D 103 13.53 -26.57 34.81
N PRO D 104 14.32 -25.76 34.10
CA PRO D 104 13.75 -24.59 33.41
C PRO D 104 12.60 -24.93 32.47
N GLY D 105 12.43 -26.18 32.05
CA GLY D 105 11.34 -26.52 31.16
C GLY D 105 9.99 -26.50 31.84
N VAL D 106 9.95 -26.32 33.15
CA VAL D 106 8.72 -26.26 33.92
C VAL D 106 8.32 -24.79 34.06
N GLU D 107 7.25 -24.40 33.36
CA GLU D 107 6.81 -23.02 33.29
C GLU D 107 5.55 -22.86 34.13
N VAL D 108 5.53 -21.86 35.02
CA VAL D 108 4.38 -21.65 35.88
C VAL D 108 3.67 -20.38 35.44
N THR D 109 2.35 -20.46 35.30
CA THR D 109 1.54 -19.36 34.80
C THR D 109 0.61 -18.92 35.94
N LEU D 110 0.57 -17.62 36.18
CA LEU D 110 -0.29 -17.03 37.19
C LEU D 110 -1.46 -16.31 36.55
N THR D 111 -2.64 -16.50 37.13
CA THR D 111 -3.79 -15.65 36.86
C THR D 111 -4.47 -15.31 38.18
N MET D 112 -5.25 -14.24 38.18
CA MET D 112 -5.94 -13.78 39.38
C MET D 112 -7.44 -13.66 39.14
N LYS D 113 -8.20 -13.94 40.20
CA LYS D 113 -9.65 -14.09 40.10
C LYS D 113 -10.36 -12.74 39.97
N ALA D 114 -9.89 -11.73 40.70
CA ALA D 114 -10.54 -10.44 40.72
C ALA D 114 -9.54 -9.37 41.10
N ALA D 115 -9.85 -8.13 40.71
CA ALA D 115 -9.01 -6.99 41.07
C ALA D 115 -9.12 -6.72 42.57
N SER D 116 -8.05 -6.17 43.13
CA SER D 116 -8.00 -5.94 44.57
C SER D 116 -8.29 -4.48 44.90
N GLY D 117 -8.71 -4.24 46.14
CA GLY D 117 -8.83 -2.88 46.62
C GLY D 117 -7.62 -2.41 47.40
N SER D 118 -6.60 -3.26 47.53
CA SER D 118 -5.40 -2.94 48.27
C SER D 118 -4.19 -3.61 47.61
N THR D 119 -3.03 -3.01 47.78
CA THR D 119 -1.84 -3.53 47.13
C THR D 119 -1.24 -4.63 47.99
N GLY D 120 -0.83 -5.73 47.36
CA GLY D 120 -0.19 -6.79 48.09
C GLY D 120 -1.15 -7.63 48.89
N ASP D 121 -2.39 -7.77 48.42
CA ASP D 121 -3.40 -8.53 49.13
C ASP D 121 -3.25 -10.03 48.91
N GLN D 122 -2.69 -10.46 47.80
CA GLN D 122 -2.56 -11.88 47.51
C GLN D 122 -1.09 -12.26 47.50
N LYS D 123 -0.83 -13.53 47.79
CA LYS D 123 0.54 -14.03 47.74
C LYS D 123 0.54 -15.46 47.23
N VAL D 124 1.71 -15.89 46.76
CA VAL D 124 1.98 -17.26 46.36
C VAL D 124 3.14 -17.77 47.20
N GLN D 125 2.92 -18.86 47.93
CA GLN D 125 3.90 -19.42 48.81
C GLN D 125 4.77 -20.41 48.03
N ILE D 126 6.07 -20.17 47.99
CA ILE D 126 7.00 -21.02 47.27
C ILE D 126 7.79 -21.80 48.31
N SER D 127 7.77 -23.12 48.20
CA SER D 127 8.45 -23.99 49.15
C SER D 127 9.48 -24.81 48.41
N TYR D 128 10.75 -24.61 48.75
CA TYR D 128 11.85 -25.31 48.12
C TYR D 128 12.29 -26.47 49.01
N TYR D 129 12.76 -27.54 48.40
CA TYR D 129 13.21 -28.71 49.14
C TYR D 129 13.76 -29.78 48.21
N LYS D 132 17.66 -32.94 53.97
CA LYS D 132 18.85 -32.69 53.17
C LYS D 132 19.52 -31.37 53.56
N THR D 133 18.78 -30.27 53.40
CA THR D 133 19.28 -28.94 53.69
C THR D 133 18.26 -28.23 54.59
N PRO D 134 18.61 -27.12 55.22
CA PRO D 134 17.61 -26.35 55.95
C PRO D 134 16.48 -25.90 55.03
N PRO D 135 15.29 -25.66 55.57
CA PRO D 135 14.17 -25.23 54.72
C PRO D 135 14.50 -23.95 53.97
N VAL D 136 14.06 -23.89 52.72
CA VAL D 136 14.25 -22.73 51.86
C VAL D 136 12.89 -22.32 51.32
N LYS D 137 12.59 -21.02 51.39
CA LYS D 137 11.29 -20.54 50.92
C LYS D 137 11.46 -19.18 50.26
N ALA D 138 10.46 -18.83 49.46
CA ALA D 138 10.36 -17.51 48.83
C ALA D 138 8.92 -17.04 48.92
N LEU D 139 8.75 -15.73 49.05
CA LEU D 139 7.44 -15.11 49.22
C LEU D 139 7.16 -14.20 48.03
N LEU D 140 6.10 -14.50 47.28
CA LEU D 140 5.68 -13.70 46.16
C LEU D 140 4.34 -13.07 46.48
N TYR D 141 4.26 -11.75 46.36
CA TYR D 141 3.03 -11.03 46.63
C TYR D 141 2.52 -10.43 45.34
N LEU D 142 1.26 -10.68 45.05
CA LEU D 142 0.61 -10.30 43.80
C LEU D 142 -0.42 -9.21 44.06
N THR D 143 -0.52 -8.28 43.12
CA THR D 143 -1.56 -7.27 43.11
C THR D 143 -2.42 -7.47 41.88
N GLY D 144 -3.74 -7.54 42.07
CA GLY D 144 -4.68 -7.77 40.98
C GLY D 144 -5.26 -6.44 40.50
N VAL D 145 -5.08 -6.17 39.20
CA VAL D 145 -5.65 -4.97 38.59
C VAL D 145 -6.37 -5.38 37.31
N GLU D 146 -7.39 -4.61 36.95
CA GLU D 146 -8.08 -4.80 35.69
C GLU D 146 -7.94 -3.54 34.85
N ILE D 147 -7.29 -3.65 33.69
CA ILE D 147 -7.12 -2.54 32.79
C ILE D 147 -7.60 -2.99 31.42
N SER D 148 -8.56 -2.27 30.85
CA SER D 148 -9.06 -2.62 29.53
C SER D 148 -9.37 -1.35 28.75
N LEU D 149 -8.82 -1.27 27.54
CA LEU D 149 -9.05 -0.18 26.62
C LEU D 149 -10.16 -0.60 25.67
N CYS D 150 -11.35 -0.02 25.85
CA CYS D 150 -12.52 -0.51 25.14
C CYS D 150 -12.87 0.41 23.98
N ALA D 151 -13.32 -0.21 22.89
CA ALA D 151 -13.74 0.47 21.68
C ALA D 151 -14.74 -0.43 20.98
N ASP D 152 -15.42 0.11 19.98
CA ASP D 152 -16.40 -0.67 19.22
C ASP D 152 -15.68 -1.58 18.22
N ILE D 153 -15.49 -2.83 18.62
CA ILE D 153 -14.71 -3.75 17.80
C ILE D 153 -15.64 -4.66 17.00
N THR D 154 -16.78 -5.03 17.56
CA THR D 154 -17.69 -5.96 16.90
C THR D 154 -18.75 -5.27 16.06
N ARG D 155 -18.96 -3.97 16.25
CA ARG D 155 -19.95 -3.23 15.47
C ARG D 155 -21.34 -3.83 15.63
N THR D 172 -9.54 -5.62 10.50
CA THR D 172 -9.48 -6.54 9.37
C THR D 172 -10.80 -6.53 8.61
N TRP D 173 -10.93 -7.42 7.62
CA TRP D 173 -12.06 -7.42 6.71
C TRP D 173 -12.91 -8.68 6.90
N GLY D 174 -14.00 -8.74 6.14
CA GLY D 174 -14.85 -9.90 6.09
C GLY D 174 -16.02 -9.82 7.05
N PRO D 175 -17.10 -10.55 6.76
CA PRO D 175 -18.28 -10.48 7.64
C PRO D 175 -17.98 -10.90 9.06
N CYS D 176 -16.93 -11.68 9.28
CA CYS D 176 -16.55 -12.12 10.61
C CYS D 176 -15.29 -11.43 11.11
N GLY D 177 -14.89 -10.33 10.49
CA GLY D 177 -13.69 -9.63 10.92
C GLY D 177 -13.95 -8.78 12.14
N GLN D 178 -12.86 -8.23 12.68
CA GLN D 178 -12.91 -7.43 13.90
C GLN D 178 -12.14 -6.15 13.67
N GLY D 179 -12.56 -5.08 14.35
CA GLY D 179 -11.82 -3.84 14.33
C GLY D 179 -12.69 -2.62 14.51
N ALA D 180 -12.10 -1.54 15.01
CA ALA D 180 -12.86 -0.33 15.24
C ALA D 180 -12.96 0.50 13.97
N ILE D 181 -13.96 1.37 13.95
CA ILE D 181 -14.20 2.27 12.82
C ILE D 181 -14.05 3.70 13.30
N LEU D 182 -13.41 4.52 12.47
CA LEU D 182 -13.21 5.92 12.79
C LEU D 182 -13.56 6.75 11.57
N LEU D 183 -14.39 7.77 11.76
CA LEU D 183 -14.83 8.58 10.63
C LEU D 183 -14.06 9.89 10.60
N VAL D 184 -13.98 10.47 9.41
CA VAL D 184 -13.34 11.76 9.26
C VAL D 184 -14.35 12.85 9.60
N ASN D 185 -14.02 13.74 10.53
CA ASN D 185 -14.94 14.79 10.97
C ASN D 185 -14.96 15.93 9.95
N CYS D 186 -15.44 15.61 8.75
CA CYS D 186 -15.36 16.50 7.58
C CYS D 186 -16.59 17.36 7.40
N ASP D 187 -17.64 17.16 8.20
CA ASP D 187 -18.84 18.00 8.11
C ASP D 187 -18.63 19.27 8.93
N ARG D 188 -19.61 20.16 8.94
CA ARG D 188 -19.51 21.44 9.65
C ARG D 188 -20.73 21.58 10.53
N ASP D 189 -20.66 21.05 11.73
CA ASP D 189 -21.79 21.10 12.65
C ASP D 189 -21.90 22.47 13.32
N ASN D 190 -20.80 23.20 13.42
CA ASN D 190 -20.87 24.56 13.96
C ASN D 190 -21.34 25.52 12.89
N LEU D 191 -22.57 26.00 13.01
CA LEU D 191 -23.14 26.87 11.99
C LEU D 191 -22.41 28.20 11.86
N GLU D 192 -21.68 28.65 12.88
CA GLU D 192 -20.96 29.91 12.77
C GLU D 192 -19.53 29.71 12.28
N SER D 193 -19.13 28.48 11.99
CA SER D 193 -17.77 28.21 11.58
C SER D 193 -17.62 28.35 10.08
N SER D 194 -16.42 28.73 9.64
CA SER D 194 -16.10 28.75 8.23
C SER D 194 -15.20 27.59 7.82
N ALA D 195 -15.05 26.60 8.70
CA ALA D 195 -14.14 25.50 8.43
C ALA D 195 -14.73 24.19 8.97
N MET D 196 -14.10 23.09 8.56
CA MET D 196 -14.57 21.78 8.97
C MET D 196 -14.33 21.59 10.47
N ASP D 197 -15.11 20.70 11.06
CA ASP D 197 -14.97 20.45 12.50
C ASP D 197 -13.63 19.81 12.82
N CYS D 198 -13.02 19.11 11.86
CA CYS D 198 -11.68 18.60 12.06
C CYS D 198 -10.61 19.68 11.99
N GLU D 199 -10.94 20.87 11.49
CA GLU D 199 -9.94 21.91 11.29
C GLU D 199 -9.86 22.89 12.45
N ASP D 200 -10.78 22.84 13.41
CA ASP D 200 -10.95 23.85 14.47
C ASP D 200 -10.01 23.70 15.70
N ASP D 201 -9.40 22.53 15.88
CA ASP D 201 -8.63 22.12 17.07
C ASP D 201 -9.41 22.03 18.41
N GLU D 202 -10.73 21.83 18.37
CA GLU D 202 -11.62 22.02 19.53
C GLU D 202 -12.95 21.22 19.39
N VAL D 203 -13.78 21.07 20.43
CA VAL D 203 -15.21 20.73 20.27
C VAL D 203 -16.05 21.86 20.82
N LEU D 204 -16.83 22.57 19.97
CA LEU D 204 -17.65 23.67 20.47
C LEU D 204 -19.12 23.29 20.55
N ASP D 205 -19.55 22.30 19.78
CA ASP D 205 -20.95 21.90 19.72
C ASP D 205 -21.13 20.44 20.08
N SER D 206 -22.01 20.17 21.04
CA SER D 206 -22.18 18.81 21.52
C SER D 206 -22.65 17.86 20.43
N GLU D 207 -23.36 18.36 19.42
CA GLU D 207 -23.81 17.55 18.29
C GLU D 207 -22.62 16.89 17.59
N ASP D 208 -21.44 17.49 17.69
CA ASP D 208 -20.28 16.97 16.98
C ASP D 208 -19.84 15.64 17.55
N LEU D 209 -20.17 15.36 18.81
CA LEU D 209 -19.83 14.08 19.41
C LEU D 209 -20.63 12.94 18.78
N GLN D 210 -21.70 13.22 18.04
CA GLN D 210 -22.42 12.15 17.36
C GLN D 210 -21.61 11.54 16.24
N ASP D 211 -20.70 12.31 15.65
CA ASP D 211 -19.91 11.81 14.53
C ASP D 211 -18.66 11.09 15.02
N MET D 212 -18.09 11.52 16.14
CA MET D 212 -16.83 10.99 16.69
C MET D 212 -17.01 9.60 17.28
N SER D 213 -15.99 8.76 17.17
CA SER D 213 -16.00 7.43 17.75
C SER D 213 -15.69 7.47 19.24
N LEU D 214 -16.38 6.63 20.00
CA LEU D 214 -16.23 6.62 21.44
C LEU D 214 -15.21 5.57 21.86
N MET D 215 -14.29 5.98 22.75
CA MET D 215 -13.34 5.06 23.35
C MET D 215 -13.38 5.25 24.86
N THR D 216 -13.34 4.14 25.59
CA THR D 216 -13.44 4.17 27.05
C THR D 216 -12.25 3.44 27.65
N LEU D 217 -11.61 4.08 28.64
CA LEU D 217 -10.56 3.46 29.43
C LEU D 217 -11.14 3.04 30.77
N SER D 218 -11.24 1.73 30.99
CA SER D 218 -11.86 1.18 32.19
C SER D 218 -10.79 0.52 33.04
N THR D 219 -10.63 1.01 34.27
CA THR D 219 -9.64 0.46 35.20
C THR D 219 -10.30 0.17 36.54
N LYS D 220 -9.90 -0.94 37.14
CA LYS D 220 -10.26 -1.28 38.51
C LYS D 220 -8.99 -1.71 39.23
N THR D 221 -8.53 -0.88 40.15
CA THR D 221 -7.24 -1.07 40.80
C THR D 221 -7.35 -0.88 42.31
N PRO D 222 -6.31 -1.24 43.06
CA PRO D 222 -6.30 -0.94 44.50
C PRO D 222 -6.51 0.54 44.76
N LYS D 223 -7.07 0.89 45.91
CA LYS D 223 -7.33 2.29 46.20
C LYS D 223 -6.05 3.11 46.17
N ASP D 224 -4.93 2.53 46.55
CA ASP D 224 -3.65 3.24 46.55
C ASP D 224 -2.86 3.01 45.28
N PHE D 225 -3.46 2.39 44.27
CA PHE D 225 -2.77 2.15 43.01
C PHE D 225 -2.60 3.48 42.26
N PHE D 226 -1.63 3.50 41.36
CA PHE D 226 -1.19 4.72 40.69
C PHE D 226 -0.43 5.65 41.61
N THR D 227 -0.15 5.24 42.84
CA THR D 227 0.87 5.90 43.63
C THR D 227 2.26 5.56 43.09
N ASN D 228 2.45 4.31 42.69
CA ASN D 228 3.70 3.85 42.10
C ASN D 228 3.60 3.68 40.59
N HIS D 229 2.47 4.02 39.99
CA HIS D 229 2.26 3.78 38.56
C HIS D 229 1.56 4.98 37.94
N THR D 230 1.69 5.07 36.62
CA THR D 230 1.03 6.10 35.83
C THR D 230 0.61 5.50 34.50
N LEU D 231 -0.42 6.08 33.91
CA LEU D 231 -0.93 5.64 32.61
C LEU D 231 -0.71 6.72 31.56
N VAL D 232 -0.19 6.33 30.40
CA VAL D 232 0.05 7.25 29.30
C VAL D 232 -0.65 6.75 28.05
N LEU D 233 -1.37 7.65 27.40
CA LEU D 233 -2.03 7.38 26.13
C LEU D 233 -1.19 7.99 25.02
N HIS D 234 -1.01 7.25 23.94
CA HIS D 234 -0.17 7.75 22.86
C HIS D 234 -0.52 7.06 21.54
N VAL D 235 -0.11 7.71 20.45
CA VAL D 235 -0.20 7.15 19.11
C VAL D 235 1.16 7.32 18.45
N ALA D 236 1.40 6.56 17.39
CA ALA D 236 2.62 6.71 16.61
C ALA D 236 2.70 8.10 16.00
N ARG D 237 3.91 8.65 15.96
CA ARG D 237 4.10 9.96 15.36
C ARG D 237 3.68 10.00 13.90
N SER D 238 3.86 8.90 13.18
CA SER D 238 3.46 8.88 11.77
C SER D 238 1.96 9.03 11.63
N GLU D 239 1.23 8.77 12.71
CA GLU D 239 -0.22 8.89 12.70
C GLU D 239 -0.72 10.14 13.43
N MET D 240 0.18 10.96 13.97
CA MET D 240 -0.26 12.07 14.80
C MET D 240 -0.99 13.14 14.00
N ASP D 241 -0.72 13.24 12.70
CA ASP D 241 -1.42 14.19 11.85
C ASP D 241 -2.70 13.63 11.26
N LYS D 242 -3.06 12.39 11.59
CA LYS D 242 -4.27 11.77 11.06
C LYS D 242 -5.39 11.62 12.08
N VAL D 243 -5.10 11.78 13.37
CA VAL D 243 -6.10 11.54 14.40
C VAL D 243 -5.99 12.60 15.48
N ARG D 244 -7.14 13.02 16.02
CA ARG D 244 -7.25 13.86 17.23
C ARG D 244 -8.15 13.16 18.23
N VAL D 245 -7.78 13.26 19.51
CA VAL D 245 -8.51 12.61 20.61
C VAL D 245 -8.85 13.64 21.67
N PHE D 246 -10.08 13.58 22.15
CA PHE D 246 -10.60 14.44 23.20
C PHE D 246 -10.97 13.59 24.42
N GLN D 247 -10.85 14.13 25.63
CA GLN D 247 -11.29 13.51 26.87
C GLN D 247 -12.47 14.28 27.45
N ALA D 248 -13.51 13.57 27.85
CA ALA D 248 -14.74 14.11 28.43
C ALA D 248 -14.65 14.20 29.97
N THR D 249 -14.74 15.42 30.52
CA THR D 249 -14.73 15.65 31.98
C THR D 249 -16.14 15.51 32.60
N ARG D 250 -16.32 15.95 33.85
CA ARG D 250 -17.60 16.01 34.57
C ARG D 250 -17.73 17.32 35.35
N GLY D 251 -18.96 17.64 35.71
CA GLY D 251 -19.35 18.90 36.36
C GLY D 251 -20.86 19.09 36.31
N LYS D 252 -21.35 20.25 36.75
CA LYS D 252 -22.78 20.56 36.80
C LYS D 252 -23.18 21.63 35.78
N LEU D 253 -22.46 22.75 35.76
CA LEU D 253 -22.63 23.85 34.80
C LEU D 253 -22.03 23.56 33.40
N SER D 254 -21.25 22.49 33.25
CA SER D 254 -20.62 22.08 31.99
C SER D 254 -20.13 20.62 32.07
N SER D 255 -19.86 19.99 30.92
CA SER D 255 -19.19 18.69 30.79
C SER D 255 -18.13 18.73 29.70
N LYS D 256 -17.19 19.68 29.77
CA LYS D 256 -16.24 20.00 28.70
C LYS D 256 -15.47 18.78 28.17
N CYS D 257 -15.37 18.69 26.85
CA CYS D 257 -14.30 17.93 26.21
C CYS D 257 -12.99 18.73 26.20
N SER D 258 -11.87 18.03 26.14
CA SER D 258 -10.53 18.59 26.24
C SER D 258 -9.56 17.88 25.31
N VAL D 259 -8.62 18.60 24.68
CA VAL D 259 -7.66 18.02 23.72
C VAL D 259 -6.63 17.14 24.43
N VAL D 260 -6.52 15.89 24.00
CA VAL D 260 -5.56 14.90 24.53
C VAL D 260 -4.40 14.73 23.55
N LEU D 261 -4.69 14.12 22.39
CA LEU D 261 -3.70 13.80 21.37
C LEU D 261 -3.98 14.59 20.09
N GLY D 262 -2.93 15.07 19.42
CA GLY D 262 -3.08 15.88 18.23
C GLY D 262 -1.75 16.22 17.59
N PRO D 263 -1.77 17.15 16.63
CA PRO D 263 -0.55 17.48 15.87
C PRO D 263 0.63 17.91 16.72
N LYS D 264 0.39 18.38 17.94
CA LYS D 264 1.47 18.74 18.84
C LYS D 264 1.56 17.84 20.07
N TRP D 265 0.75 16.79 20.16
CA TRP D 265 0.68 15.97 21.37
C TRP D 265 0.57 14.51 20.96
N PRO D 266 1.70 13.84 20.67
CA PRO D 266 1.66 12.41 20.39
C PRO D 266 1.38 11.56 21.61
N SER D 267 1.54 12.09 22.81
CA SER D 267 1.26 11.34 24.02
C SER D 267 0.79 12.29 25.11
N HIS D 268 0.05 11.76 26.07
CA HIS D 268 -0.47 12.51 27.19
C HIS D 268 -0.63 11.63 28.42
N TYR D 269 -0.29 12.16 29.60
CA TYR D 269 -0.48 11.44 30.85
C TYR D 269 -1.93 11.57 31.31
N LEU D 270 -2.45 10.48 31.89
CA LEU D 270 -3.80 10.42 32.43
C LEU D 270 -3.78 10.40 33.96
N MET D 271 -4.44 11.37 34.60
CA MET D 271 -4.58 11.45 36.06
C MET D 271 -5.68 10.49 36.56
N VAL D 272 -5.57 9.20 36.26
CA VAL D 272 -6.59 8.23 36.64
C VAL D 272 -6.52 7.99 38.15
N PRO D 273 -7.61 8.14 38.89
CA PRO D 273 -7.59 7.81 40.31
C PRO D 273 -7.62 6.31 40.54
N GLY D 274 -7.26 5.93 41.77
CA GLY D 274 -7.30 4.54 42.15
C GLY D 274 -8.71 4.01 42.33
N GLY D 275 -8.80 2.75 42.72
CA GLY D 275 -10.09 2.10 42.80
C GLY D 275 -10.69 1.87 41.42
N LYS D 276 -11.97 2.18 41.31
CA LYS D 276 -12.70 1.98 40.07
C LYS D 276 -12.93 3.31 39.38
N HIS D 277 -12.59 3.38 38.09
CA HIS D 277 -12.79 4.59 37.31
C HIS D 277 -12.92 4.24 35.82
N ASN D 278 -13.80 4.95 35.13
CA ASN D 278 -13.95 4.87 33.68
C ASN D 278 -13.75 6.27 33.10
N MET D 279 -12.81 6.42 32.17
CA MET D 279 -12.51 7.67 31.51
C MET D 279 -12.90 7.60 30.03
N ASP D 280 -13.62 8.60 29.53
CA ASP D 280 -14.19 8.58 28.19
C ASP D 280 -13.50 9.55 27.24
N PHE D 281 -13.22 9.05 26.05
CA PHE D 281 -12.53 9.74 24.98
C PHE D 281 -13.31 9.73 23.68
N TYR D 282 -13.26 10.84 22.96
CA TYR D 282 -13.87 11.01 21.65
C TYR D 282 -12.79 11.19 20.60
N VAL D 283 -12.81 10.34 19.59
CA VAL D 283 -11.79 10.23 18.54
C VAL D 283 -12.34 10.74 17.21
N GLU D 284 -11.59 11.57 16.49
CA GLU D 284 -11.90 11.99 15.13
C GLU D 284 -10.76 11.70 14.17
N ALA D 285 -11.06 11.20 12.97
CA ALA D 285 -10.06 11.13 11.91
C ALA D 285 -9.95 12.48 11.22
N LEU D 286 -8.73 12.82 10.80
CA LEU D 286 -8.47 14.11 10.16
C LEU D 286 -8.29 14.02 8.65
N ALA D 287 -8.27 12.82 8.07
CA ALA D 287 -8.04 12.71 6.63
C ALA D 287 -8.59 11.38 6.14
N PHE D 288 -8.86 11.33 4.84
CA PHE D 288 -9.33 10.11 4.22
C PHE D 288 -8.16 9.20 3.87
N PRO D 289 -8.42 7.91 3.71
CA PRO D 289 -7.37 7.02 3.20
C PRO D 289 -6.85 7.55 1.87
N ASP D 290 -5.54 7.50 1.71
CA ASP D 290 -4.90 8.08 0.53
C ASP D 290 -3.52 7.47 0.39
N THR D 291 -2.75 7.97 -0.59
CA THR D 291 -1.44 7.40 -0.88
C THR D 291 -0.60 7.31 0.40
N ASP D 292 -0.63 8.35 1.21
CA ASP D 292 0.19 8.41 2.42
C ASP D 292 -0.50 7.82 3.64
N PHE D 293 -1.67 7.21 3.50
CA PHE D 293 -2.40 6.72 4.66
C PHE D 293 -3.17 5.45 4.32
N PRO D 294 -2.73 4.28 4.76
CA PRO D 294 -3.46 3.04 4.46
C PRO D 294 -4.86 2.97 5.05
N GLY D 295 -5.16 3.80 6.06
CA GLY D 295 -6.46 3.81 6.68
C GLY D 295 -6.55 3.22 8.07
N LEU D 296 -5.43 2.85 8.67
CA LEU D 296 -5.46 2.29 10.02
C LEU D 296 -4.75 3.21 11.01
N ILE D 297 -5.39 3.43 12.14
CA ILE D 297 -4.85 4.26 13.22
C ILE D 297 -4.91 3.46 14.52
N THR D 298 -3.78 3.40 15.22
CA THR D 298 -3.65 2.59 16.43
C THR D 298 -3.48 3.50 17.63
N LEU D 299 -4.31 3.29 18.66
CA LEU D 299 -4.23 4.03 19.91
C LEU D 299 -3.75 3.09 20.99
N THR D 300 -2.72 3.50 21.74
CA THR D 300 -2.10 2.64 22.73
C THR D 300 -2.11 3.31 24.10
N ILE D 301 -2.48 2.53 25.10
CA ILE D 301 -2.38 2.91 26.50
C ILE D 301 -1.24 2.13 27.12
N SER D 302 -0.37 2.83 27.86
CA SER D 302 0.82 2.23 28.45
C SER D 302 0.79 2.43 29.94
N LEU D 303 1.01 1.35 30.68
CA LEU D 303 1.13 1.38 32.13
C LEU D 303 2.61 1.39 32.50
N LEU D 304 3.05 2.45 33.18
CA LEU D 304 4.45 2.65 33.51
C LEU D 304 4.63 2.51 35.02
N ASP D 305 5.76 1.91 35.41
CA ASP D 305 6.11 1.72 36.80
C ASP D 305 7.12 2.79 37.19
N THR D 306 6.72 3.64 38.15
CA THR D 306 7.53 4.74 38.64
C THR D 306 7.81 4.60 40.14
N SER D 307 7.81 3.37 40.64
CA SER D 307 7.95 3.15 42.08
C SER D 307 9.27 3.72 42.60
N ASN D 308 10.31 3.70 41.77
CA ASN D 308 11.60 4.24 42.15
C ASN D 308 11.74 5.61 41.49
N LEU D 309 11.63 6.67 42.28
CA LEU D 309 11.60 8.02 41.76
C LEU D 309 12.98 8.54 41.35
N GLU D 310 14.04 7.76 41.58
CA GLU D 310 15.36 8.20 41.17
C GLU D 310 15.75 7.69 39.79
N LEU D 311 14.96 6.80 39.20
CA LEU D 311 15.29 6.15 37.95
C LEU D 311 14.27 6.49 36.88
N PRO D 312 14.62 6.34 35.61
CA PRO D 312 13.62 6.54 34.55
C PRO D 312 12.46 5.55 34.69
N GLU D 313 11.32 5.96 34.13
CA GLU D 313 10.12 5.13 34.17
C GLU D 313 10.35 3.83 33.40
N ALA D 314 9.72 2.76 33.87
CA ALA D 314 9.75 1.47 33.18
C ALA D 314 8.37 1.08 32.71
N VAL D 315 8.29 0.27 31.66
CA VAL D 315 7.00 -0.17 31.15
C VAL D 315 6.70 -1.59 31.62
N VAL D 316 5.47 -1.81 32.08
CA VAL D 316 5.06 -3.14 32.53
C VAL D 316 3.88 -3.70 31.76
N PHE D 317 3.01 -2.87 31.19
CA PHE D 317 1.85 -3.37 30.46
C PHE D 317 1.39 -2.33 29.46
N GLN D 318 1.03 -2.80 28.26
CA GLN D 318 0.48 -1.96 27.22
C GLN D 318 -0.73 -2.63 26.59
N ASP D 319 -1.66 -1.80 26.11
CA ASP D 319 -2.77 -2.29 25.32
C ASP D 319 -3.14 -1.23 24.30
N SER D 320 -3.77 -1.68 23.23
CA SER D 320 -4.05 -0.81 22.09
C SER D 320 -5.26 -1.31 21.34
N VAL D 321 -5.89 -0.40 20.60
CA VAL D 321 -6.95 -0.74 19.66
C VAL D 321 -6.61 -0.10 18.32
N VAL D 322 -7.17 -0.66 17.26
CA VAL D 322 -6.90 -0.22 15.89
C VAL D 322 -8.20 0.25 15.27
N PHE D 323 -8.20 1.46 14.72
CA PHE D 323 -9.35 1.99 14.01
C PHE D 323 -9.11 1.87 12.51
N ARG D 324 -10.18 1.59 11.78
CA ARG D 324 -10.18 1.61 10.32
C ARG D 324 -11.02 2.80 9.86
N VAL D 325 -10.43 3.66 9.03
CA VAL D 325 -11.15 4.85 8.58
C VAL D 325 -12.00 4.48 7.38
N ALA D 326 -13.28 4.85 7.43
CA ALA D 326 -14.20 4.44 6.40
C ALA D 326 -13.82 5.07 5.07
N PRO D 327 -14.00 4.37 3.95
CA PRO D 327 -13.74 4.98 2.65
C PRO D 327 -14.87 5.90 2.22
N TRP D 328 -14.56 6.89 1.38
CA TRP D 328 -15.58 7.64 0.65
C TRP D 328 -16.18 6.72 -0.41
N ILE D 329 -17.50 6.63 -0.50
CA ILE D 329 -18.19 5.72 -1.39
C ILE D 329 -19.03 6.52 -2.38
N MET D 330 -18.91 6.17 -3.66
CA MET D 330 -19.71 6.76 -4.74
C MET D 330 -21.04 6.00 -4.86
N THR D 331 -22.13 6.70 -5.15
CA THR D 331 -23.45 6.08 -5.22
C THR D 331 -23.89 5.95 -6.68
N PRO D 332 -24.27 4.76 -7.17
CA PRO D 332 -24.72 4.64 -8.55
C PRO D 332 -26.14 5.17 -8.72
N ASN D 333 -26.53 5.32 -9.99
CA ASN D 333 -27.86 5.83 -10.28
C ASN D 333 -28.96 4.81 -10.03
N THR D 334 -28.62 3.56 -9.73
CA THR D 334 -29.64 2.56 -9.45
C THR D 334 -30.14 2.63 -8.02
N GLN D 335 -29.54 3.45 -7.18
CA GLN D 335 -30.02 3.64 -5.81
C GLN D 335 -31.14 4.66 -5.80
N PRO D 336 -32.20 4.45 -5.02
CA PRO D 336 -33.32 5.40 -5.02
C PRO D 336 -32.83 6.81 -4.71
N PRO D 337 -33.31 7.81 -5.43
CA PRO D 337 -32.88 9.18 -5.17
C PRO D 337 -33.49 9.73 -3.89
N GLN D 338 -32.88 10.79 -3.37
CA GLN D 338 -33.36 11.50 -2.18
C GLN D 338 -33.56 13.00 -2.46
N GLU D 339 -32.71 13.64 -3.23
CA GLU D 339 -32.82 15.08 -3.45
C GLU D 339 -32.17 15.50 -4.77
N VAL D 340 -32.91 16.15 -5.65
CA VAL D 340 -32.34 16.86 -6.80
C VAL D 340 -31.97 18.28 -6.41
N TYR D 341 -30.80 18.75 -6.83
CA TYR D 341 -30.37 20.14 -6.67
C TYR D 341 -30.36 20.80 -8.04
N ALA D 342 -31.03 21.93 -8.21
CA ALA D 342 -31.12 22.62 -9.49
C ALA D 342 -30.39 23.96 -9.46
N CYS D 343 -29.12 23.93 -9.84
CA CYS D 343 -28.21 25.07 -9.82
C CYS D 343 -28.53 26.10 -10.91
N ASN D 348 -33.20 28.48 -17.95
CA ASN D 348 -33.80 27.23 -18.41
C ASN D 348 -35.01 26.88 -17.56
N GLU D 349 -35.95 27.81 -17.43
CA GLU D 349 -37.09 27.57 -16.55
C GLU D 349 -37.95 26.43 -17.07
N ASP D 350 -38.09 26.31 -18.39
CA ASP D 350 -38.88 25.22 -18.94
C ASP D 350 -38.25 23.87 -18.62
N PHE D 351 -36.93 23.82 -18.61
CA PHE D 351 -36.23 22.62 -18.18
C PHE D 351 -36.59 22.28 -16.73
N LEU D 352 -36.50 23.29 -15.86
CA LEU D 352 -36.85 23.15 -14.45
C LEU D 352 -38.29 22.69 -14.28
N LYS D 353 -39.19 23.14 -15.15
CA LYS D 353 -40.59 22.71 -15.08
C LYS D 353 -40.68 21.21 -15.31
N SER D 354 -39.94 20.70 -16.29
CA SER D 354 -39.97 19.27 -16.57
C SER D 354 -39.30 18.50 -15.44
N VAL D 355 -38.20 19.02 -14.90
CA VAL D 355 -37.49 18.40 -13.78
C VAL D 355 -38.39 18.41 -12.55
N THR D 356 -39.15 19.47 -12.31
CA THR D 356 -40.13 19.54 -11.21
C THR D 356 -41.19 18.47 -11.39
N THR D 357 -41.73 18.31 -12.59
CA THR D 357 -42.70 17.28 -12.87
C THR D 357 -42.08 15.90 -12.74
N LEU D 358 -40.87 15.74 -13.27
CA LEU D 358 -40.20 14.45 -13.20
C LEU D 358 -39.93 14.07 -11.75
N ALA D 359 -39.39 14.99 -10.96
CA ALA D 359 -39.11 14.80 -9.55
C ALA D 359 -40.40 14.48 -8.81
N MET D 360 -41.49 15.18 -9.16
CA MET D 360 -42.78 14.90 -8.54
C MET D 360 -43.22 13.48 -8.86
N LYS D 361 -43.20 13.10 -10.13
CA LYS D 361 -43.64 11.77 -10.51
C LYS D 361 -42.78 10.71 -9.82
N ALA D 362 -41.48 11.00 -9.64
CA ALA D 362 -40.58 10.07 -8.99
C ALA D 362 -40.65 10.13 -7.47
N LYS D 363 -41.48 11.00 -6.85
CA LYS D 363 -41.54 11.21 -5.39
C LYS D 363 -40.21 11.65 -4.75
N CYS D 364 -39.32 12.27 -5.53
CA CYS D 364 -38.06 12.83 -5.03
C CYS D 364 -38.30 14.23 -4.45
N LYS D 365 -37.53 14.64 -3.44
CA LYS D 365 -37.43 16.07 -3.10
C LYS D 365 -36.75 16.79 -4.25
N LEU D 366 -37.27 17.94 -4.66
CA LEU D 366 -36.53 18.88 -5.50
C LEU D 366 -36.15 20.09 -4.66
N THR D 367 -34.89 20.49 -4.74
CA THR D 367 -34.39 21.74 -4.19
C THR D 367 -33.92 22.63 -5.33
N ILE D 368 -34.67 23.70 -5.59
CA ILE D 368 -34.14 24.82 -6.36
C ILE D 368 -33.09 25.54 -5.52
N CYS D 369 -32.07 26.11 -6.14
CA CYS D 369 -30.93 26.71 -5.44
C CYS D 369 -30.84 28.25 -5.63
N PRO D 370 -31.87 29.03 -5.23
CA PRO D 370 -31.90 30.49 -5.42
C PRO D 370 -30.89 31.21 -4.52
N GLU D 371 -30.69 32.51 -4.77
CA GLU D 371 -29.74 33.35 -4.04
C GLU D 371 -30.17 34.82 -3.99
N TRP D 379 -24.06 28.34 -4.78
CA TRP D 379 -23.47 27.62 -3.66
C TRP D 379 -23.48 26.08 -3.85
N MET D 380 -23.43 25.62 -5.09
CA MET D 380 -23.08 24.26 -5.51
C MET D 380 -22.71 24.29 -7.02
N GLN D 381 -22.02 23.28 -7.53
CA GLN D 381 -21.62 23.17 -8.93
C GLN D 381 -22.00 21.82 -9.53
N ASP D 382 -22.25 21.78 -10.84
CA ASP D 382 -22.46 20.54 -11.59
C ASP D 382 -21.20 19.66 -11.64
N GLU D 383 -20.02 20.25 -11.48
CA GLU D 383 -18.75 19.52 -11.41
C GLU D 383 -18.63 18.63 -10.16
N MET D 384 -19.44 18.87 -9.11
CA MET D 384 -19.35 18.11 -7.87
C MET D 384 -19.97 16.72 -8.00
N GLU D 385 -19.50 15.79 -7.18
CA GLU D 385 -20.04 14.44 -7.04
C GLU D 385 -20.43 14.21 -5.58
N ILE D 386 -21.46 13.42 -5.31
CA ILE D 386 -21.99 13.20 -3.97
C ILE D 386 -21.81 11.74 -3.56
N GLY D 387 -21.02 11.54 -2.51
CA GLY D 387 -20.79 10.26 -1.86
C GLY D 387 -21.26 10.26 -0.41
N TYR D 388 -20.88 9.26 0.37
CA TYR D 388 -21.32 9.21 1.76
C TYR D 388 -20.30 8.44 2.59
N ILE D 389 -20.41 8.58 3.91
CA ILE D 389 -19.63 7.81 4.87
C ILE D 389 -20.60 6.96 5.69
N GLN D 390 -20.28 5.68 5.82
CA GLN D 390 -21.13 4.73 6.52
C GLN D 390 -20.42 4.22 7.76
N ALA D 391 -21.18 4.08 8.85
CA ALA D 391 -20.70 3.56 10.12
C ALA D 391 -21.88 2.94 10.87
N PRO D 392 -21.64 2.12 11.88
CA PRO D 392 -22.77 1.61 12.68
C PRO D 392 -23.46 2.68 13.50
N HIS D 393 -22.82 3.83 13.72
CA HIS D 393 -23.37 4.84 14.60
C HIS D 393 -23.82 6.10 13.87
N LYS D 394 -23.19 6.45 12.75
CA LYS D 394 -23.53 7.70 12.08
C LYS D 394 -23.18 7.58 10.60
N THR D 395 -24.16 7.91 9.76
CA THR D 395 -24.02 7.93 8.31
C THR D 395 -24.22 9.34 7.83
N LEU D 396 -23.35 9.83 6.96
CA LEU D 396 -23.57 11.18 6.46
C LEU D 396 -23.16 11.29 5.00
N PRO D 397 -23.83 12.15 4.23
CA PRO D 397 -23.34 12.47 2.89
C PRO D 397 -22.09 13.34 2.93
N VAL D 398 -21.28 13.18 1.89
CA VAL D 398 -20.07 13.97 1.63
C VAL D 398 -20.00 14.42 0.17
N VAL D 399 -19.92 15.72 -0.07
CA VAL D 399 -19.62 16.26 -1.40
C VAL D 399 -18.15 16.07 -1.69
N PHE D 400 -17.83 15.58 -2.89
CA PHE D 400 -16.50 15.56 -3.45
C PHE D 400 -16.43 16.64 -4.55
N ASP D 401 -15.47 17.56 -4.42
CA ASP D 401 -15.42 18.78 -5.23
C ASP D 401 -14.22 18.82 -6.18
N SER D 402 -14.42 19.49 -7.32
CA SER D 402 -13.54 19.52 -8.49
C SER D 402 -12.15 20.07 -8.20
N PRO D 403 -11.10 19.58 -8.91
CA PRO D 403 -9.76 20.15 -8.87
C PRO D 403 -9.68 21.58 -9.40
N ARG D 404 -10.68 22.02 -10.18
CA ARG D 404 -10.75 23.35 -10.80
C ARG D 404 -10.71 24.47 -9.76
N ARG D 415 -16.04 27.10 0.37
CA ARG D 415 -16.29 25.67 0.44
C ARG D 415 -17.74 25.36 0.86
N VAL D 416 -18.40 24.44 0.18
CA VAL D 416 -19.81 24.06 0.44
C VAL D 416 -19.91 22.90 1.44
N MET D 417 -20.23 23.16 2.70
CA MET D 417 -20.32 22.14 3.76
C MET D 417 -21.27 22.56 4.89
N GLY D 418 -21.84 21.60 5.62
CA GLY D 418 -22.79 21.89 6.71
C GLY D 418 -22.99 20.73 7.68
N PRO D 419 -23.94 20.83 8.61
CA PRO D 419 -24.15 19.80 9.61
C PRO D 419 -24.52 18.48 8.99
N ASP D 420 -23.75 17.43 9.27
CA ASP D 420 -23.90 16.14 8.60
C ASP D 420 -23.89 16.23 7.07
N PHE D 421 -23.15 17.19 6.51
CA PHE D 421 -22.97 17.35 5.07
C PHE D 421 -21.49 17.61 4.78
N GLY D 422 -20.75 16.53 4.51
CA GLY D 422 -19.30 16.53 4.42
C GLY D 422 -18.77 17.18 3.16
N TYR D 423 -17.47 17.37 3.12
CA TYR D 423 -16.80 18.01 1.98
C TYR D 423 -15.35 17.55 1.94
N VAL D 424 -14.94 16.96 0.82
CA VAL D 424 -13.59 16.44 0.64
C VAL D 424 -13.04 16.96 -0.69
N THR D 425 -11.75 17.28 -0.71
CA THR D 425 -11.08 17.70 -1.94
C THR D 425 -9.77 16.96 -2.09
N ARG D 426 -9.28 16.87 -3.32
CA ARG D 426 -7.99 16.27 -3.63
C ARG D 426 -7.36 17.01 -4.80
N GLY D 427 -6.03 16.95 -4.85
CA GLY D 427 -5.28 17.54 -5.95
C GLY D 427 -5.26 19.05 -5.95
N GLY D 435 -8.43 18.14 -18.61
CA GLY D 435 -9.43 17.67 -19.53
C GLY D 435 -10.27 16.56 -18.94
N LEU D 436 -9.63 15.45 -18.58
CA LEU D 436 -10.32 14.28 -18.07
C LEU D 436 -10.43 14.31 -16.55
N ASP D 437 -10.03 15.40 -15.91
CA ASP D 437 -10.09 15.50 -14.46
C ASP D 437 -11.48 15.86 -13.95
N SER D 438 -12.32 16.54 -14.74
CA SER D 438 -13.68 16.89 -14.32
C SER D 438 -14.48 15.64 -13.94
N PHE D 439 -15.22 15.68 -12.82
CA PHE D 439 -15.91 14.50 -12.29
C PHE D 439 -17.09 14.05 -13.14
N GLY D 440 -17.43 14.77 -14.21
CA GLY D 440 -18.23 14.23 -15.30
C GLY D 440 -17.59 12.99 -15.93
N ASN D 441 -16.27 12.81 -15.79
CA ASN D 441 -15.60 11.60 -16.25
C ASN D 441 -15.60 10.50 -15.21
N LEU D 442 -16.31 10.65 -14.09
CA LEU D 442 -16.46 9.62 -13.08
C LEU D 442 -17.85 9.02 -13.16
N GLU D 443 -17.92 7.73 -13.00
CA GLU D 443 -19.16 6.99 -12.91
C GLU D 443 -18.97 5.78 -11.99
N VAL D 444 -20.02 5.16 -11.48
CA VAL D 444 -19.89 3.94 -10.71
C VAL D 444 -20.95 2.95 -11.15
N SER D 445 -20.53 1.72 -11.37
CA SER D 445 -21.43 0.68 -11.84
C SER D 445 -22.31 0.19 -10.71
N PRO D 446 -23.41 -0.48 -11.03
CA PRO D 446 -24.19 -1.16 -10.01
C PRO D 446 -23.42 -2.32 -9.41
N PRO D 447 -23.90 -2.87 -8.30
CA PRO D 447 -23.23 -4.04 -7.72
C PRO D 447 -23.17 -5.18 -8.72
N VAL D 448 -22.00 -5.82 -8.81
CA VAL D 448 -21.83 -6.95 -9.71
C VAL D 448 -21.06 -8.06 -9.01
N THR D 449 -21.17 -9.27 -9.56
CA THR D 449 -20.35 -10.41 -9.16
C THR D 449 -19.59 -10.88 -10.40
N VAL D 450 -18.26 -10.90 -10.32
CA VAL D 450 -17.41 -11.15 -11.48
C VAL D 450 -16.65 -12.45 -11.21
N ARG D 451 -17.06 -13.53 -11.88
CA ARG D 451 -16.40 -14.82 -11.77
C ARG D 451 -16.20 -15.24 -10.31
N GLY D 452 -17.22 -15.03 -9.46
CA GLY D 452 -17.20 -15.43 -8.07
C GLY D 452 -16.77 -14.34 -7.13
N LYS D 453 -16.17 -13.26 -7.64
CA LYS D 453 -15.74 -12.16 -6.80
C LYS D 453 -16.87 -11.14 -6.74
N GLU D 454 -17.34 -10.84 -5.54
CA GLU D 454 -18.45 -9.91 -5.39
C GLU D 454 -17.95 -8.48 -5.24
N TYR D 455 -18.62 -7.54 -5.90
CA TYR D 455 -18.38 -6.12 -5.76
C TYR D 455 -19.68 -5.50 -5.25
N PRO D 456 -19.95 -5.58 -3.95
CA PRO D 456 -21.28 -5.21 -3.45
C PRO D 456 -21.59 -3.75 -3.63
N LEU D 457 -20.56 -2.92 -3.83
CA LEU D 457 -20.75 -1.50 -4.06
C LEU D 457 -20.49 -1.12 -5.51
N GLY D 458 -20.42 -2.10 -6.40
CA GLY D 458 -20.13 -1.79 -7.77
C GLY D 458 -18.65 -1.47 -7.93
N ARG D 459 -18.33 -0.84 -9.06
CA ARG D 459 -16.96 -0.47 -9.37
C ARG D 459 -16.93 0.93 -9.96
N ILE D 460 -15.87 1.68 -9.64
CA ILE D 460 -15.73 3.03 -10.13
C ILE D 460 -15.17 3.00 -11.54
N LEU D 461 -15.85 3.68 -12.46
CA LEU D 461 -15.47 3.75 -13.85
C LEU D 461 -14.96 5.15 -14.16
N PHE D 462 -13.95 5.23 -15.03
CA PHE D 462 -13.55 6.50 -15.61
C PHE D 462 -12.89 6.24 -16.96
N GLY D 463 -12.90 7.25 -17.81
CA GLY D 463 -12.33 7.14 -19.14
C GLY D 463 -10.87 7.55 -19.18
N ASP D 464 -10.14 6.97 -20.14
CA ASP D 464 -8.73 7.29 -20.34
C ASP D 464 -8.35 7.01 -21.79
N SER D 465 -7.06 7.15 -22.09
CA SER D 465 -6.59 6.85 -23.43
C SER D 465 -6.19 5.38 -23.54
N CYS D 466 -5.99 4.92 -24.78
CA CYS D 466 -5.56 3.54 -24.98
C CYS D 466 -4.06 3.36 -24.73
N TYR D 467 -3.25 4.38 -24.98
CA TYR D 467 -1.82 4.32 -24.72
C TYR D 467 -1.31 5.73 -24.55
N PRO D 468 -0.23 5.92 -23.82
CA PRO D 468 0.19 7.29 -23.50
C PRO D 468 0.92 7.94 -24.66
N SER D 469 0.18 8.39 -25.66
CA SER D 469 0.79 9.13 -26.75
C SER D 469 1.15 10.53 -26.25
N ASN D 470 1.86 11.30 -27.06
CA ASN D 470 2.24 12.64 -26.64
C ASN D 470 1.01 13.54 -26.51
N ASP D 471 -0.03 13.28 -27.31
CA ASP D 471 -1.23 14.09 -27.29
C ASP D 471 -2.33 13.51 -26.41
N SER D 472 -2.33 12.21 -26.16
CA SER D 472 -3.42 11.60 -25.42
C SER D 472 -3.57 12.26 -24.05
N ARG D 473 -4.80 12.46 -23.63
CA ARG D 473 -5.11 13.05 -22.34
C ARG D 473 -5.20 11.96 -21.28
N GLN D 474 -4.95 12.34 -20.03
CA GLN D 474 -5.09 11.41 -18.92
C GLN D 474 -5.75 12.07 -17.74
N MET D 475 -6.42 11.26 -16.92
CA MET D 475 -6.95 11.75 -15.65
C MET D 475 -5.82 11.79 -14.63
N HIS D 476 -5.73 12.91 -13.92
CA HIS D 476 -4.61 13.11 -13.01
C HIS D 476 -4.45 11.92 -12.08
N GLN D 477 -3.20 11.51 -11.88
CA GLN D 477 -2.92 10.34 -11.05
C GLN D 477 -3.38 10.55 -9.61
N ALA D 478 -3.30 11.79 -9.12
CA ALA D 478 -3.69 12.05 -7.74
C ALA D 478 -5.12 11.61 -7.49
N LEU D 479 -5.99 11.82 -8.47
CA LEU D 479 -7.36 11.36 -8.33
C LEU D 479 -7.45 9.84 -8.47
N GLN D 480 -6.70 9.26 -9.40
CA GLN D 480 -6.72 7.81 -9.54
C GLN D 480 -6.23 7.14 -8.28
N ASP D 481 -5.20 7.71 -7.66
CA ASP D 481 -4.66 7.12 -6.44
C ASP D 481 -5.64 7.28 -5.29
N PHE D 482 -6.26 8.45 -5.18
CA PHE D 482 -7.26 8.66 -4.14
C PHE D 482 -8.40 7.68 -4.28
N LEU D 483 -8.95 7.54 -5.49
CA LEU D 483 -10.06 6.62 -5.68
C LEU D 483 -9.63 5.18 -5.47
N SER D 484 -8.43 4.83 -5.90
CA SER D 484 -7.95 3.47 -5.71
C SER D 484 -7.66 3.17 -4.25
N ALA D 485 -7.40 4.21 -3.46
CA ALA D 485 -7.16 4.01 -2.03
C ALA D 485 -8.38 3.43 -1.35
N GLN D 486 -9.55 3.54 -1.97
CA GLN D 486 -10.75 2.97 -1.39
C GLN D 486 -11.03 1.65 -2.10
N GLN D 487 -10.48 0.56 -1.58
CA GLN D 487 -10.52 -0.73 -2.26
C GLN D 487 -11.93 -1.24 -2.44
N VAL D 488 -12.87 -0.72 -1.66
CA VAL D 488 -14.22 -1.25 -1.63
C VAL D 488 -14.94 -1.13 -2.97
N GLN D 489 -14.51 -0.23 -3.86
CA GLN D 489 -15.13 -0.12 -5.18
C GLN D 489 -14.14 -0.25 -6.33
N ALA D 490 -13.01 -0.95 -6.14
CA ALA D 490 -12.11 -1.33 -7.21
C ALA D 490 -12.32 -0.56 -8.52
N PRO D 491 -11.67 0.58 -8.70
CA PRO D 491 -11.83 1.32 -9.96
C PRO D 491 -11.34 0.53 -11.17
N VAL D 492 -11.94 0.83 -12.32
CA VAL D 492 -11.56 0.26 -13.61
C VAL D 492 -11.31 1.41 -14.56
N LYS D 493 -10.70 1.11 -15.70
CA LYS D 493 -10.32 2.14 -16.65
C LYS D 493 -10.99 1.85 -18.00
N LEU D 494 -11.66 2.86 -18.55
CA LEU D 494 -12.29 2.75 -19.87
C LEU D 494 -11.59 3.66 -20.85
N TYR D 495 -11.94 3.49 -22.13
CA TYR D 495 -11.37 4.26 -23.22
C TYR D 495 -12.32 5.38 -23.60
N SER D 496 -11.90 6.62 -23.37
CA SER D 496 -12.71 7.78 -23.74
C SER D 496 -11.96 8.87 -24.49
N ASP D 497 -10.64 8.78 -24.67
CA ASP D 497 -9.93 9.88 -25.30
C ASP D 497 -10.38 10.14 -26.73
N TRP D 498 -11.14 9.21 -27.34
CA TRP D 498 -11.63 9.43 -28.69
C TRP D 498 -12.70 10.50 -28.76
N LEU D 499 -13.29 10.88 -27.62
CA LEU D 499 -14.30 11.92 -27.62
C LEU D 499 -13.63 13.30 -27.54
N SER D 500 -14.33 14.30 -28.05
CA SER D 500 -13.84 15.67 -27.94
C SER D 500 -13.80 16.13 -26.49
N VAL D 501 -14.73 15.63 -25.69
CA VAL D 501 -14.76 16.00 -24.27
C VAL D 501 -14.00 15.00 -23.42
N GLY D 502 -14.21 13.71 -23.63
CA GLY D 502 -13.55 12.69 -22.86
C GLY D 502 -14.32 12.15 -21.68
N HIS D 503 -15.47 12.72 -21.34
CA HIS D 503 -16.24 12.21 -20.22
C HIS D 503 -16.80 10.84 -20.54
N VAL D 504 -16.50 9.85 -19.70
CA VAL D 504 -16.88 8.48 -19.98
C VAL D 504 -18.39 8.35 -20.10
N ASP D 505 -19.13 9.17 -19.37
CA ASP D 505 -20.59 9.01 -19.31
C ASP D 505 -21.27 9.47 -20.59
N GLU D 506 -20.49 9.94 -21.57
CA GLU D 506 -21.07 10.36 -22.84
C GLU D 506 -21.61 9.20 -23.66
N PHE D 507 -21.10 7.99 -23.48
CA PHE D 507 -21.55 6.87 -24.29
C PHE D 507 -22.17 5.73 -23.50
N LEU D 508 -22.18 5.76 -22.17
CA LEU D 508 -22.76 4.66 -21.42
C LEU D 508 -23.54 5.19 -20.24
N SER D 509 -24.60 4.47 -19.90
CA SER D 509 -25.35 4.75 -18.68
C SER D 509 -26.02 3.47 -18.20
N PHE D 510 -26.45 3.47 -16.95
CA PHE D 510 -27.13 2.34 -16.36
C PHE D 510 -28.57 2.71 -16.01
N VAL D 511 -29.46 1.74 -16.13
CA VAL D 511 -30.84 1.94 -15.68
C VAL D 511 -31.28 0.75 -14.84
N PRO D 512 -32.27 0.90 -13.97
CA PRO D 512 -32.78 -0.27 -13.24
C PRO D 512 -33.51 -1.22 -14.17
N ALA D 513 -33.65 -2.46 -13.70
CA ALA D 513 -34.40 -3.46 -14.43
C ALA D 513 -35.10 -4.35 -13.42
N PRO D 514 -36.24 -4.95 -13.79
CA PRO D 514 -37.00 -5.73 -12.81
C PRO D 514 -36.52 -7.16 -12.63
N ASP D 515 -35.52 -7.61 -13.39
CA ASP D 515 -35.13 -9.01 -13.35
C ASP D 515 -33.62 -9.15 -13.52
N ARG D 516 -33.17 -10.41 -13.53
CA ARG D 516 -31.77 -10.75 -13.71
C ARG D 516 -30.91 -9.96 -12.73
N LYS D 517 -30.05 -9.07 -13.23
CA LYS D 517 -29.16 -8.32 -12.37
C LYS D 517 -29.81 -7.09 -11.78
N GLY D 518 -31.03 -6.77 -12.19
CA GLY D 518 -31.68 -5.59 -11.69
C GLY D 518 -31.32 -4.32 -12.42
N PHE D 519 -30.55 -4.41 -13.51
CA PHE D 519 -30.18 -3.22 -14.25
C PHE D 519 -29.82 -3.62 -15.68
N ARG D 520 -29.69 -2.60 -16.51
CA ARG D 520 -29.22 -2.74 -17.88
C ARG D 520 -28.15 -1.70 -18.16
N LEU D 521 -27.21 -2.08 -19.02
CA LEU D 521 -26.19 -1.17 -19.51
C LEU D 521 -26.62 -0.61 -20.86
N LEU D 522 -26.70 0.71 -20.94
CA LEU D 522 -27.09 1.39 -22.17
C LEU D 522 -25.85 1.99 -22.80
N LEU D 523 -25.59 1.61 -24.05
CA LEU D 523 -24.45 2.11 -24.81
C LEU D 523 -24.94 2.84 -26.04
N ALA D 524 -24.20 3.88 -26.45
CA ALA D 524 -24.45 4.48 -27.75
C ALA D 524 -24.16 3.46 -28.84
N SER D 525 -25.05 3.38 -29.84
CA SER D 525 -24.92 2.40 -30.92
C SER D 525 -25.22 3.06 -32.26
N PRO D 526 -24.20 3.50 -32.99
CA PRO D 526 -24.44 3.96 -34.36
C PRO D 526 -25.01 2.88 -35.25
N ARG D 527 -24.78 1.61 -34.93
CA ARG D 527 -25.36 0.54 -35.72
C ARG D 527 -26.88 0.57 -35.68
N SER D 528 -27.43 0.70 -34.47
CA SER D 528 -28.88 0.73 -34.33
C SER D 528 -29.48 1.98 -34.94
N CYS D 529 -28.82 3.13 -34.81
CA CYS D 529 -29.34 4.34 -35.41
C CYS D 529 -29.33 4.26 -36.93
N TYR D 530 -28.25 3.71 -37.48
CA TYR D 530 -28.17 3.51 -38.92
C TYR D 530 -29.30 2.61 -39.39
N LYS D 531 -29.50 1.49 -38.72
CA LYS D 531 -30.57 0.59 -39.11
C LYS D 531 -31.92 1.26 -38.96
N LEU D 532 -32.11 2.03 -37.89
CA LEU D 532 -33.37 2.71 -37.69
C LEU D 532 -33.70 3.61 -38.87
N PHE D 533 -32.72 4.41 -39.30
CA PHE D 533 -32.96 5.28 -40.44
C PHE D 533 -33.09 4.46 -41.73
N GLN D 534 -32.24 3.45 -41.90
CA GLN D 534 -32.27 2.69 -43.14
C GLN D 534 -33.58 1.91 -43.26
N GLU D 535 -34.08 1.39 -42.14
CA GLU D 535 -35.35 0.69 -42.18
C GLU D 535 -36.47 1.62 -42.59
N GLN D 536 -36.45 2.86 -42.09
CA GLN D 536 -37.49 3.81 -42.48
C GLN D 536 -37.41 4.14 -43.95
N GLN D 537 -36.20 4.31 -44.49
CA GLN D 537 -36.08 4.52 -45.93
C GLN D 537 -36.58 3.30 -46.70
N ASN D 538 -36.23 2.11 -46.22
CA ASN D 538 -36.66 0.91 -46.94
C ASN D 538 -38.18 0.77 -46.96
N GLU D 539 -38.88 1.28 -45.95
CA GLU D 539 -40.32 1.21 -45.91
C GLU D 539 -41.00 2.34 -46.68
N GLY D 540 -40.25 3.23 -47.30
CA GLY D 540 -40.83 4.31 -48.08
C GLY D 540 -40.86 5.66 -47.40
N HIS D 541 -40.12 5.85 -46.31
CA HIS D 541 -40.09 7.13 -45.61
C HIS D 541 -38.76 7.85 -45.76
N GLY D 542 -37.96 7.51 -46.78
CA GLY D 542 -36.68 8.15 -46.97
C GLY D 542 -36.76 9.64 -47.23
N GLU D 543 -37.96 10.15 -47.49
CA GLU D 543 -38.12 11.59 -47.70
C GLU D 543 -38.33 12.32 -46.38
N ALA D 544 -38.37 11.61 -45.26
CA ALA D 544 -38.57 12.25 -43.97
C ALA D 544 -37.37 13.12 -43.59
N LEU D 545 -37.65 14.21 -42.89
CA LEU D 545 -36.61 15.10 -42.39
C LEU D 545 -36.51 14.97 -40.88
N LEU D 546 -35.38 15.42 -40.36
CA LEU D 546 -35.16 15.42 -38.92
C LEU D 546 -35.97 16.51 -38.24
N ILE D 558 -34.12 11.51 -44.63
CA ILE D 558 -33.21 10.68 -43.85
C ILE D 558 -32.27 9.94 -44.76
N LYS D 559 -32.72 9.70 -46.00
CA LYS D 559 -31.86 9.04 -46.97
C LYS D 559 -30.67 9.90 -47.37
N ASN D 560 -30.76 11.22 -47.17
CA ASN D 560 -29.63 12.07 -47.53
C ASN D 560 -28.42 11.82 -46.64
N ILE D 561 -28.63 11.63 -45.34
CA ILE D 561 -27.54 11.36 -44.42
C ILE D 561 -27.08 9.91 -44.51
N LEU D 562 -27.99 9.00 -44.81
CA LEU D 562 -27.61 7.61 -45.02
C LEU D 562 -26.65 7.47 -46.20
N SER D 563 -26.81 8.32 -47.21
CA SER D 563 -25.92 8.27 -48.36
C SER D 563 -24.55 8.88 -48.07
N ASN D 564 -24.39 9.57 -46.95
CA ASN D 564 -23.16 10.32 -46.71
C ASN D 564 -22.01 9.38 -46.35
N LYS D 565 -20.96 9.42 -47.16
CA LYS D 565 -19.82 8.52 -46.95
C LYS D 565 -19.01 8.94 -45.73
N THR D 566 -18.80 10.24 -45.58
CA THR D 566 -18.02 10.73 -44.45
C THR D 566 -18.64 10.33 -43.13
N LEU D 567 -19.96 10.45 -43.03
CA LEU D 567 -20.65 10.06 -41.80
C LEU D 567 -20.42 8.59 -41.51
N ARG D 568 -20.55 7.74 -42.53
CA ARG D 568 -20.34 6.31 -42.32
C ARG D 568 -18.92 6.01 -41.89
N GLU D 569 -17.93 6.70 -42.47
CA GLU D 569 -16.55 6.42 -42.09
C GLU D 569 -16.26 6.90 -40.67
N HIS D 570 -16.82 8.04 -40.29
CA HIS D 570 -16.62 8.55 -38.95
C HIS D 570 -17.27 7.63 -37.92
N ASN D 571 -18.46 7.14 -38.23
CA ASN D 571 -19.13 6.22 -37.33
C ASN D 571 -18.45 4.86 -37.29
N SER D 572 -17.81 4.43 -38.37
CA SER D 572 -17.05 3.18 -38.31
C SER D 572 -15.90 3.29 -37.33
N PHE D 573 -15.16 4.40 -37.38
CA PHE D 573 -14.09 4.61 -36.41
C PHE D 573 -14.64 4.58 -34.99
N VAL D 574 -15.71 5.34 -34.75
CA VAL D 574 -16.30 5.39 -33.42
C VAL D 574 -16.87 4.02 -33.05
N GLU D 575 -17.51 3.35 -34.00
CA GLU D 575 -18.12 2.07 -33.71
C GLU D 575 -17.14 1.18 -32.96
N ARG D 576 -15.90 1.10 -33.44
CA ARG D 576 -14.94 0.26 -32.75
C ARG D 576 -14.49 0.88 -31.43
N CYS D 577 -14.47 2.23 -31.38
CA CYS D 577 -14.07 2.89 -30.14
C CYS D 577 -15.02 2.54 -29.00
N ILE D 578 -16.29 2.33 -29.32
CA ILE D 578 -17.27 1.98 -28.30
C ILE D 578 -17.26 0.49 -28.02
N ASP D 579 -17.18 -0.34 -29.06
CA ASP D 579 -17.16 -1.78 -28.84
C ASP D 579 -15.95 -2.18 -28.01
N TRP D 580 -14.85 -1.45 -28.17
CA TRP D 580 -13.69 -1.68 -27.31
C TRP D 580 -14.09 -1.69 -25.84
N ASN D 581 -14.88 -0.70 -25.44
CA ASN D 581 -15.34 -0.65 -24.05
C ASN D 581 -16.37 -1.71 -23.78
N ARG D 582 -17.22 -2.05 -24.77
CA ARG D 582 -18.16 -3.14 -24.56
C ARG D 582 -17.45 -4.38 -24.06
N GLU D 583 -16.32 -4.72 -24.66
CA GLU D 583 -15.61 -5.92 -24.23
C GLU D 583 -14.99 -5.72 -22.86
N LEU D 584 -14.45 -4.52 -22.60
CA LEU D 584 -13.84 -4.26 -21.29
C LEU D 584 -14.85 -4.41 -20.18
N LEU D 585 -16.06 -3.87 -20.39
CA LEU D 585 -17.08 -3.93 -19.36
C LEU D 585 -17.58 -5.34 -19.16
N LYS D 586 -17.73 -6.11 -20.25
CA LYS D 586 -18.13 -7.50 -20.08
C LYS D 586 -17.10 -8.26 -19.27
N ARG D 587 -15.83 -7.92 -19.41
CA ARG D 587 -14.79 -8.62 -18.67
C ARG D 587 -14.69 -8.13 -17.23
N GLU D 588 -14.73 -6.81 -17.04
CA GLU D 588 -14.55 -6.23 -15.71
C GLU D 588 -15.80 -6.31 -14.84
N LEU D 589 -16.98 -6.27 -15.45
CA LEU D 589 -18.23 -6.30 -14.70
C LEU D 589 -18.95 -7.63 -14.82
N GLY D 590 -18.52 -8.51 -15.72
CA GLY D 590 -19.17 -9.79 -15.89
C GLY D 590 -20.49 -9.73 -16.63
N LEU D 591 -20.69 -8.72 -17.47
CA LEU D 591 -21.97 -8.57 -18.15
C LEU D 591 -22.08 -9.51 -19.34
N ALA D 592 -23.32 -9.87 -19.66
CA ALA D 592 -23.63 -10.61 -20.88
C ALA D 592 -24.30 -9.66 -21.87
N GLU D 593 -24.34 -10.08 -23.14
CA GLU D 593 -24.97 -9.25 -24.16
C GLU D 593 -26.45 -9.04 -23.87
N SER D 594 -27.10 -10.01 -23.23
CA SER D 594 -28.51 -9.85 -22.91
C SER D 594 -28.74 -8.76 -21.88
N ASP D 595 -27.67 -8.28 -21.22
CA ASP D 595 -27.79 -7.22 -20.24
C ASP D 595 -27.43 -5.84 -20.80
N ILE D 596 -27.19 -5.72 -22.10
CA ILE D 596 -26.74 -4.47 -22.69
C ILE D 596 -27.75 -4.05 -23.75
N ILE D 597 -28.12 -2.77 -23.71
CA ILE D 597 -29.10 -2.21 -24.63
C ILE D 597 -28.40 -1.21 -25.52
N ASP D 598 -28.65 -1.32 -26.82
CA ASP D 598 -28.10 -0.42 -27.82
C ASP D 598 -29.02 0.78 -28.00
N ILE D 599 -28.51 1.96 -27.73
CA ILE D 599 -29.27 3.20 -27.82
C ILE D 599 -28.80 3.95 -29.06
N PRO D 600 -29.69 4.31 -29.98
CA PRO D 600 -29.25 4.98 -31.21
C PRO D 600 -28.48 6.25 -30.92
N GLN D 601 -27.42 6.48 -31.69
CA GLN D 601 -26.61 7.68 -31.54
C GLN D 601 -25.52 7.66 -32.61
N LEU D 602 -25.49 8.71 -33.41
CA LEU D 602 -24.49 8.88 -34.45
C LEU D 602 -23.47 9.89 -33.99
N PHE D 603 -22.26 9.76 -34.54
CA PHE D 603 -21.16 10.64 -34.17
C PHE D 603 -20.50 11.17 -35.42
N LYS D 604 -19.83 12.31 -35.26
CA LYS D 604 -19.01 12.90 -36.31
C LYS D 604 -17.68 13.29 -35.69
N LEU D 605 -16.66 13.44 -36.54
CA LEU D 605 -15.35 13.91 -36.11
C LEU D 605 -15.22 15.38 -36.47
N LYS D 606 -14.63 16.16 -35.58
CA LYS D 606 -14.43 17.58 -35.81
C LYS D 606 -12.94 17.89 -35.81
N GLU D 607 -12.58 19.05 -35.29
CA GLU D 607 -11.18 19.47 -35.27
C GLU D 607 -10.35 18.51 -34.43
N PHE D 608 -9.16 18.20 -34.92
CA PHE D 608 -8.29 17.21 -34.31
C PHE D 608 -8.90 15.82 -34.36
N SER D 609 -9.91 15.64 -35.20
CA SER D 609 -10.55 14.34 -35.44
C SER D 609 -11.08 13.71 -34.16
N LYS D 610 -11.66 14.50 -33.26
CA LYS D 610 -12.28 13.94 -32.08
C LYS D 610 -13.77 13.77 -32.29
N ALA D 611 -14.34 12.74 -31.65
CA ALA D 611 -15.73 12.40 -31.85
C ALA D 611 -16.64 13.41 -31.16
N GLU D 612 -17.73 13.75 -31.84
CA GLU D 612 -18.77 14.60 -31.27
C GLU D 612 -20.12 14.03 -31.66
N ALA D 613 -21.13 14.28 -30.84
CA ALA D 613 -22.47 13.75 -31.07
C ALA D 613 -23.07 14.37 -32.33
N PHE D 614 -23.64 13.52 -33.20
CA PHE D 614 -24.36 14.05 -34.36
C PHE D 614 -25.67 14.72 -33.95
N PHE D 615 -26.40 14.14 -33.01
CA PHE D 615 -27.64 14.72 -32.53
C PHE D 615 -27.73 14.54 -31.01
N PRO D 616 -28.64 15.27 -30.35
CA PRO D 616 -28.59 15.34 -28.89
C PRO D 616 -28.40 13.98 -28.24
N ASN D 617 -27.55 13.95 -27.21
CA ASN D 617 -27.15 12.69 -26.61
C ASN D 617 -28.34 11.99 -25.98
N MET D 618 -28.45 10.70 -26.26
CA MET D 618 -29.55 9.89 -25.76
C MET D 618 -29.22 9.22 -24.43
N VAL D 619 -28.00 9.34 -23.95
CA VAL D 619 -27.63 8.93 -22.61
C VAL D 619 -27.14 10.17 -21.90
N ASN D 620 -26.56 10.01 -20.71
CA ASN D 620 -26.29 11.13 -19.80
C ASN D 620 -27.60 11.80 -19.40
N MET D 621 -28.62 10.98 -19.14
CA MET D 621 -29.93 11.47 -18.78
C MET D 621 -30.06 11.61 -17.26
N LEU D 622 -31.13 12.25 -16.83
CA LEU D 622 -31.47 12.37 -15.42
C LEU D 622 -32.37 11.19 -15.04
N VAL D 623 -31.88 10.31 -14.18
CA VAL D 623 -32.58 9.09 -13.82
C VAL D 623 -33.01 9.19 -12.36
N LEU D 624 -34.32 9.13 -12.13
CA LEU D 624 -34.89 9.18 -10.79
C LEU D 624 -35.76 7.94 -10.64
N GLY D 625 -35.21 6.89 -10.04
CA GLY D 625 -35.98 5.67 -9.88
C GLY D 625 -36.37 5.10 -11.22
N LYS D 626 -37.67 4.88 -11.41
CA LYS D 626 -38.16 4.31 -12.66
C LYS D 626 -38.52 5.37 -13.69
N HIS D 627 -38.26 6.64 -13.42
CA HIS D 627 -38.62 7.73 -14.31
C HIS D 627 -37.37 8.31 -14.95
N LEU D 628 -37.32 8.29 -16.27
CA LEU D 628 -36.13 8.66 -17.03
C LEU D 628 -36.34 10.01 -17.69
N GLY D 629 -35.50 10.98 -17.35
CA GLY D 629 -35.53 12.28 -17.98
C GLY D 629 -34.61 12.29 -19.17
N ILE D 630 -35.07 11.73 -20.28
CA ILE D 630 -34.26 11.52 -21.47
C ILE D 630 -34.19 12.83 -22.22
N PRO D 631 -33.02 13.27 -22.68
CA PRO D 631 -32.98 14.45 -23.54
C PRO D 631 -33.81 14.23 -24.80
N LYS D 632 -34.52 15.25 -25.22
CA LYS D 632 -35.35 15.13 -26.40
C LYS D 632 -34.50 15.21 -27.66
N PRO D 633 -34.59 14.25 -28.58
CA PRO D 633 -33.90 14.40 -29.86
C PRO D 633 -34.64 15.39 -30.74
N PHE D 634 -33.89 16.09 -31.58
CA PHE D 634 -34.49 17.00 -32.54
C PHE D 634 -34.83 16.29 -33.83
N GLY D 635 -35.80 15.37 -33.77
CA GLY D 635 -36.32 14.73 -34.94
C GLY D 635 -37.83 14.66 -34.96
N PRO D 636 -38.54 15.63 -34.33
CA PRO D 636 -40.01 15.52 -34.30
C PRO D 636 -40.65 15.89 -35.63
N VAL D 637 -40.12 15.31 -36.70
CA VAL D 637 -40.66 15.55 -38.04
C VAL D 637 -40.92 14.21 -38.74
N ILE D 638 -40.36 13.12 -38.22
CA ILE D 638 -40.42 11.84 -38.92
C ILE D 638 -41.69 11.11 -38.55
N ASN D 639 -42.64 11.08 -39.49
CA ASN D 639 -43.90 10.36 -39.31
C ASN D 639 -44.62 10.79 -38.04
N GLY D 640 -44.58 12.07 -37.71
CA GLY D 640 -45.26 12.57 -36.54
C GLY D 640 -44.49 12.29 -35.27
N ARG D 641 -44.33 11.02 -34.93
CA ARG D 641 -43.60 10.64 -33.73
C ARG D 641 -42.14 10.37 -34.07
N CYS D 642 -41.23 11.13 -33.48
CA CYS D 642 -39.83 10.98 -33.80
C CYS D 642 -39.43 9.51 -33.69
N CYS D 643 -38.76 9.00 -34.74
CA CYS D 643 -38.38 7.60 -34.74
C CYS D 643 -37.37 7.30 -33.65
N LEU D 644 -36.55 8.27 -33.28
CA LEU D 644 -35.60 8.06 -32.20
C LEU D 644 -36.32 7.91 -30.88
N GLU D 645 -37.38 8.69 -30.67
CA GLU D 645 -38.12 8.61 -29.42
C GLU D 645 -38.85 7.29 -29.31
N GLU D 646 -39.45 6.82 -30.41
CA GLU D 646 -40.19 5.57 -30.38
C GLU D 646 -39.24 4.39 -30.19
N LYS D 647 -38.05 4.46 -30.79
CA LYS D 647 -37.11 3.37 -30.63
C LYS D 647 -36.61 3.29 -29.20
N VAL D 648 -36.27 4.43 -28.60
CA VAL D 648 -35.80 4.44 -27.23
C VAL D 648 -36.88 3.92 -26.30
N CYS D 649 -38.10 4.38 -26.51
CA CYS D 649 -39.21 3.94 -25.68
C CYS D 649 -39.44 2.43 -25.83
N SER D 650 -39.50 1.96 -27.07
CA SER D 650 -39.76 0.55 -27.31
C SER D 650 -38.73 -0.33 -26.63
N LEU D 651 -37.45 0.08 -26.66
CA LEU D 651 -36.42 -0.72 -26.01
C LEU D 651 -36.62 -0.77 -24.50
N LEU D 652 -37.08 0.32 -23.91
CA LEU D 652 -37.16 0.39 -22.45
C LEU D 652 -38.53 0.04 -21.88
N GLU D 653 -39.61 0.24 -22.64
CA GLU D 653 -40.94 -0.02 -22.10
C GLU D 653 -41.10 -1.42 -21.51
N PRO D 654 -40.55 -2.49 -22.09
CA PRO D 654 -40.72 -3.81 -21.47
C PRO D 654 -40.14 -3.90 -20.08
N LEU D 655 -39.29 -2.94 -19.68
CA LEU D 655 -38.68 -2.94 -18.36
C LEU D 655 -39.54 -2.25 -17.31
N GLY D 656 -40.62 -1.61 -17.71
CA GLY D 656 -41.45 -0.87 -16.78
C GLY D 656 -40.98 0.54 -16.52
N LEU D 657 -39.90 0.99 -17.16
CA LEU D 657 -39.39 2.32 -16.93
C LEU D 657 -40.22 3.36 -17.69
N GLN D 658 -40.41 4.52 -17.07
CA GLN D 658 -41.24 5.57 -17.62
C GLN D 658 -40.33 6.59 -18.30
N CYS D 659 -40.44 6.69 -19.62
CA CYS D 659 -39.57 7.55 -20.42
C CYS D 659 -40.30 8.83 -20.78
N THR D 660 -39.67 9.96 -20.45
CA THR D 660 -40.13 11.27 -20.88
C THR D 660 -38.96 12.01 -21.51
N PHE D 661 -39.24 12.83 -22.51
CA PHE D 661 -38.20 13.52 -23.25
C PHE D 661 -38.24 15.00 -22.93
N ILE D 662 -37.11 15.53 -22.48
CA ILE D 662 -37.00 16.91 -22.02
C ILE D 662 -36.17 17.68 -23.03
N ASN D 663 -36.67 18.85 -23.43
CA ASN D 663 -35.97 19.68 -24.40
C ASN D 663 -34.87 20.45 -23.68
N ASP D 664 -33.77 19.74 -23.42
CA ASP D 664 -32.67 20.32 -22.66
C ASP D 664 -32.10 21.53 -23.40
N GLY D 678 -25.88 21.71 -14.85
CA GLY D 678 -26.46 22.65 -13.95
C GLY D 678 -27.30 22.03 -12.85
N THR D 679 -27.14 20.74 -12.59
CA THR D 679 -27.93 19.98 -11.60
C THR D 679 -27.11 18.89 -10.92
N ASN D 680 -27.63 18.36 -9.82
CA ASN D 680 -27.07 17.19 -9.14
C ASN D 680 -28.16 16.36 -8.47
N VAL D 681 -27.85 15.13 -8.06
CA VAL D 681 -28.77 14.25 -7.35
C VAL D 681 -28.05 13.62 -6.17
N ARG D 682 -28.65 13.64 -4.99
CA ARG D 682 -28.22 12.85 -3.84
C ARG D 682 -29.06 11.58 -3.82
N ARG D 683 -28.46 10.43 -3.55
CA ARG D 683 -29.16 9.16 -3.61
C ARG D 683 -28.92 8.34 -2.36
N LYS D 684 -29.83 7.43 -2.10
CA LYS D 684 -29.80 6.62 -0.89
C LYS D 684 -28.51 5.82 -0.82
N PRO D 685 -27.84 5.76 0.34
CA PRO D 685 -26.66 4.91 0.46
C PRO D 685 -27.03 3.44 0.45
N PHE D 686 -26.01 2.60 0.29
CA PHE D 686 -26.23 1.15 0.23
C PHE D 686 -26.63 0.60 1.59
N SER D 687 -27.52 -0.39 1.55
CA SER D 687 -27.89 -1.10 2.77
C SER D 687 -26.79 -2.08 3.17
N PHE D 688 -25.94 -2.47 2.23
CA PHE D 688 -24.81 -3.33 2.55
C PHE D 688 -23.79 -2.56 3.40
N LYS D 689 -23.20 -3.25 4.36
CA LYS D 689 -22.18 -2.65 5.23
C LYS D 689 -20.80 -2.90 4.64
N TRP D 690 -20.12 -1.82 4.25
CA TRP D 690 -18.89 -1.98 3.48
C TRP D 690 -17.84 -2.77 4.24
N TRP D 691 -17.86 -2.71 5.57
CA TRP D 691 -16.83 -3.39 6.33
C TRP D 691 -17.04 -4.90 6.36
N ASN D 692 -18.12 -5.40 5.80
CA ASN D 692 -18.33 -6.85 5.78
C ASN D 692 -17.81 -7.51 4.51
N MET D 693 -17.22 -6.76 3.59
CA MET D 693 -16.64 -7.37 2.41
C MET D 693 -15.17 -7.73 2.66
N VAL D 694 -14.67 -8.67 1.86
CA VAL D 694 -13.28 -9.07 1.94
C VAL D 694 -12.40 -8.02 1.28
N ASP E 1 -33.26 43.05 19.41
CA ASP E 1 -34.05 41.84 19.29
C ASP E 1 -34.65 41.73 17.89
N ILE E 2 -35.03 40.51 17.51
CA ILE E 2 -35.56 40.24 16.18
C ILE E 2 -37.03 39.89 16.35
N GLN E 3 -37.92 40.81 16.00
CA GLN E 3 -39.34 40.66 16.25
C GLN E 3 -39.97 39.91 15.09
N MET E 4 -40.74 38.87 15.39
CA MET E 4 -41.54 38.21 14.38
C MET E 4 -42.92 38.88 14.31
N THR E 5 -43.38 39.10 13.08
CA THR E 5 -44.73 39.63 12.87
C THR E 5 -45.51 38.61 12.04
N GLN E 6 -46.58 38.10 12.62
CA GLN E 6 -47.43 37.15 11.92
C GLN E 6 -48.70 37.85 11.46
N SER E 7 -49.29 37.34 10.37
CA SER E 7 -50.55 37.86 9.87
C SER E 7 -51.26 36.78 9.06
N PRO E 8 -52.57 36.61 9.22
CA PRO E 8 -53.48 37.24 10.18
C PRO E 8 -53.36 36.64 11.58
N SER E 9 -54.03 37.21 12.58
CA SER E 9 -54.04 36.61 13.90
C SER E 9 -54.91 35.37 13.95
N SER E 10 -55.91 35.28 13.07
CA SER E 10 -56.78 34.10 13.02
C SER E 10 -57.31 33.94 11.61
N LEU E 11 -57.66 32.70 11.27
CA LEU E 11 -58.29 32.41 9.99
C LEU E 11 -59.65 31.79 10.22
N SER E 12 -60.48 31.87 9.18
CA SER E 12 -61.78 31.20 9.16
C SER E 12 -61.95 30.55 7.79
N ALA E 13 -62.01 29.22 7.79
CA ALA E 13 -62.09 28.45 6.56
C ALA E 13 -62.82 27.16 6.86
N SER E 14 -63.35 26.52 5.80
CA SER E 14 -64.04 25.25 5.97
C SER E 14 -63.12 24.12 5.52
N VAL E 15 -63.59 22.89 5.74
CA VAL E 15 -62.84 21.72 5.32
C VAL E 15 -62.79 21.67 3.81
N GLY E 16 -61.60 21.48 3.26
CA GLY E 16 -61.37 21.50 1.83
C GLY E 16 -60.87 22.82 1.30
N ASP E 17 -60.90 23.87 2.11
CA ASP E 17 -60.41 25.17 1.66
C ASP E 17 -58.89 25.24 1.71
N ARG E 18 -58.31 25.99 0.78
CA ARG E 18 -56.89 26.26 0.77
C ARG E 18 -56.59 27.55 1.53
N VAL E 19 -55.66 27.49 2.48
CA VAL E 19 -55.33 28.66 3.29
C VAL E 19 -53.82 28.85 3.36
N THR E 20 -53.43 30.10 3.59
CA THR E 20 -52.03 30.48 3.75
C THR E 20 -51.87 31.37 4.97
N ILE E 21 -50.72 31.25 5.63
CA ILE E 21 -50.34 32.12 6.73
C ILE E 21 -48.99 32.74 6.38
N THR E 22 -48.89 34.05 6.59
CA THR E 22 -47.66 34.75 6.24
C THR E 22 -47.03 35.34 7.49
N CYS E 23 -45.71 35.46 7.46
CA CYS E 23 -44.95 36.05 8.53
C CYS E 23 -43.88 36.95 7.95
N ARG E 24 -43.66 38.11 8.57
CA ARG E 24 -42.70 39.10 8.10
C ARG E 24 -41.51 39.12 9.05
N ALA E 25 -40.31 39.07 8.49
CA ALA E 25 -39.09 39.18 9.28
C ALA E 25 -38.71 40.64 9.48
N SER E 26 -38.01 40.91 10.58
CA SER E 26 -37.52 42.26 10.85
C SER E 26 -36.13 42.50 10.28
N GLN E 27 -35.49 41.46 9.74
CA GLN E 27 -34.14 41.60 9.19
C GLN E 27 -33.98 40.56 8.09
N SER E 28 -32.91 40.71 7.32
CA SER E 28 -32.65 39.80 6.20
C SER E 28 -32.13 38.46 6.70
N VAL E 29 -33.02 37.63 7.25
CA VAL E 29 -32.62 36.34 7.77
C VAL E 29 -32.49 35.34 6.62
N SER E 30 -31.41 34.57 6.63
CA SER E 30 -30.98 33.74 5.50
C SER E 30 -31.84 32.46 5.39
N SER E 31 -33.12 32.63 5.05
CA SER E 31 -34.16 31.58 4.95
C SER E 31 -34.40 30.76 6.24
N ALA E 32 -33.73 31.13 7.33
CA ALA E 32 -33.75 30.42 8.59
C ALA E 32 -35.02 30.70 9.39
N VAL E 33 -36.12 30.05 9.00
CA VAL E 33 -37.36 30.04 9.77
C VAL E 33 -38.01 28.65 9.76
N ALA E 34 -38.86 28.41 10.73
CA ALA E 34 -39.57 27.15 10.91
C ALA E 34 -41.01 27.40 11.36
N TRP E 35 -41.88 26.41 11.16
CA TRP E 35 -43.31 26.50 11.40
C TRP E 35 -43.75 25.38 12.33
N TYR E 36 -44.54 25.72 13.35
CA TYR E 36 -45.02 24.78 14.36
C TYR E 36 -46.53 24.80 14.44
N GLN E 37 -47.12 23.64 14.72
CA GLN E 37 -48.56 23.46 14.84
C GLN E 37 -48.88 22.96 16.24
N GLN E 38 -49.68 23.73 16.98
CA GLN E 38 -50.02 23.42 18.36
C GLN E 38 -51.47 22.96 18.45
N LYS E 39 -51.66 21.72 18.86
CA LYS E 39 -52.99 21.20 19.13
C LYS E 39 -53.43 21.70 20.50
N PRO E 40 -54.72 21.86 20.76
CA PRO E 40 -55.14 22.30 22.10
C PRO E 40 -54.65 21.43 23.26
N GLY E 41 -53.93 22.06 24.19
CA GLY E 41 -53.46 21.36 25.37
C GLY E 41 -52.26 20.48 25.14
N LYS E 42 -51.67 20.53 23.95
CA LYS E 42 -50.56 19.68 23.59
C LYS E 42 -49.34 20.54 23.31
N ALA E 43 -48.17 19.91 23.37
CA ALA E 43 -46.96 20.61 23.00
C ALA E 43 -46.96 20.93 21.51
N PRO E 44 -46.26 21.99 21.09
CA PRO E 44 -46.18 22.28 19.66
C PRO E 44 -45.53 21.15 18.90
N LYS E 45 -45.96 20.98 17.65
CA LYS E 45 -45.39 20.01 16.74
C LYS E 45 -44.67 20.76 15.63
N LEU E 46 -43.59 20.18 15.11
CA LEU E 46 -42.80 20.76 14.04
C LEU E 46 -43.35 20.29 12.68
N LEU E 47 -43.58 21.24 11.77
CA LEU E 47 -43.96 20.96 10.39
C LEU E 47 -42.85 21.27 9.41
N ILE E 48 -42.28 22.47 9.42
CA ILE E 48 -41.29 22.90 8.42
C ILE E 48 -40.08 23.44 9.16
N TYR E 49 -38.87 22.97 8.84
CA TYR E 49 -37.69 23.22 9.67
C TYR E 49 -36.68 24.22 9.06
N SER E 50 -36.79 24.49 7.78
CA SER E 50 -36.19 25.66 7.12
C SER E 50 -37.15 26.08 6.02
N ALA E 51 -37.10 27.31 5.51
CA ALA E 51 -38.06 27.71 4.49
C ALA E 51 -38.05 26.72 3.31
N SER E 52 -39.22 26.17 3.02
CA SER E 52 -39.50 25.02 2.13
C SER E 52 -39.04 23.62 2.56
N SER E 53 -38.23 23.45 3.61
CA SER E 53 -37.81 22.14 4.10
C SER E 53 -38.87 21.49 4.99
N LEU E 54 -39.73 20.68 4.38
CA LEU E 54 -40.77 19.95 5.09
C LEU E 54 -40.16 18.89 6.03
N TYR E 55 -40.59 18.86 7.29
CA TYR E 55 -40.14 17.87 8.25
C TYR E 55 -40.64 16.50 7.86
N SER E 56 -39.79 15.51 8.04
CA SER E 56 -40.13 14.13 7.73
C SER E 56 -41.35 13.68 8.52
N GLY E 57 -42.24 12.97 7.86
CA GLY E 57 -43.45 12.47 8.48
C GLY E 57 -44.65 13.38 8.35
N VAL E 58 -44.46 14.61 7.89
CA VAL E 58 -45.59 15.54 7.74
C VAL E 58 -46.30 15.26 6.42
N PRO E 59 -47.63 15.20 6.39
CA PRO E 59 -48.31 14.98 5.11
C PRO E 59 -47.97 16.05 4.10
N SER E 60 -48.02 15.67 2.81
CA SER E 60 -47.72 16.59 1.73
C SER E 60 -48.68 17.78 1.66
N ARG E 61 -49.76 17.77 2.44
CA ARG E 61 -50.68 18.90 2.42
C ARG E 61 -49.99 20.18 2.87
N PHE E 62 -48.91 20.08 3.63
CA PHE E 62 -48.25 21.23 4.20
C PHE E 62 -47.03 21.59 3.37
N SER E 63 -46.90 22.88 3.07
CA SER E 63 -45.73 23.38 2.37
C SER E 63 -45.59 24.86 2.69
N GLY E 64 -44.46 25.42 2.28
CA GLY E 64 -44.23 26.83 2.50
C GLY E 64 -43.01 27.28 1.75
N SER E 65 -42.79 28.59 1.76
CA SER E 65 -41.67 29.13 1.00
C SER E 65 -41.33 30.52 1.49
N ARG E 66 -40.16 30.99 1.09
CA ARG E 66 -39.74 32.39 1.27
C ARG E 66 -40.27 33.22 0.12
N SER E 67 -40.50 34.50 0.40
CA SER E 67 -40.83 35.50 -0.60
C SER E 67 -40.20 36.81 -0.11
N GLY E 68 -38.91 36.98 -0.43
CA GLY E 68 -38.18 38.12 0.05
C GLY E 68 -38.08 38.10 1.56
N THR E 69 -38.58 39.14 2.21
CA THR E 69 -38.54 39.21 3.67
C THR E 69 -39.71 38.49 4.33
N ASP E 70 -40.72 38.04 3.56
CA ASP E 70 -41.87 37.35 4.13
C ASP E 70 -41.76 35.85 3.89
N PHE E 71 -42.40 35.09 4.77
CA PHE E 71 -42.47 33.64 4.66
C PHE E 71 -43.93 33.21 4.73
N THR E 72 -44.26 32.16 3.98
CA THR E 72 -45.63 31.70 3.89
C THR E 72 -45.73 30.21 4.19
N LEU E 73 -46.75 29.85 4.95
CA LEU E 73 -47.16 28.48 5.17
C LEU E 73 -48.46 28.23 4.42
N THR E 74 -48.49 27.17 3.64
CA THR E 74 -49.65 26.83 2.83
C THR E 74 -50.17 25.44 3.18
N ILE E 75 -51.48 25.32 3.27
CA ILE E 75 -52.15 24.03 3.38
C ILE E 75 -53.03 23.89 2.15
N SER E 76 -52.72 22.90 1.32
CA SER E 76 -53.38 22.78 0.02
C SER E 76 -54.88 22.58 0.18
N SER E 77 -55.30 21.94 1.27
CA SER E 77 -56.73 21.74 1.52
C SER E 77 -56.88 21.33 2.98
N LEU E 78 -57.58 22.16 3.76
CA LEU E 78 -57.75 21.89 5.17
C LEU E 78 -58.54 20.60 5.38
N GLN E 79 -58.03 19.73 6.23
CA GLN E 79 -58.73 18.54 6.70
C GLN E 79 -59.29 18.77 8.10
N PRO E 80 -60.25 17.95 8.53
CA PRO E 80 -60.82 18.14 9.87
C PRO E 80 -59.78 18.18 10.99
N GLU E 81 -58.62 17.56 10.79
CA GLU E 81 -57.58 17.53 11.82
C GLU E 81 -56.55 18.63 11.65
N ASP E 82 -56.68 19.50 10.66
CA ASP E 82 -55.67 20.51 10.41
C ASP E 82 -55.95 21.83 11.12
N PHE E 83 -56.98 21.91 11.95
CA PHE E 83 -57.32 23.17 12.59
C PHE E 83 -56.60 23.27 13.94
N ALA E 84 -55.67 24.20 14.04
CA ALA E 84 -54.78 24.33 15.19
C ALA E 84 -54.21 25.74 15.16
N THR E 85 -53.44 26.10 16.19
CA THR E 85 -52.75 27.38 16.22
C THR E 85 -51.34 27.20 15.69
N TYR E 86 -50.94 28.01 14.71
CA TYR E 86 -49.63 27.86 14.10
C TYR E 86 -48.69 28.96 14.56
N TYR E 87 -47.42 28.59 14.75
CA TYR E 87 -46.38 29.50 15.17
C TYR E 87 -45.24 29.51 14.15
N CYS E 88 -44.58 30.66 14.05
CA CYS E 88 -43.42 30.81 13.19
C CYS E 88 -42.19 31.17 14.01
N GLN E 89 -41.08 30.46 13.82
CA GLN E 89 -39.85 30.65 14.59
C GLN E 89 -38.77 31.19 13.68
N GLN E 90 -37.96 32.11 14.19
CA GLN E 90 -36.81 32.67 13.51
C GLN E 90 -35.58 32.46 14.39
N SER E 91 -35.00 31.27 14.35
CA SER E 91 -33.80 30.86 15.10
C SER E 91 -32.49 31.44 14.53
N SER E 92 -32.49 32.73 14.14
CA SER E 92 -31.40 33.32 13.36
C SER E 92 -30.23 33.76 14.22
N SER E 93 -30.33 33.79 15.55
CA SER E 93 -29.27 34.27 16.43
C SER E 93 -29.19 33.43 17.71
N SER E 94 -28.27 33.79 18.62
CA SER E 94 -28.26 33.24 19.98
C SER E 94 -29.55 33.51 20.76
N LEU E 95 -30.36 34.51 20.36
CA LEU E 95 -31.64 34.82 20.98
C LEU E 95 -32.74 34.36 20.04
N VAL E 96 -33.43 33.29 20.42
CA VAL E 96 -34.56 32.73 19.66
C VAL E 96 -35.81 33.54 19.97
N THR E 97 -36.62 33.82 18.96
CA THR E 97 -37.90 34.49 19.15
C THR E 97 -38.96 33.75 18.35
N PHE E 98 -40.21 33.79 18.79
CA PHE E 98 -41.34 33.23 18.05
C PHE E 98 -42.31 34.35 17.70
N GLY E 99 -43.18 34.08 16.73
CA GLY E 99 -44.26 34.96 16.41
C GLY E 99 -45.41 34.87 17.40
N GLN E 100 -46.51 35.55 17.06
CA GLN E 100 -47.64 35.61 17.96
C GLN E 100 -48.48 34.34 17.94
N GLY E 101 -48.48 33.60 16.85
CA GLY E 101 -49.36 32.46 16.72
C GLY E 101 -50.62 32.79 15.96
N THR E 102 -50.96 31.99 14.96
CA THR E 102 -52.15 32.21 14.14
C THR E 102 -53.08 31.01 14.27
N LYS E 103 -54.31 31.28 14.69
CA LYS E 103 -55.29 30.23 14.89
C LYS E 103 -56.19 30.09 13.67
N VAL E 104 -56.35 28.86 13.20
CA VAL E 104 -57.21 28.55 12.06
C VAL E 104 -58.49 27.93 12.60
N GLU E 105 -59.60 28.63 12.40
CA GLU E 105 -60.91 28.19 12.85
C GLU E 105 -61.69 27.59 11.69
N ILE E 106 -62.65 26.74 12.02
CA ILE E 106 -63.49 26.11 11.00
C ILE E 106 -64.49 27.12 10.46
N GLU F 1 -39.75 4.49 22.93
CA GLU F 1 -38.79 4.72 23.99
C GLU F 1 -38.07 6.05 23.83
N VAL F 2 -38.20 6.70 22.68
CA VAL F 2 -37.48 7.94 22.42
C VAL F 2 -38.42 9.09 22.75
N GLN F 3 -38.13 9.78 23.86
CA GLN F 3 -39.00 10.85 24.34
C GLN F 3 -38.26 11.64 25.40
N LEU F 4 -38.73 12.86 25.65
CA LEU F 4 -38.30 13.72 26.75
C LEU F 4 -39.43 13.81 27.78
N VAL F 5 -39.08 13.75 29.07
CA VAL F 5 -40.02 13.93 30.16
C VAL F 5 -39.48 15.03 31.06
N GLU F 6 -40.38 15.85 31.60
CA GLU F 6 -40.01 16.97 32.44
C GLU F 6 -40.71 16.85 33.79
N SER F 7 -40.11 17.45 34.81
CA SER F 7 -40.70 17.46 36.13
C SER F 7 -40.14 18.62 36.94
N GLY F 8 -40.61 18.75 38.18
CA GLY F 8 -40.14 19.78 39.08
C GLY F 8 -41.07 20.96 39.22
N GLY F 9 -42.27 20.91 38.64
CA GLY F 9 -43.18 22.03 38.75
C GLY F 9 -43.99 21.99 40.02
N GLY F 10 -44.97 22.87 40.07
CA GLY F 10 -45.82 22.99 41.26
C GLY F 10 -46.07 24.47 41.56
N LEU F 11 -46.59 24.71 42.77
CA LEU F 11 -46.93 26.05 43.21
C LEU F 11 -45.82 26.57 44.09
N VAL F 12 -45.34 27.78 43.79
CA VAL F 12 -44.32 28.43 44.59
C VAL F 12 -44.80 29.83 44.94
N GLN F 13 -44.38 30.31 46.11
CA GLN F 13 -44.73 31.65 46.53
C GLN F 13 -43.83 32.66 45.83
N PRO F 14 -44.31 33.88 45.60
CA PRO F 14 -43.47 34.90 44.95
C PRO F 14 -42.16 35.07 45.70
N GLY F 15 -41.08 35.17 44.94
CA GLY F 15 -39.75 35.29 45.51
C GLY F 15 -39.05 33.97 45.75
N GLY F 16 -39.74 32.85 45.61
CA GLY F 16 -39.12 31.55 45.82
C GLY F 16 -38.42 31.04 44.58
N SER F 17 -38.12 29.74 44.57
CA SER F 17 -37.38 29.12 43.48
C SER F 17 -37.91 27.73 43.21
N LEU F 18 -37.70 27.28 41.98
CA LEU F 18 -38.05 25.94 41.54
C LEU F 18 -36.92 25.39 40.70
N ARG F 19 -36.71 24.08 40.75
CA ARG F 19 -35.69 23.36 39.99
C ARG F 19 -36.36 22.41 39.02
N LEU F 20 -36.42 22.78 37.76
CA LEU F 20 -37.04 21.94 36.75
C LEU F 20 -35.98 21.03 36.12
N SER F 21 -36.42 19.85 35.68
CA SER F 21 -35.52 18.91 35.02
C SER F 21 -36.18 18.31 33.79
N CYS F 22 -35.35 17.89 32.83
CA CYS F 22 -35.78 17.18 31.64
C CYS F 22 -34.87 15.98 31.44
N ALA F 23 -35.44 14.78 31.52
CA ALA F 23 -34.67 13.55 31.38
C ALA F 23 -34.95 12.94 30.02
N ALA F 24 -33.89 12.44 29.38
CA ALA F 24 -34.01 11.80 28.08
C ALA F 24 -34.24 10.31 28.23
N SER F 25 -35.06 9.75 27.33
CA SER F 25 -35.23 8.31 27.27
C SER F 25 -34.94 7.85 25.85
N GLY F 26 -34.07 6.84 25.73
CA GLY F 26 -33.70 6.34 24.43
C GLY F 26 -32.85 7.30 23.62
N PHE F 27 -32.14 8.20 24.28
CA PHE F 27 -31.40 9.26 23.60
C PHE F 27 -30.12 9.52 24.38
N ASN F 28 -29.01 9.61 23.67
CA ASN F 28 -27.68 9.72 24.29
C ASN F 28 -27.37 11.12 24.82
N PHE F 29 -28.30 12.06 24.70
CA PHE F 29 -28.12 13.41 25.23
C PHE F 29 -26.94 14.15 24.63
N TYR F 30 -26.62 13.90 23.36
CA TYR F 30 -25.54 14.62 22.71
C TYR F 30 -25.96 15.96 22.13
N TYR F 31 -27.26 16.20 21.96
CA TYR F 31 -27.74 17.36 21.25
C TYR F 31 -28.02 18.51 22.20
N SER F 32 -27.96 19.73 21.68
CA SER F 32 -28.25 20.89 22.49
C SER F 32 -29.69 20.82 22.98
N ILE F 33 -29.93 21.31 24.20
CA ILE F 33 -31.24 21.25 24.83
C ILE F 33 -31.76 22.66 25.04
N HIS F 34 -33.03 22.87 24.74
CA HIS F 34 -33.72 24.15 24.81
C HIS F 34 -34.94 24.09 25.73
N TRP F 35 -35.19 25.19 26.44
CA TRP F 35 -36.40 25.35 27.24
C TRP F 35 -37.23 26.47 26.66
N VAL F 36 -38.53 26.25 26.51
CA VAL F 36 -39.49 27.21 25.94
C VAL F 36 -40.74 27.20 26.80
N ARG F 37 -41.22 28.36 27.22
CA ARG F 37 -42.37 28.51 28.11
C ARG F 37 -43.49 29.24 27.40
N GLN F 38 -44.72 28.90 27.79
CA GLN F 38 -45.93 29.49 27.22
C GLN F 38 -46.87 29.84 28.38
N ALA F 39 -46.98 31.13 28.68
CA ALA F 39 -47.92 31.56 29.69
C ALA F 39 -49.35 31.41 29.14
N PRO F 40 -50.33 31.12 29.99
CA PRO F 40 -51.71 31.02 29.49
C PRO F 40 -52.11 32.29 28.74
N GLY F 41 -52.69 32.11 27.56
CA GLY F 41 -53.11 33.23 26.76
C GLY F 41 -52.02 33.85 25.92
N LYS F 42 -50.80 33.35 26.00
CA LYS F 42 -49.67 33.90 25.26
C LYS F 42 -49.11 32.83 24.31
N GLY F 43 -48.19 33.26 23.45
CA GLY F 43 -47.54 32.33 22.56
C GLY F 43 -46.28 31.74 23.18
N LEU F 44 -45.44 31.19 22.31
CA LEU F 44 -44.23 30.52 22.78
C LEU F 44 -43.13 31.54 23.01
N GLU F 45 -42.44 31.41 24.14
CA GLU F 45 -41.28 32.24 24.46
C GLU F 45 -40.09 31.35 24.79
N TRP F 46 -39.04 31.39 23.97
CA TRP F 46 -37.85 30.61 24.28
C TRP F 46 -37.16 31.20 25.51
N VAL F 47 -36.66 30.33 26.37
CA VAL F 47 -36.13 30.68 27.68
C VAL F 47 -34.61 30.57 27.66
N ALA F 48 -34.09 29.38 27.37
CA ALA F 48 -32.66 29.16 27.52
C ALA F 48 -32.23 27.94 26.74
N SER F 49 -30.92 27.84 26.54
CA SER F 49 -30.29 26.72 25.86
C SER F 49 -28.98 26.36 26.52
N ILE F 50 -28.61 25.08 26.38
CA ILE F 50 -27.32 24.54 26.81
C ILE F 50 -26.76 23.60 25.75
N SER F 51 -25.47 23.68 25.51
CA SER F 51 -24.71 22.63 24.84
C SER F 51 -24.00 21.78 25.90
N PRO F 52 -24.46 20.56 26.23
CA PRO F 52 -23.99 19.84 27.41
C PRO F 52 -22.46 19.66 27.48
N TYR F 53 -21.86 19.11 26.43
CA TYR F 53 -20.44 18.81 26.37
C TYR F 53 -19.55 19.99 25.97
N SER F 54 -20.07 21.22 25.95
CA SER F 54 -19.22 22.42 25.84
C SER F 54 -19.56 23.51 26.83
N GLY F 55 -20.66 23.38 27.56
CA GLY F 55 -21.05 24.35 28.60
C GLY F 55 -21.44 25.73 28.08
N TYR F 56 -21.51 25.92 26.77
CA TYR F 56 -22.12 27.14 26.24
C TYR F 56 -23.60 27.17 26.60
N THR F 57 -24.06 28.29 27.11
CA THR F 57 -25.47 28.50 27.46
C THR F 57 -25.93 29.85 26.98
N SER F 58 -27.23 29.98 26.81
CA SER F 58 -27.85 31.22 26.39
C SER F 58 -29.19 31.38 27.11
N TYR F 59 -29.51 32.63 27.42
CA TYR F 59 -30.74 32.95 28.13
C TYR F 59 -31.49 34.03 27.36
N ALA F 60 -32.81 34.00 27.47
CA ALA F 60 -33.61 35.11 26.99
C ALA F 60 -33.40 36.33 27.88
N ASP F 61 -33.51 37.52 27.29
CA ASP F 61 -33.28 38.74 28.04
C ASP F 61 -34.21 38.87 29.24
N SER F 62 -35.40 38.28 29.18
CA SER F 62 -36.36 38.45 30.26
C SER F 62 -36.00 37.64 31.49
N VAL F 63 -35.06 36.69 31.37
CA VAL F 63 -34.70 35.82 32.47
C VAL F 63 -33.22 35.88 32.81
N LYS F 64 -32.47 36.80 32.23
CA LYS F 64 -31.05 36.88 32.54
C LYS F 64 -30.84 37.31 33.98
N GLY F 65 -30.02 36.56 34.70
CA GLY F 65 -29.74 36.86 36.09
C GLY F 65 -30.67 36.14 37.06
N ARG F 66 -31.76 35.57 36.53
CA ARG F 66 -32.71 34.88 37.40
C ARG F 66 -32.69 33.38 37.17
N PHE F 67 -32.54 32.95 35.92
CA PHE F 67 -32.52 31.54 35.58
C PHE F 67 -31.08 31.07 35.37
N THR F 68 -30.82 29.82 35.73
CA THR F 68 -29.56 29.12 35.41
C THR F 68 -29.89 27.77 34.78
N ILE F 69 -29.32 27.46 33.62
CA ILE F 69 -29.49 26.17 32.95
C ILE F 69 -28.22 25.33 33.11
N SER F 70 -28.40 24.04 33.36
CA SER F 70 -27.33 23.11 33.69
C SER F 70 -27.73 21.70 33.27
N ALA F 71 -26.81 20.75 33.24
CA ALA F 71 -27.14 19.37 32.88
C ALA F 71 -26.17 18.35 33.44
N ASP F 72 -26.65 17.16 33.72
CA ASP F 72 -25.84 16.01 34.07
C ASP F 72 -25.78 15.04 32.89
N THR F 73 -24.68 15.10 32.15
CA THR F 73 -24.42 14.23 31.01
C THR F 73 -24.30 12.76 31.40
N SER F 74 -24.04 12.44 32.67
CA SER F 74 -24.05 11.06 33.14
C SER F 74 -25.46 10.52 33.36
N LYS F 75 -26.48 11.39 33.46
CA LYS F 75 -27.87 11.01 33.66
C LYS F 75 -28.76 11.41 32.50
N ASN F 76 -28.18 11.93 31.42
CA ASN F 76 -28.96 12.38 30.27
C ASN F 76 -30.10 13.30 30.71
N THR F 77 -29.81 14.17 31.68
CA THR F 77 -30.85 15.02 32.23
C THR F 77 -30.39 16.46 32.29
N ALA F 78 -31.26 17.36 31.84
CA ALA F 78 -31.01 18.79 31.89
C ALA F 78 -31.80 19.39 33.05
N TYR F 79 -31.33 20.51 33.57
CA TYR F 79 -31.87 21.19 34.73
C TYR F 79 -32.00 22.68 34.45
N LEU F 80 -33.09 23.28 34.89
CA LEU F 80 -33.31 24.72 34.82
C LEU F 80 -33.62 25.21 36.23
N GLN F 81 -32.69 25.98 36.79
CA GLN F 81 -32.88 26.47 38.14
C GLN F 81 -33.43 27.88 38.09
N MET F 82 -34.65 28.06 38.59
CA MET F 82 -35.35 29.33 38.49
C MET F 82 -35.40 29.93 39.88
N ASN F 83 -34.73 31.06 40.08
CA ASN F 83 -34.70 31.74 41.36
C ASN F 83 -35.47 33.04 41.27
N SER F 84 -35.90 33.54 42.44
CA SER F 84 -36.61 34.81 42.52
C SER F 84 -37.78 34.84 41.53
N LEU F 85 -38.56 33.75 41.52
CA LEU F 85 -39.67 33.64 40.60
C LEU F 85 -40.73 34.70 40.88
N ARG F 86 -41.24 35.31 39.82
CA ARG F 86 -42.27 36.34 39.91
C ARG F 86 -43.57 35.84 39.28
N ALA F 87 -44.65 36.56 39.60
CA ALA F 87 -45.95 36.19 39.06
C ALA F 87 -45.93 36.18 37.53
N GLU F 88 -45.13 37.07 36.93
CA GLU F 88 -45.04 37.12 35.49
C GLU F 88 -44.42 35.86 34.91
N ASP F 89 -43.77 35.05 35.75
CA ASP F 89 -43.13 33.84 35.26
C ASP F 89 -44.09 32.65 35.22
N THR F 90 -45.34 32.84 35.60
CA THR F 90 -46.30 31.75 35.53
C THR F 90 -46.47 31.31 34.10
N ALA F 91 -46.25 30.02 33.83
CA ALA F 91 -46.31 29.54 32.46
C ALA F 91 -46.19 28.02 32.48
N VAL F 92 -46.47 27.42 31.34
CA VAL F 92 -46.15 26.01 31.13
C VAL F 92 -44.81 25.91 30.42
N TYR F 93 -43.87 25.21 31.03
CA TYR F 93 -42.48 25.16 30.57
C TYR F 93 -42.24 23.85 29.83
N TYR F 94 -41.78 23.96 28.59
CA TYR F 94 -41.49 22.82 27.74
C TYR F 94 -39.98 22.72 27.53
N CYS F 95 -39.54 21.51 27.21
CA CYS F 95 -38.15 21.26 26.84
C CYS F 95 -38.11 20.51 25.52
N ALA F 96 -37.13 20.82 24.67
CA ALA F 96 -36.93 20.19 23.37
C ALA F 96 -35.45 20.12 22.99
N ARG F 97 -35.06 19.09 22.21
CA ARG F 97 -33.74 19.05 21.57
C ARG F 97 -33.70 20.00 20.37
N LYS F 98 -32.52 20.51 20.04
CA LYS F 98 -32.29 21.12 18.72
C LYS F 98 -32.48 20.09 17.62
N HIS F 99 -32.89 20.54 16.43
CA HIS F 99 -32.90 19.77 15.20
C HIS F 99 -32.18 20.57 14.10
N PRO F 100 -31.24 19.98 13.37
CA PRO F 100 -30.39 20.71 12.44
C PRO F 100 -31.16 21.18 11.20
N GLY F 101 -30.65 22.22 10.55
CA GLY F 101 -31.11 22.64 9.22
C GLY F 101 -30.62 21.72 8.10
N SER F 102 -30.74 22.18 6.85
CA SER F 102 -30.26 21.45 5.67
C SER F 102 -29.96 22.41 4.50
N TYR F 103 -29.27 21.93 3.47
CA TYR F 103 -28.87 22.73 2.31
C TYR F 103 -30.06 23.44 1.66
N PRO F 104 -29.92 24.68 1.16
CA PRO F 104 -28.73 25.53 1.18
C PRO F 104 -28.59 26.42 2.40
N PHE F 105 -29.66 26.58 3.20
CA PHE F 105 -29.69 27.49 4.34
C PHE F 105 -29.97 26.76 5.65
N TRP F 106 -28.99 26.80 6.53
CA TRP F 106 -28.82 25.83 7.60
C TRP F 106 -29.57 26.12 8.91
N GLY F 107 -30.48 27.09 8.93
CA GLY F 107 -31.29 27.42 10.12
C GLY F 107 -32.00 26.20 10.73
N TRP F 108 -32.12 26.20 12.06
CA TRP F 108 -32.39 25.01 12.87
C TRP F 108 -33.70 25.13 13.64
N ALA F 109 -34.31 23.99 13.93
CA ALA F 109 -35.61 23.89 14.61
C ALA F 109 -35.47 23.21 15.97
N LEU F 110 -36.60 22.93 16.62
CA LEU F 110 -36.70 22.21 17.88
C LEU F 110 -37.60 21.00 17.69
N ASP F 111 -37.26 19.87 18.28
CA ASP F 111 -37.94 18.60 18.02
C ASP F 111 -38.03 17.73 19.28
N TYR F 112 -38.87 16.70 19.24
CA TYR F 112 -39.21 15.83 20.37
C TYR F 112 -39.64 16.66 21.60
N TRP F 113 -40.49 17.67 21.39
CA TRP F 113 -41.01 18.49 22.48
C TRP F 113 -41.68 17.61 23.52
N GLY F 114 -41.34 17.84 24.79
CA GLY F 114 -41.88 17.08 25.89
C GLY F 114 -43.27 17.56 26.31
N GLN F 115 -43.73 17.04 27.44
CA GLN F 115 -45.05 17.38 27.94
C GLN F 115 -45.09 18.74 28.62
N GLY F 116 -43.98 19.20 29.16
CA GLY F 116 -43.93 20.48 29.82
C GLY F 116 -44.36 20.38 31.27
N THR F 117 -44.04 21.42 32.03
CA THR F 117 -44.45 21.46 33.43
C THR F 117 -45.24 22.74 33.68
N LEU F 118 -46.09 22.68 34.70
CA LEU F 118 -46.89 23.82 35.11
C LEU F 118 -46.21 24.55 36.26
N VAL F 119 -45.85 25.81 36.04
CA VAL F 119 -45.16 26.64 37.02
C VAL F 119 -46.12 27.76 37.41
N THR F 120 -46.55 27.75 38.67
CA THR F 120 -47.44 28.76 39.22
C THR F 120 -46.74 29.46 40.37
N VAL F 121 -46.68 30.78 40.32
CA VAL F 121 -45.99 31.55 41.34
C VAL F 121 -47.02 32.24 42.20
CA CA G . 24.70 -3.85 -14.15
CA CA H . 26.02 -7.25 -13.17
CA CA I . 22.60 0.90 -18.27
CA CA J . -18.77 17.60 12.77
CA CA K . -22.19 16.11 12.29
CA CA L . -13.60 19.98 16.17
#